data_1D3R
# 
_entry.id   1D3R 
# 
_audit_conform.dict_name       mmcif_pdbx.dic 
_audit_conform.dict_version    5.385 
_audit_conform.dict_location   http://mmcif.pdb.org/dictionaries/ascii/mmcif_pdbx.dic 
# 
loop_
_database_2.database_id 
_database_2.database_code 
_database_2.pdbx_database_accession 
_database_2.pdbx_DOI 
PDB   1D3R         pdb_00001d3r 10.2210/pdb1d3r/pdb 
NDB   BD0017       ?            ?                   
RCSB  RCSB009766   ?            ?                   
WWPDB D_1000009766 ?            ?                   
# 
loop_
_pdbx_audit_revision_history.ordinal 
_pdbx_audit_revision_history.data_content_type 
_pdbx_audit_revision_history.major_revision 
_pdbx_audit_revision_history.minor_revision 
_pdbx_audit_revision_history.revision_date 
1 'Structure model' 1 0 2000-01-01 
2 'Structure model' 1 1 2008-04-27 
3 'Structure model' 1 2 2011-07-13 
4 'Structure model' 1 3 2017-10-04 
5 'Structure model' 1 4 2024-02-07 
# 
_pdbx_audit_revision_details.ordinal             1 
_pdbx_audit_revision_details.revision_ordinal    1 
_pdbx_audit_revision_details.data_content_type   'Structure model' 
_pdbx_audit_revision_details.provider            repository 
_pdbx_audit_revision_details.type                'Initial release' 
_pdbx_audit_revision_details.description         ? 
_pdbx_audit_revision_details.details             ? 
# 
loop_
_pdbx_audit_revision_group.ordinal 
_pdbx_audit_revision_group.revision_ordinal 
_pdbx_audit_revision_group.data_content_type 
_pdbx_audit_revision_group.group 
1 2 'Structure model' 'Version format compliance' 
2 3 'Structure model' 'Version format compliance' 
3 4 'Structure model' 'Refinement description'    
4 5 'Structure model' 'Data collection'           
5 5 'Structure model' 'Database references'       
6 5 'Structure model' 'Derived calculations'      
# 
loop_
_pdbx_audit_revision_category.ordinal 
_pdbx_audit_revision_category.revision_ordinal 
_pdbx_audit_revision_category.data_content_type 
_pdbx_audit_revision_category.category 
1 4 'Structure model' software       
2 5 'Structure model' chem_comp_atom 
3 5 'Structure model' chem_comp_bond 
4 5 'Structure model' database_2     
5 5 'Structure model' struct_conn    
# 
loop_
_pdbx_audit_revision_item.ordinal 
_pdbx_audit_revision_item.revision_ordinal 
_pdbx_audit_revision_item.data_content_type 
_pdbx_audit_revision_item.item 
1 5 'Structure model' '_database_2.pdbx_DOI'                
2 5 'Structure model' '_database_2.pdbx_database_accession' 
3 5 'Structure model' '_struct_conn.pdbx_leaving_atom_flag' 
# 
_pdbx_database_status.status_code                     REL 
_pdbx_database_status.entry_id                        1D3R 
_pdbx_database_status.recvd_initial_deposition_date   1999-09-30 
_pdbx_database_status.deposit_site                    RCSB 
_pdbx_database_status.process_site                    RCSB 
_pdbx_database_status.SG_entry                        . 
_pdbx_database_status.pdb_format_compatible           Y 
_pdbx_database_status.status_code_mr                  ? 
_pdbx_database_status.status_code_sf                  ? 
_pdbx_database_status.status_code_cs                  ? 
_pdbx_database_status.methods_development_category    ? 
_pdbx_database_status.status_code_nmr_data            ? 
# 
loop_
_audit_author.name 
_audit_author.pdbx_ordinal 
'Rhee, S.'         1 
'Han, Z.-J.'       2 
'Liu, K.'          3 
'Todd Miles, H.T.' 4 
'Davies, D.R.'     5 
# 
loop_
_citation.id 
_citation.title 
_citation.journal_abbrev 
_citation.journal_volume 
_citation.page_first 
_citation.page_last 
_citation.year 
_citation.journal_id_ASTM 
_citation.country 
_citation.journal_id_ISSN 
_citation.journal_id_CSD 
_citation.book_publisher 
_citation.pdbx_database_id_PubMed 
_citation.pdbx_database_id_DOI 
primary 'Structure of a triple helical DNA with a triplex-duplex junction.' Biochemistry      38 16810 16815 1999 BICHAW US 
0006-2960 0033 ? 10606513 10.1021/bi991811m 
1       'Crystallization and preliminary X-ray data of a triplex DNA'       'To be Published' ?  ?     ?     1999 ?      ?  ? 0353 
? ?        ?                 
# 
loop_
_citation_author.citation_id 
_citation_author.name 
_citation_author.ordinal 
_citation_author.identifier_ORCID 
primary 'Rhee, S.'     1 ? 
primary 'Han, Z.'      2 ? 
primary 'Liu, K.'      3 ? 
primary 'Miles, H.T.'  4 ? 
primary 'Davies, D.R.' 5 ? 
1       'Rhee, S.'     6 ? 
1       'Davies, D.R.' 7 ? 
# 
loop_
_entity.id 
_entity.type 
_entity.src_method 
_entity.pdbx_description 
_entity.formula_weight 
_entity.pdbx_number_of_molecules 
_entity.pdbx_ec 
_entity.pdbx_mutation 
_entity.pdbx_fragment 
_entity.details 
1 polymer syn 
;DNA (5'-D(*CP*(BRU)P*CP*CP*(BRU)P*CP*CP*GP*CP*GP*CP*G)-3')
;
3705.058 2   ? ? ? ? 
2 polymer syn 
;DNA (5'-D(*CP*GP*CP*GP*CP*GP*GP*AP*G)-3')
;
2781.823 2   ? ? ? ? 
3 water   nat water                                                        18.015   157 ? ? ? ? 
# 
loop_
_entity_poly.entity_id 
_entity_poly.type 
_entity_poly.nstd_linkage 
_entity_poly.nstd_monomer 
_entity_poly.pdbx_seq_one_letter_code 
_entity_poly.pdbx_seq_one_letter_code_can 
_entity_poly.pdbx_strand_id 
_entity_poly.pdbx_target_identifier 
1 polydeoxyribonucleotide no yes '(DC)(BRU)(DC)(DC)(BRU)(DC)(DC)(DG)(DC)(DG)(DC)(DG)' CUCCUCCGCGCG A,C ? 
2 polydeoxyribonucleotide no no  '(DC)(DG)(DC)(DG)(DC)(DG)(DG)(DA)(DG)'               CGCGCGGAG    B,D ? 
# 
_pdbx_entity_nonpoly.entity_id   3 
_pdbx_entity_nonpoly.name        water 
_pdbx_entity_nonpoly.comp_id     HOH 
# 
loop_
_entity_poly_seq.entity_id 
_entity_poly_seq.num 
_entity_poly_seq.mon_id 
_entity_poly_seq.hetero 
1 1  DC  n 
1 2  BRU n 
1 3  DC  n 
1 4  DC  n 
1 5  BRU n 
1 6  DC  n 
1 7  DC  n 
1 8  DG  n 
1 9  DC  n 
1 10 DG  n 
1 11 DC  n 
1 12 DG  n 
2 1  DC  n 
2 2  DG  n 
2 3  DC  n 
2 4  DG  n 
2 5  DC  n 
2 6  DG  n 
2 7  DG  n 
2 8  DA  n 
2 9  DG  n 
# 
loop_
_chem_comp.id 
_chem_comp.type 
_chem_comp.mon_nstd_flag 
_chem_comp.name 
_chem_comp.pdbx_synonyms 
_chem_comp.formula 
_chem_comp.formula_weight 
BRU 'DNA linking' n "5-BROMO-2'-DEOXYURIDINE-5'-MONOPHOSPHATE" ? 'C9 H12 Br N2 O8 P' 387.078 
DA  'DNA linking' y "2'-DEOXYADENOSINE-5'-MONOPHOSPHATE"       ? 'C10 H14 N5 O6 P'   331.222 
DC  'DNA linking' y "2'-DEOXYCYTIDINE-5'-MONOPHOSPHATE"        ? 'C9 H14 N3 O7 P'    307.197 
DG  'DNA linking' y "2'-DEOXYGUANOSINE-5'-MONOPHOSPHATE"       ? 'C10 H14 N5 O7 P'   347.221 
HOH non-polymer   . WATER                                      ? 'H2 O'              18.015  
# 
loop_
_pdbx_poly_seq_scheme.asym_id 
_pdbx_poly_seq_scheme.entity_id 
_pdbx_poly_seq_scheme.seq_id 
_pdbx_poly_seq_scheme.mon_id 
_pdbx_poly_seq_scheme.ndb_seq_num 
_pdbx_poly_seq_scheme.pdb_seq_num 
_pdbx_poly_seq_scheme.auth_seq_num 
_pdbx_poly_seq_scheme.pdb_mon_id 
_pdbx_poly_seq_scheme.auth_mon_id 
_pdbx_poly_seq_scheme.pdb_strand_id 
_pdbx_poly_seq_scheme.pdb_ins_code 
_pdbx_poly_seq_scheme.hetero 
A 1 1  DC  1  1  1  DC  C  A . n 
A 1 2  BRU 2  2  2  BRU +U A . n 
A 1 3  DC  3  3  3  DC  C  A . n 
A 1 4  DC  4  4  4  DC  C  A . n 
A 1 5  BRU 5  5  5  BRU +U A . n 
A 1 6  DC  6  6  6  DC  C  A . n 
A 1 7  DC  7  7  7  DC  C  A . n 
A 1 8  DG  8  8  8  DG  G  A . n 
A 1 9  DC  9  9  9  DC  C  A . n 
A 1 10 DG  10 10 10 DG  G  A . n 
A 1 11 DC  11 11 11 DC  C  A . n 
A 1 12 DG  12 12 12 DG  G  A . n 
B 2 1  DC  1  13 13 DC  C  B . n 
B 2 2  DG  2  14 14 DG  G  B . n 
B 2 3  DC  3  15 15 DC  C  B . n 
B 2 4  DG  4  16 16 DG  G  B . n 
B 2 5  DC  5  17 17 DC  C  B . n 
B 2 6  DG  6  18 18 DG  G  B . n 
B 2 7  DG  7  19 19 DG  G  B . n 
B 2 8  DA  8  20 20 DA  A  B . n 
B 2 9  DG  9  21 21 DG  G  B . n 
C 1 1  DC  1  31 31 DC  C  C . n 
C 1 2  BRU 2  32 32 BRU +U C . n 
C 1 3  DC  3  33 33 DC  C  C . n 
C 1 4  DC  4  34 34 DC  C  C . n 
C 1 5  BRU 5  35 35 BRU +U C . n 
C 1 6  DC  6  36 36 DC  C  C . n 
C 1 7  DC  7  37 37 DC  C  C . n 
C 1 8  DG  8  38 38 DG  G  C . n 
C 1 9  DC  9  39 39 DC  C  C . n 
C 1 10 DG  10 40 40 DG  G  C . n 
C 1 11 DC  11 41 41 DC  C  C . n 
C 1 12 DG  12 42 42 DG  G  C . n 
D 2 1  DC  1  43 ?  ?   ?  D . n 
D 2 2  DG  2  44 44 DG  G  D . n 
D 2 3  DC  3  45 45 DC  C  D . n 
D 2 4  DG  4  46 46 DG  G  D . n 
D 2 5  DC  5  47 47 DC  C  D . n 
D 2 6  DG  6  48 48 DG  G  D . n 
D 2 7  DG  7  49 49 DG  G  D . n 
D 2 8  DA  8  50 50 DA  A  D . n 
D 2 9  DG  9  51 51 DG  G  D . n 
# 
loop_
_pdbx_nonpoly_scheme.asym_id 
_pdbx_nonpoly_scheme.entity_id 
_pdbx_nonpoly_scheme.mon_id 
_pdbx_nonpoly_scheme.ndb_seq_num 
_pdbx_nonpoly_scheme.pdb_seq_num 
_pdbx_nonpoly_scheme.auth_seq_num 
_pdbx_nonpoly_scheme.pdb_mon_id 
_pdbx_nonpoly_scheme.auth_mon_id 
_pdbx_nonpoly_scheme.pdb_strand_id 
_pdbx_nonpoly_scheme.pdb_ins_code 
E 3 HOH 1  100 100 HOH HOH A . 
E 3 HOH 2  102 102 HOH HOH A . 
E 3 HOH 3  104 104 HOH HOH A . 
E 3 HOH 4  106 106 HOH HOH A . 
E 3 HOH 5  107 107 HOH HOH A . 
E 3 HOH 6  110 110 HOH HOH A . 
E 3 HOH 7  112 112 HOH HOH A . 
E 3 HOH 8  118 118 HOH HOH A . 
E 3 HOH 9  121 121 HOH HOH A . 
E 3 HOH 10 122 122 HOH HOH A . 
E 3 HOH 11 125 125 HOH HOH A . 
E 3 HOH 12 126 126 HOH HOH A . 
E 3 HOH 13 127 127 HOH HOH A . 
E 3 HOH 14 128 128 HOH HOH A . 
E 3 HOH 15 130 130 HOH HOH A . 
E 3 HOH 16 137 137 HOH HOH A . 
E 3 HOH 17 138 138 HOH HOH A . 
E 3 HOH 18 139 139 HOH HOH A . 
E 3 HOH 19 140 140 HOH HOH A . 
E 3 HOH 20 157 157 HOH HOH A . 
E 3 HOH 21 160 160 HOH HOH A . 
E 3 HOH 22 164 164 HOH HOH A . 
E 3 HOH 23 165 165 HOH HOH A . 
E 3 HOH 24 168 168 HOH HOH A . 
E 3 HOH 25 169 169 HOH HOH A . 
E 3 HOH 26 180 180 HOH HOH A . 
E 3 HOH 27 186 186 HOH HOH A . 
E 3 HOH 28 187 187 HOH HOH A . 
E 3 HOH 29 193 193 HOH HOH A . 
E 3 HOH 30 196 196 HOH HOH A . 
E 3 HOH 31 212 212 HOH HOH A . 
E 3 HOH 32 304 304 HOH HOH A . 
E 3 HOH 33 306 306 HOH HOH A . 
E 3 HOH 34 307 307 HOH HOH A . 
E 3 HOH 35 309 309 HOH HOH A . 
E 3 HOH 36 311 311 HOH HOH A . 
E 3 HOH 37 312 312 HOH HOH A . 
E 3 HOH 38 313 313 HOH HOH A . 
E 3 HOH 39 319 319 HOH HOH A . 
E 3 HOH 40 320 320 HOH HOH A . 
E 3 HOH 41 321 321 HOH HOH A . 
E 3 HOH 42 332 332 HOH HOH A . 
E 3 HOH 43 333 333 HOH HOH A . 
E 3 HOH 44 335 335 HOH HOH A . 
E 3 HOH 45 336 336 HOH HOH A . 
E 3 HOH 46 340 340 HOH HOH A . 
F 3 HOH 1  108 108 HOH HOH B . 
F 3 HOH 2  132 132 HOH HOH B . 
F 3 HOH 3  135 135 HOH HOH B . 
F 3 HOH 4  145 145 HOH HOH B . 
F 3 HOH 5  146 146 HOH HOH B . 
F 3 HOH 6  155 155 HOH HOH B . 
F 3 HOH 7  162 162 HOH HOH B . 
F 3 HOH 8  170 170 HOH HOH B . 
F 3 HOH 9  171 171 HOH HOH B . 
F 3 HOH 10 176 176 HOH HOH B . 
F 3 HOH 11 181 181 HOH HOH B . 
F 3 HOH 12 188 188 HOH HOH B . 
F 3 HOH 13 189 189 HOH HOH B . 
F 3 HOH 14 190 190 HOH HOH B . 
F 3 HOH 15 200 200 HOH HOH B . 
F 3 HOH 16 202 202 HOH HOH B . 
F 3 HOH 17 203 203 HOH HOH B . 
F 3 HOH 18 324 324 HOH HOH B . 
F 3 HOH 19 326 326 HOH HOH B . 
F 3 HOH 20 328 328 HOH HOH B . 
F 3 HOH 21 329 329 HOH HOH B . 
F 3 HOH 22 346 346 HOH HOH B . 
G 3 HOH 1  101 101 HOH HOH C . 
G 3 HOH 2  105 105 HOH HOH C . 
G 3 HOH 3  109 109 HOH HOH C . 
G 3 HOH 4  113 113 HOH HOH C . 
G 3 HOH 5  115 115 HOH HOH C . 
G 3 HOH 6  119 119 HOH HOH C . 
G 3 HOH 7  120 120 HOH HOH C . 
G 3 HOH 8  123 123 HOH HOH C . 
G 3 HOH 9  129 129 HOH HOH C . 
G 3 HOH 10 131 131 HOH HOH C . 
G 3 HOH 11 142 142 HOH HOH C . 
G 3 HOH 12 144 144 HOH HOH C . 
G 3 HOH 13 147 147 HOH HOH C . 
G 3 HOH 14 148 148 HOH HOH C . 
G 3 HOH 15 149 149 HOH HOH C . 
G 3 HOH 16 153 153 HOH HOH C . 
G 3 HOH 17 156 156 HOH HOH C . 
G 3 HOH 18 159 159 HOH HOH C . 
G 3 HOH 19 161 161 HOH HOH C . 
G 3 HOH 20 172 172 HOH HOH C . 
G 3 HOH 21 174 174 HOH HOH C . 
G 3 HOH 22 175 175 HOH HOH C . 
G 3 HOH 23 179 179 HOH HOH C . 
G 3 HOH 24 182 182 HOH HOH C . 
G 3 HOH 25 184 184 HOH HOH C . 
G 3 HOH 26 185 185 HOH HOH C . 
G 3 HOH 27 192 192 HOH HOH C . 
G 3 HOH 28 197 197 HOH HOH C . 
G 3 HOH 29 198 198 HOH HOH C . 
G 3 HOH 30 204 204 HOH HOH C . 
G 3 HOH 31 206 206 HOH HOH C . 
G 3 HOH 32 207 207 HOH HOH C . 
G 3 HOH 33 210 210 HOH HOH C . 
G 3 HOH 34 305 305 HOH HOH C . 
G 3 HOH 35 310 310 HOH HOH C . 
G 3 HOH 36 316 316 HOH HOH C . 
G 3 HOH 37 317 317 HOH HOH C . 
G 3 HOH 38 318 318 HOH HOH C . 
G 3 HOH 39 322 322 HOH HOH C . 
G 3 HOH 40 323 323 HOH HOH C . 
G 3 HOH 41 330 330 HOH HOH C . 
G 3 HOH 42 331 331 HOH HOH C . 
G 3 HOH 43 334 334 HOH HOH C . 
G 3 HOH 44 337 337 HOH HOH C . 
G 3 HOH 45 338 338 HOH HOH C . 
G 3 HOH 46 343 343 HOH HOH C . 
G 3 HOH 47 344 344 HOH HOH C . 
H 3 HOH 1  103 103 HOH HOH D . 
H 3 HOH 2  111 111 HOH HOH D . 
H 3 HOH 3  114 114 HOH HOH D . 
H 3 HOH 4  116 116 HOH HOH D . 
H 3 HOH 5  117 117 HOH HOH D . 
H 3 HOH 6  124 124 HOH HOH D . 
H 3 HOH 7  133 133 HOH HOH D . 
H 3 HOH 8  134 134 HOH HOH D . 
H 3 HOH 9  136 136 HOH HOH D . 
H 3 HOH 10 143 143 HOH HOH D . 
H 3 HOH 11 150 150 HOH HOH D . 
H 3 HOH 12 151 151 HOH HOH D . 
H 3 HOH 13 152 152 HOH HOH D . 
H 3 HOH 14 154 154 HOH HOH D . 
H 3 HOH 15 158 158 HOH HOH D . 
H 3 HOH 16 163 163 HOH HOH D . 
H 3 HOH 17 166 166 HOH HOH D . 
H 3 HOH 18 167 167 HOH HOH D . 
H 3 HOH 19 173 173 HOH HOH D . 
H 3 HOH 20 177 177 HOH HOH D . 
H 3 HOH 21 178 178 HOH HOH D . 
H 3 HOH 22 183 183 HOH HOH D . 
H 3 HOH 23 195 195 HOH HOH D . 
H 3 HOH 24 199 199 HOH HOH D . 
H 3 HOH 25 201 201 HOH HOH D . 
H 3 HOH 26 205 205 HOH HOH D . 
H 3 HOH 27 208 208 HOH HOH D . 
H 3 HOH 28 209 209 HOH HOH D . 
H 3 HOH 29 215 215 HOH HOH D . 
H 3 HOH 30 300 300 HOH HOH D . 
H 3 HOH 31 301 301 HOH HOH D . 
H 3 HOH 32 302 302 HOH HOH D . 
H 3 HOH 33 303 303 HOH HOH D . 
H 3 HOH 34 308 308 HOH HOH D . 
H 3 HOH 35 314 314 HOH HOH D . 
H 3 HOH 36 315 315 HOH HOH D . 
H 3 HOH 37 325 325 HOH HOH D . 
H 3 HOH 38 327 327 HOH HOH D . 
H 3 HOH 39 339 339 HOH HOH D . 
H 3 HOH 40 341 341 HOH HOH D . 
H 3 HOH 41 342 342 HOH HOH D . 
H 3 HOH 42 345 345 HOH HOH D . 
# 
loop_
_pdbx_unobs_or_zero_occ_atoms.id 
_pdbx_unobs_or_zero_occ_atoms.PDB_model_num 
_pdbx_unobs_or_zero_occ_atoms.polymer_flag 
_pdbx_unobs_or_zero_occ_atoms.occupancy_flag 
_pdbx_unobs_or_zero_occ_atoms.auth_asym_id 
_pdbx_unobs_or_zero_occ_atoms.auth_comp_id 
_pdbx_unobs_or_zero_occ_atoms.auth_seq_id 
_pdbx_unobs_or_zero_occ_atoms.PDB_ins_code 
_pdbx_unobs_or_zero_occ_atoms.auth_atom_id 
_pdbx_unobs_or_zero_occ_atoms.label_alt_id 
_pdbx_unobs_or_zero_occ_atoms.label_asym_id 
_pdbx_unobs_or_zero_occ_atoms.label_comp_id 
_pdbx_unobs_or_zero_occ_atoms.label_seq_id 
_pdbx_unobs_or_zero_occ_atoms.label_atom_id 
1 1 Y 1 D DG 44 ? P   ? D DG 2 P   
2 1 Y 1 D DG 44 ? OP1 ? D DG 2 OP1 
3 1 Y 1 D DG 44 ? OP2 ? D DG 2 OP2 
# 
loop_
_software.name 
_software.classification 
_software.version 
_software.citation_id 
_software.pdbx_ordinal 
SHELX     'model building' . ? 1 
CNS       refinement       . ? 2 
DENZO     'data reduction' . ? 3 
SCALEPACK 'data scaling'   . ? 4 
SHELX     phasing          . ? 5 
# 
_cell.entry_id           1D3R 
_cell.length_a           53.800 
_cell.length_b           53.800 
_cell.length_c           43.100 
_cell.angle_alpha        90.00 
_cell.angle_beta         90.00 
_cell.angle_gamma        90.00 
_cell.Z_PDB              8 
_cell.pdbx_unique_axis   ? 
# 
_symmetry.entry_id                         1D3R 
_symmetry.space_group_name_H-M             'P 42' 
_symmetry.pdbx_full_space_group_name_H-M   ? 
_symmetry.cell_setting                     tetragonal 
_symmetry.Int_Tables_number                77 
# 
_exptl.entry_id          1D3R 
_exptl.method            'X-RAY DIFFRACTION' 
_exptl.crystals_number   1 
# 
_exptl_crystal.id                    1 
_exptl_crystal.density_meas          ? 
_exptl_crystal.density_Matthews      2.40 
_exptl_crystal.density_percent_sol   48.83 
_exptl_crystal.description           ? 
# 
_exptl_crystal_grow.crystal_id      1 
_exptl_crystal_grow.method          'VAPOR DIFFUSION, HANGING DROP' 
_exptl_crystal_grow.temp            298 
_exptl_crystal_grow.temp_details    ? 
_exptl_crystal_grow.pH              5.20 
_exptl_crystal_grow.pdbx_details    'MPD, NACL, MGCL2, SPERMINE, PH 5.2 AT 298 K, pH 5.20, VAPOR DIFFUSION, HANGING DROP' 
_exptl_crystal_grow.pdbx_pH_range   ? 
# 
loop_
_exptl_crystal_grow_comp.crystal_id 
_exptl_crystal_grow_comp.id 
_exptl_crystal_grow_comp.sol_id 
_exptl_crystal_grow_comp.name 
_exptl_crystal_grow_comp.volume 
_exptl_crystal_grow_comp.conc 
_exptl_crystal_grow_comp.details 
1 1 1 NACL     ? ? ? 
1 2 1 MGCL2    ? ? ? 
1 3 1 SPERMINE ? ? ? 
1 4 1 MPD      ? ? ? 
1 5 2 MPD      ? ? ? 
# 
_diffrn.id                     1 
_diffrn.ambient_temp           95.0 
_diffrn.ambient_temp_details   ? 
_diffrn.crystal_id             1 
# 
_diffrn_detector.diffrn_id              1 
_diffrn_detector.detector               'IMAGE PLATE' 
_diffrn_detector.type                   MARRESEARCH 
_diffrn_detector.pdbx_collection_date   1998-09-23 
_diffrn_detector.details                ? 
# 
_diffrn_radiation.diffrn_id                        1 
_diffrn_radiation.wavelength_id                    1 
_diffrn_radiation.pdbx_monochromatic_or_laue_m_l   M 
_diffrn_radiation.monochromator                    ? 
_diffrn_radiation.pdbx_diffrn_protocol             MAD 
_diffrn_radiation.pdbx_scattering_type             x-ray 
# 
loop_
_diffrn_radiation_wavelength.id 
_diffrn_radiation_wavelength.wavelength 
_diffrn_radiation_wavelength.wt 
1 0.9200   1.0 
2 0.919392 1.0 
3 0.914982 1.0 
# 
_diffrn_source.diffrn_id                   1 
_diffrn_source.source                      SYNCHROTRON 
_diffrn_source.type                        'NSLS BEAMLINE X9B' 
_diffrn_source.pdbx_synchrotron_site       NSLS 
_diffrn_source.pdbx_synchrotron_beamline   X9B 
_diffrn_source.pdbx_wavelength             ? 
_diffrn_source.pdbx_wavelength_list        '0.9200, 0.919392, 0.914982' 
# 
_reflns.entry_id                     1D3R 
_reflns.observed_criterion_sigma_I   -3.000 
_reflns.observed_criterion_sigma_F   ? 
_reflns.d_resolution_low             40.000 
_reflns.d_resolution_high            1.800 
_reflns.number_obs                   127674 
_reflns.number_all                   ? 
_reflns.percent_possible_obs         92.0 
_reflns.pdbx_Rmerge_I_obs            0.043 
_reflns.pdbx_Rsym_value              ? 
_reflns.pdbx_netI_over_sigmaI        13.3000 
_reflns.B_iso_Wilson_estimate        24.20 
_reflns.pdbx_redundancy              5.700 
_reflns.pdbx_diffrn_id               1 
_reflns.pdbx_ordinal                 1 
# 
_reflns_shell.d_res_high             1.80 
_reflns_shell.d_res_low              1.86 
_reflns_shell.percent_possible_all   100.0 
_reflns_shell.Rmerge_I_obs           0.404 
_reflns_shell.pdbx_Rsym_value        ? 
_reflns_shell.meanI_over_sigI_obs    ? 
_reflns_shell.pdbx_redundancy        5.70 
_reflns_shell.pdbx_diffrn_id         ? 
_reflns_shell.pdbx_ordinal           1 
# 
_refine.entry_id                                 1D3R 
_refine.ls_number_reflns_obs                     21581 
_refine.ls_number_reflns_all                     ? 
_refine.pdbx_ls_sigma_I                          ? 
_refine.pdbx_ls_sigma_F                          4.000 
_refine.pdbx_data_cutoff_high_absF               ? 
_refine.pdbx_data_cutoff_low_absF                ? 
_refine.pdbx_data_cutoff_high_rms_absF           ? 
_refine.ls_d_res_low                             20.00 
_refine.ls_d_res_high                            1.80 
_refine.ls_percent_reflns_obs                    96.3 
_refine.ls_R_factor_obs                          0.21 
_refine.ls_R_factor_all                          ? 
_refine.ls_R_factor_R_work                       0.21 
_refine.ls_R_factor_R_free                       0.275 
_refine.ls_R_factor_R_free_error                 ? 
_refine.ls_R_factor_R_free_error_details         ? 
_refine.ls_percent_reflns_R_free                 10.000 
_refine.ls_number_reflns_R_free                  2375 
_refine.ls_number_parameters                     ? 
_refine.ls_number_restraints                     ? 
_refine.occupancy_min                            ? 
_refine.occupancy_max                            ? 
_refine.B_iso_mean                               ? 
_refine.aniso_B[1][1]                            ? 
_refine.aniso_B[2][2]                            ? 
_refine.aniso_B[3][3]                            ? 
_refine.aniso_B[1][2]                            ? 
_refine.aniso_B[1][3]                            ? 
_refine.aniso_B[2][3]                            ? 
_refine.solvent_model_details                    ? 
_refine.solvent_model_param_ksol                 ? 
_refine.solvent_model_param_bsol                 ? 
_refine.pdbx_ls_cross_valid_method               THROUGHOUT 
_refine.details                                  ? 
_refine.pdbx_starting_model                      ? 
_refine.pdbx_method_to_determine_struct          ? 
_refine.pdbx_isotropic_thermal_model             ? 
_refine.pdbx_stereochemistry_target_values       'PARKINSON ET AL.' 
_refine.pdbx_stereochem_target_val_spec_case     ? 
_refine.pdbx_R_Free_selection_details            RANDOM 
_refine.pdbx_overall_ESU_R                       ? 
_refine.pdbx_overall_ESU_R_Free                  ? 
_refine.overall_SU_ML                            ? 
_refine.overall_SU_B                             ? 
_refine.pdbx_refine_id                           'X-RAY DIFFRACTION' 
_refine.pdbx_diffrn_id                           1 
_refine.pdbx_TLS_residual_ADP_flag               ? 
_refine.correlation_coeff_Fo_to_Fc               ? 
_refine.correlation_coeff_Fo_to_Fc_free          ? 
_refine.pdbx_solvent_vdw_probe_radii             ? 
_refine.pdbx_solvent_ion_probe_radii             ? 
_refine.pdbx_solvent_shrinkage_radii             ? 
_refine.pdbx_overall_phase_error                 ? 
_refine.overall_SU_R_Cruickshank_DPI             ? 
_refine.pdbx_overall_SU_R_free_Cruickshank_DPI   ? 
_refine.pdbx_overall_SU_R_Blow_DPI               ? 
_refine.pdbx_overall_SU_R_free_Blow_DPI          ? 
# 
_refine_hist.pdbx_refine_id                   'X-RAY DIFFRACTION' 
_refine_hist.cycle_id                         LAST 
_refine_hist.pdbx_number_atoms_protein        0 
_refine_hist.pdbx_number_atoms_nucleic_acid   823 
_refine_hist.pdbx_number_atoms_ligand         0 
_refine_hist.number_atoms_solvent             157 
_refine_hist.number_atoms_total               980 
_refine_hist.d_res_high                       1.80 
_refine_hist.d_res_low                        20.00 
# 
loop_
_refine_ls_restr.type 
_refine_ls_restr.dev_ideal 
_refine_ls_restr.dev_ideal_target 
_refine_ls_restr.weight 
_refine_ls_restr.number 
_refine_ls_restr.pdbx_refine_id 
_refine_ls_restr.pdbx_restraint_function 
c_bond_d                0.012 ? ? ? 'X-RAY DIFFRACTION' ? 
c_bond_d_na             ?     ? ? ? 'X-RAY DIFFRACTION' ? 
c_bond_d_prot           ?     ? ? ? 'X-RAY DIFFRACTION' ? 
c_angle_d               ?     ? ? ? 'X-RAY DIFFRACTION' ? 
c_angle_d_na            ?     ? ? ? 'X-RAY DIFFRACTION' ? 
c_angle_d_prot          ?     ? ? ? 'X-RAY DIFFRACTION' ? 
c_angle_deg             ?     ? ? ? 'X-RAY DIFFRACTION' ? 
c_angle_deg_na          ?     ? ? ? 'X-RAY DIFFRACTION' ? 
c_angle_deg_prot        ?     ? ? ? 'X-RAY DIFFRACTION' ? 
c_dihedral_angle_d      ?     ? ? ? 'X-RAY DIFFRACTION' ? 
c_dihedral_angle_d_na   ?     ? ? ? 'X-RAY DIFFRACTION' ? 
c_dihedral_angle_d_prot ?     ? ? ? 'X-RAY DIFFRACTION' ? 
c_improper_angle_d      ?     ? ? ? 'X-RAY DIFFRACTION' ? 
c_improper_angle_d_na   ?     ? ? ? 'X-RAY DIFFRACTION' ? 
c_improper_angle_d_prot ?     ? ? ? 'X-RAY DIFFRACTION' ? 
c_mcbond_it             ?     ? ? ? 'X-RAY DIFFRACTION' ? 
c_mcangle_it            ?     ? ? ? 'X-RAY DIFFRACTION' ? 
c_scbond_it             ?     ? ? ? 'X-RAY DIFFRACTION' ? 
c_scangle_it            ?     ? ? ? 'X-RAY DIFFRACTION' ? 
# 
_struct.entry_id                  1D3R 
_struct.title                     'CRYSTAL STRUCTURE OF TRIPLEX DNA' 
_struct.pdbx_model_details        ? 
_struct.pdbx_CASP_flag            ? 
_struct.pdbx_model_type_details   ? 
# 
_struct_keywords.entry_id        1D3R 
_struct_keywords.pdbx_keywords   DNA 
_struct_keywords.text            'TRIPLEX DNA AND ITS JUNCTION WITH A DUPLEX DNA, DNA' 
# 
loop_
_struct_asym.id 
_struct_asym.pdbx_blank_PDB_chainid_flag 
_struct_asym.pdbx_modified 
_struct_asym.entity_id 
_struct_asym.details 
A N N 1 ? 
B N N 2 ? 
C N N 1 ? 
D N N 2 ? 
E N N 3 ? 
F N N 3 ? 
G N N 3 ? 
H N N 3 ? 
# 
loop_
_struct_ref.id 
_struct_ref.entity_id 
_struct_ref.db_name 
_struct_ref.db_code 
_struct_ref.pdbx_db_accession 
_struct_ref.pdbx_db_isoform 
_struct_ref.pdbx_seq_one_letter_code 
_struct_ref.pdbx_align_begin 
1 1 PDB 1D3R 1D3R ? ? ? 
2 2 PDB 1D3R 1D3R ? ? ? 
# 
loop_
_struct_ref_seq.align_id 
_struct_ref_seq.ref_id 
_struct_ref_seq.pdbx_PDB_id_code 
_struct_ref_seq.pdbx_strand_id 
_struct_ref_seq.seq_align_beg 
_struct_ref_seq.pdbx_seq_align_beg_ins_code 
_struct_ref_seq.seq_align_end 
_struct_ref_seq.pdbx_seq_align_end_ins_code 
_struct_ref_seq.pdbx_db_accession 
_struct_ref_seq.db_align_beg 
_struct_ref_seq.pdbx_db_align_beg_ins_code 
_struct_ref_seq.db_align_end 
_struct_ref_seq.pdbx_db_align_end_ins_code 
_struct_ref_seq.pdbx_auth_seq_align_beg 
_struct_ref_seq.pdbx_auth_seq_align_end 
1 1 1D3R A 1 ? 12 ? 1D3R 1  ? 12 ? 1  12 
2 2 1D3R B 1 ? 9  ? 1D3R 13 ? 21 ? 13 21 
3 1 1D3R C 1 ? 12 ? 1D3R 31 ? 42 ? 31 42 
4 2 1D3R D 1 ? 9  ? 1D3R 43 ? 51 ? 43 51 
# 
_pdbx_struct_assembly.id                   1 
_pdbx_struct_assembly.details              author_defined_assembly 
_pdbx_struct_assembly.method_details       ? 
_pdbx_struct_assembly.oligomeric_details   tetrameric 
_pdbx_struct_assembly.oligomeric_count     4 
# 
_pdbx_struct_assembly_gen.assembly_id       1 
_pdbx_struct_assembly_gen.oper_expression   1 
_pdbx_struct_assembly_gen.asym_id_list      A,B,C,D,E,F,G,H 
# 
_pdbx_struct_oper_list.id                   1 
_pdbx_struct_oper_list.type                 'identity operation' 
_pdbx_struct_oper_list.name                 1_555 
_pdbx_struct_oper_list.symmetry_operation   x,y,z 
_pdbx_struct_oper_list.matrix[1][1]         1.0000000000 
_pdbx_struct_oper_list.matrix[1][2]         0.0000000000 
_pdbx_struct_oper_list.matrix[1][3]         0.0000000000 
_pdbx_struct_oper_list.vector[1]            0.0000000000 
_pdbx_struct_oper_list.matrix[2][1]         0.0000000000 
_pdbx_struct_oper_list.matrix[2][2]         1.0000000000 
_pdbx_struct_oper_list.matrix[2][3]         0.0000000000 
_pdbx_struct_oper_list.vector[2]            0.0000000000 
_pdbx_struct_oper_list.matrix[3][1]         0.0000000000 
_pdbx_struct_oper_list.matrix[3][2]         0.0000000000 
_pdbx_struct_oper_list.matrix[3][3]         1.0000000000 
_pdbx_struct_oper_list.vector[3]            0.0000000000 
# 
_struct_biol.id   1 
# 
loop_
_struct_conn.id 
_struct_conn.conn_type_id 
_struct_conn.pdbx_leaving_atom_flag 
_struct_conn.pdbx_PDB_id 
_struct_conn.ptnr1_label_asym_id 
_struct_conn.ptnr1_label_comp_id 
_struct_conn.ptnr1_label_seq_id 
_struct_conn.ptnr1_label_atom_id 
_struct_conn.pdbx_ptnr1_label_alt_id 
_struct_conn.pdbx_ptnr1_PDB_ins_code 
_struct_conn.pdbx_ptnr1_standard_comp_id 
_struct_conn.ptnr1_symmetry 
_struct_conn.ptnr2_label_asym_id 
_struct_conn.ptnr2_label_comp_id 
_struct_conn.ptnr2_label_seq_id 
_struct_conn.ptnr2_label_atom_id 
_struct_conn.pdbx_ptnr2_label_alt_id 
_struct_conn.pdbx_ptnr2_PDB_ins_code 
_struct_conn.ptnr1_auth_asym_id 
_struct_conn.ptnr1_auth_comp_id 
_struct_conn.ptnr1_auth_seq_id 
_struct_conn.ptnr2_auth_asym_id 
_struct_conn.ptnr2_auth_comp_id 
_struct_conn.ptnr2_auth_seq_id 
_struct_conn.ptnr2_symmetry 
_struct_conn.pdbx_ptnr3_label_atom_id 
_struct_conn.pdbx_ptnr3_label_seq_id 
_struct_conn.pdbx_ptnr3_label_comp_id 
_struct_conn.pdbx_ptnr3_label_asym_id 
_struct_conn.pdbx_ptnr3_label_alt_id 
_struct_conn.pdbx_ptnr3_PDB_ins_code 
_struct_conn.details 
_struct_conn.pdbx_dist_value 
_struct_conn.pdbx_value_order 
_struct_conn.pdbx_role 
covale1  covale both ? A DC  1  "O3'" ? ? ? 1_555 A BRU 2 P  ? ? A DC  1  A BRU 2  1_555 ? ? ? ? ? ? ?            1.618 ? ? 
covale2  covale both ? A BRU 2  "O3'" ? ? ? 1_555 A DC  3 P  ? ? A BRU 2  A DC  3  1_555 ? ? ? ? ? ? ?            1.610 ? ? 
covale3  covale both ? A DC  4  "O3'" ? ? ? 1_555 A BRU 5 P  ? ? A DC  4  A BRU 5  1_555 ? ? ? ? ? ? ?            1.606 ? ? 
covale4  covale both ? A BRU 5  "O3'" ? ? ? 1_555 A DC  6 P  ? ? A BRU 5  A DC  6  1_555 ? ? ? ? ? ? ?            1.599 ? ? 
covale5  covale both ? C DC  1  "O3'" ? ? ? 1_555 C BRU 2 P  ? ? C DC  31 C BRU 32 1_555 ? ? ? ? ? ? ?            1.603 ? ? 
covale6  covale both ? C BRU 2  "O3'" ? ? ? 1_555 C DC  3 P  ? ? C BRU 32 C DC  33 1_555 ? ? ? ? ? ? ?            1.595 ? ? 
covale7  covale both ? C DC  4  "O3'" ? ? ? 1_555 C BRU 5 P  ? ? C DC  34 C BRU 35 1_555 ? ? ? ? ? ? ?            1.623 ? ? 
covale8  covale both ? C BRU 5  "O3'" ? ? ? 1_555 C DC  6 P  ? ? C BRU 35 C DC  36 1_555 ? ? ? ? ? ? ?            1.625 ? ? 
hydrog1  hydrog ?    ? A DC  1  N4    ? ? ? 1_555 D DG  7 O6 ? ? A DC  1  D DG  49 1_555 ? ? ? ? ? ? 'DC-DG PAIR' ?     ? ? 
hydrog2  hydrog ?    ? A BRU 2  N3    ? ? ? 1_555 D DA  8 N7 ? ? A BRU 2  D DA  50 1_555 ? ? ? ? ? ? HOOGSTEEN    ?     ? ? 
hydrog3  hydrog ?    ? A BRU 2  O4    ? ? ? 1_555 D DA  8 N6 ? ? A BRU 2  D DA  50 1_555 ? ? ? ? ? ? HOOGSTEEN    ?     ? ? 
hydrog4  hydrog ?    ? A DC  3  N4    ? ? ? 1_555 D DG  9 O6 ? ? A DC  3  D DG  51 1_555 ? ? ? ? ? ? 'DC-DG PAIR' ?     ? ? 
hydrog5  hydrog ?    ? A DC  4  N3    ? ? ? 1_555 B DG  9 N1 ? ? A DC  4  B DG  21 1_555 ? ? ? ? ? ? WATSON-CRICK ?     ? ? 
hydrog6  hydrog ?    ? A DC  4  N4    ? ? ? 1_555 B DG  9 O6 ? ? A DC  4  B DG  21 1_555 ? ? ? ? ? ? WATSON-CRICK ?     ? ? 
hydrog7  hydrog ?    ? A DC  4  O2    ? ? ? 1_555 B DG  9 N2 ? ? A DC  4  B DG  21 1_555 ? ? ? ? ? ? WATSON-CRICK ?     ? ? 
hydrog8  hydrog ?    ? A BRU 5  N3    ? ? ? 1_555 B DA  8 N1 ? ? A BRU 5  B DA  20 1_555 ? ? ? ? ? ? WATSON-CRICK ?     ? ? 
hydrog9  hydrog ?    ? A BRU 5  O4    ? ? ? 1_555 B DA  8 N6 ? ? A BRU 5  B DA  20 1_555 ? ? ? ? ? ? WATSON-CRICK ?     ? ? 
hydrog10 hydrog ?    ? A DC  6  N3    ? ? ? 1_555 B DG  7 N1 ? ? A DC  6  B DG  19 1_555 ? ? ? ? ? ? WATSON-CRICK ?     ? ? 
hydrog11 hydrog ?    ? A DC  6  N4    ? ? ? 1_555 B DG  7 O6 ? ? A DC  6  B DG  19 1_555 ? ? ? ? ? ? WATSON-CRICK ?     ? ? 
hydrog12 hydrog ?    ? A DC  6  O2    ? ? ? 1_555 B DG  7 N2 ? ? A DC  6  B DG  19 1_555 ? ? ? ? ? ? WATSON-CRICK ?     ? ? 
hydrog13 hydrog ?    ? A DC  7  N3    ? ? ? 1_555 B DG  6 N1 ? ? A DC  7  B DG  18 1_555 ? ? ? ? ? ? WATSON-CRICK ?     ? ? 
hydrog14 hydrog ?    ? A DC  7  N4    ? ? ? 1_555 B DG  6 O6 ? ? A DC  7  B DG  18 1_555 ? ? ? ? ? ? WATSON-CRICK ?     ? ? 
hydrog15 hydrog ?    ? A DC  7  O2    ? ? ? 1_555 B DG  6 N2 ? ? A DC  7  B DG  18 1_555 ? ? ? ? ? ? WATSON-CRICK ?     ? ? 
hydrog16 hydrog ?    ? A DG  8  N1    ? ? ? 1_555 B DC  5 N3 ? ? A DG  8  B DC  17 1_555 ? ? ? ? ? ? WATSON-CRICK ?     ? ? 
hydrog17 hydrog ?    ? A DG  8  N2    ? ? ? 1_555 B DC  5 O2 ? ? A DG  8  B DC  17 1_555 ? ? ? ? ? ? WATSON-CRICK ?     ? ? 
hydrog18 hydrog ?    ? A DG  8  O6    ? ? ? 1_555 B DC  5 N4 ? ? A DG  8  B DC  17 1_555 ? ? ? ? ? ? WATSON-CRICK ?     ? ? 
hydrog19 hydrog ?    ? A DC  9  N3    ? ? ? 1_555 B DG  4 N1 ? ? A DC  9  B DG  16 1_555 ? ? ? ? ? ? WATSON-CRICK ?     ? ? 
hydrog20 hydrog ?    ? A DC  9  N4    ? ? ? 1_555 B DG  4 O6 ? ? A DC  9  B DG  16 1_555 ? ? ? ? ? ? WATSON-CRICK ?     ? ? 
hydrog21 hydrog ?    ? A DC  9  O2    ? ? ? 1_555 B DG  4 N2 ? ? A DC  9  B DG  16 1_555 ? ? ? ? ? ? WATSON-CRICK ?     ? ? 
hydrog22 hydrog ?    ? A DG  10 N1    ? ? ? 1_555 B DC  3 N3 ? ? A DG  10 B DC  15 1_555 ? ? ? ? ? ? WATSON-CRICK ?     ? ? 
hydrog23 hydrog ?    ? A DG  10 N2    ? ? ? 1_555 B DC  3 O2 ? ? A DG  10 B DC  15 1_555 ? ? ? ? ? ? WATSON-CRICK ?     ? ? 
hydrog24 hydrog ?    ? A DG  10 O6    ? ? ? 1_555 B DC  3 N4 ? ? A DG  10 B DC  15 1_555 ? ? ? ? ? ? WATSON-CRICK ?     ? ? 
hydrog25 hydrog ?    ? A DC  11 N3    ? ? ? 1_555 B DG  2 N1 ? ? A DC  11 B DG  14 1_555 ? ? ? ? ? ? WATSON-CRICK ?     ? ? 
hydrog26 hydrog ?    ? A DC  11 N4    ? ? ? 1_555 B DG  2 O6 ? ? A DC  11 B DG  14 1_555 ? ? ? ? ? ? WATSON-CRICK ?     ? ? 
hydrog27 hydrog ?    ? A DC  11 O2    ? ? ? 1_555 B DG  2 N2 ? ? A DC  11 B DG  14 1_555 ? ? ? ? ? ? WATSON-CRICK ?     ? ? 
hydrog28 hydrog ?    ? B DG  7  O6    ? ? ? 1_555 C DC  1 N4 ? ? B DG  19 C DC  31 1_555 ? ? ? ? ? ? 'DG-DC PAIR' ?     ? ? 
hydrog29 hydrog ?    ? B DA  8  N6    ? ? ? 1_555 C BRU 2 O4 ? ? B DA  20 C BRU 32 1_555 ? ? ? ? ? ? HOOGSTEEN    ?     ? ? 
hydrog30 hydrog ?    ? B DA  8  N7    ? ? ? 1_555 C BRU 2 N3 ? ? B DA  20 C BRU 32 1_555 ? ? ? ? ? ? HOOGSTEEN    ?     ? ? 
hydrog31 hydrog ?    ? B DG  9  O6    ? ? ? 1_555 C DC  3 N4 ? ? B DG  21 C DC  33 1_555 ? ? ? ? ? ? 'DG-DC PAIR' ?     ? ? 
hydrog32 hydrog ?    ? C DC  4  N3    ? ? ? 1_555 D DG  9 N1 ? ? C DC  34 D DG  51 1_555 ? ? ? ? ? ? WATSON-CRICK ?     ? ? 
hydrog33 hydrog ?    ? C DC  4  N4    ? ? ? 1_555 D DG  9 O6 ? ? C DC  34 D DG  51 1_555 ? ? ? ? ? ? WATSON-CRICK ?     ? ? 
hydrog34 hydrog ?    ? C DC  4  O2    ? ? ? 1_555 D DG  9 N2 ? ? C DC  34 D DG  51 1_555 ? ? ? ? ? ? WATSON-CRICK ?     ? ? 
hydrog35 hydrog ?    ? C BRU 5  N3    ? ? ? 1_555 D DA  8 N1 ? ? C BRU 35 D DA  50 1_555 ? ? ? ? ? ? WATSON-CRICK ?     ? ? 
hydrog36 hydrog ?    ? C BRU 5  O4    ? ? ? 1_555 D DA  8 N6 ? ? C BRU 35 D DA  50 1_555 ? ? ? ? ? ? WATSON-CRICK ?     ? ? 
hydrog37 hydrog ?    ? C DC  6  N3    ? ? ? 1_555 D DG  7 N1 ? ? C DC  36 D DG  49 1_555 ? ? ? ? ? ? WATSON-CRICK ?     ? ? 
hydrog38 hydrog ?    ? C DC  6  N4    ? ? ? 1_555 D DG  7 O6 ? ? C DC  36 D DG  49 1_555 ? ? ? ? ? ? WATSON-CRICK ?     ? ? 
hydrog39 hydrog ?    ? C DC  6  O2    ? ? ? 1_555 D DG  7 N2 ? ? C DC  36 D DG  49 1_555 ? ? ? ? ? ? WATSON-CRICK ?     ? ? 
hydrog40 hydrog ?    ? C DC  7  N3    ? ? ? 1_555 D DG  6 N1 ? ? C DC  37 D DG  48 1_555 ? ? ? ? ? ? WATSON-CRICK ?     ? ? 
hydrog41 hydrog ?    ? C DC  7  N4    ? ? ? 1_555 D DG  6 O6 ? ? C DC  37 D DG  48 1_555 ? ? ? ? ? ? WATSON-CRICK ?     ? ? 
hydrog42 hydrog ?    ? C DC  7  O2    ? ? ? 1_555 D DG  6 N2 ? ? C DC  37 D DG  48 1_555 ? ? ? ? ? ? WATSON-CRICK ?     ? ? 
hydrog43 hydrog ?    ? C DG  8  N1    ? ? ? 1_555 D DC  5 N3 ? ? C DG  38 D DC  47 1_555 ? ? ? ? ? ? WATSON-CRICK ?     ? ? 
hydrog44 hydrog ?    ? C DG  8  N2    ? ? ? 1_555 D DC  5 O2 ? ? C DG  38 D DC  47 1_555 ? ? ? ? ? ? WATSON-CRICK ?     ? ? 
hydrog45 hydrog ?    ? C DG  8  O6    ? ? ? 1_555 D DC  5 N4 ? ? C DG  38 D DC  47 1_555 ? ? ? ? ? ? WATSON-CRICK ?     ? ? 
hydrog46 hydrog ?    ? C DC  9  N3    ? ? ? 1_555 D DG  4 N1 ? ? C DC  39 D DG  46 1_555 ? ? ? ? ? ? WATSON-CRICK ?     ? ? 
hydrog47 hydrog ?    ? C DC  9  N4    ? ? ? 1_555 D DG  4 O6 ? ? C DC  39 D DG  46 1_555 ? ? ? ? ? ? WATSON-CRICK ?     ? ? 
hydrog48 hydrog ?    ? C DC  9  O2    ? ? ? 1_555 D DG  4 N2 ? ? C DC  39 D DG  46 1_555 ? ? ? ? ? ? WATSON-CRICK ?     ? ? 
hydrog49 hydrog ?    ? C DG  10 N1    ? ? ? 1_555 D DC  3 N3 ? ? C DG  40 D DC  45 1_555 ? ? ? ? ? ? WATSON-CRICK ?     ? ? 
hydrog50 hydrog ?    ? C DG  10 N2    ? ? ? 1_555 D DC  3 O2 ? ? C DG  40 D DC  45 1_555 ? ? ? ? ? ? WATSON-CRICK ?     ? ? 
hydrog51 hydrog ?    ? C DG  10 O6    ? ? ? 1_555 D DC  3 N4 ? ? C DG  40 D DC  45 1_555 ? ? ? ? ? ? WATSON-CRICK ?     ? ? 
hydrog52 hydrog ?    ? C DC  11 N3    ? ? ? 1_555 D DG  2 N1 ? ? C DC  41 D DG  44 1_555 ? ? ? ? ? ? WATSON-CRICK ?     ? ? 
hydrog53 hydrog ?    ? C DC  11 N4    ? ? ? 1_555 D DG  2 O6 ? ? C DC  41 D DG  44 1_555 ? ? ? ? ? ? WATSON-CRICK ?     ? ? 
hydrog54 hydrog ?    ? C DC  11 O2    ? ? ? 1_555 D DG  2 N2 ? ? C DC  41 D DG  44 1_555 ? ? ? ? ? ? WATSON-CRICK ?     ? ? 
# 
loop_
_struct_conn_type.id 
_struct_conn_type.criteria 
_struct_conn_type.reference 
covale ? ? 
hydrog ? ? 
# 
loop_
_pdbx_validate_close_contact.id 
_pdbx_validate_close_contact.PDB_model_num 
_pdbx_validate_close_contact.auth_atom_id_1 
_pdbx_validate_close_contact.auth_asym_id_1 
_pdbx_validate_close_contact.auth_comp_id_1 
_pdbx_validate_close_contact.auth_seq_id_1 
_pdbx_validate_close_contact.PDB_ins_code_1 
_pdbx_validate_close_contact.label_alt_id_1 
_pdbx_validate_close_contact.auth_atom_id_2 
_pdbx_validate_close_contact.auth_asym_id_2 
_pdbx_validate_close_contact.auth_comp_id_2 
_pdbx_validate_close_contact.auth_seq_id_2 
_pdbx_validate_close_contact.PDB_ins_code_2 
_pdbx_validate_close_contact.label_alt_id_2 
_pdbx_validate_close_contact.dist 
1 1 OP1 C DG  42  ? ? O C HOH 119 ? ? 2.01 
2 1 O   A HOH 107 ? ? O A HOH 306 ? ? 2.03 
3 1 O   A HOH 102 ? ? O A HOH 306 ? ? 2.06 
4 1 OP2 A DG  12  ? ? O A HOH 306 ? ? 2.07 
5 1 O   C HOH 119 ? ? O C HOH 310 ? ? 2.15 
6 1 O   A HOH 306 ? ? O A HOH 307 ? ? 2.17 
# 
loop_
_pdbx_validate_symm_contact.id 
_pdbx_validate_symm_contact.PDB_model_num 
_pdbx_validate_symm_contact.auth_atom_id_1 
_pdbx_validate_symm_contact.auth_asym_id_1 
_pdbx_validate_symm_contact.auth_comp_id_1 
_pdbx_validate_symm_contact.auth_seq_id_1 
_pdbx_validate_symm_contact.PDB_ins_code_1 
_pdbx_validate_symm_contact.label_alt_id_1 
_pdbx_validate_symm_contact.site_symmetry_1 
_pdbx_validate_symm_contact.auth_atom_id_2 
_pdbx_validate_symm_contact.auth_asym_id_2 
_pdbx_validate_symm_contact.auth_comp_id_2 
_pdbx_validate_symm_contact.auth_seq_id_2 
_pdbx_validate_symm_contact.PDB_ins_code_2 
_pdbx_validate_symm_contact.label_alt_id_2 
_pdbx_validate_symm_contact.site_symmetry_2 
_pdbx_validate_symm_contact.dist 
1 1 O A HOH 128 ? ? 1_555 O C HOH 119 ? ? 1_565 2.09 
2 1 O A HOH 309 ? ? 1_555 O C HOH 119 ? ? 1_565 2.13 
# 
loop_
_pdbx_validate_rmsd_angle.id 
_pdbx_validate_rmsd_angle.PDB_model_num 
_pdbx_validate_rmsd_angle.auth_atom_id_1 
_pdbx_validate_rmsd_angle.auth_asym_id_1 
_pdbx_validate_rmsd_angle.auth_comp_id_1 
_pdbx_validate_rmsd_angle.auth_seq_id_1 
_pdbx_validate_rmsd_angle.PDB_ins_code_1 
_pdbx_validate_rmsd_angle.label_alt_id_1 
_pdbx_validate_rmsd_angle.auth_atom_id_2 
_pdbx_validate_rmsd_angle.auth_asym_id_2 
_pdbx_validate_rmsd_angle.auth_comp_id_2 
_pdbx_validate_rmsd_angle.auth_seq_id_2 
_pdbx_validate_rmsd_angle.PDB_ins_code_2 
_pdbx_validate_rmsd_angle.label_alt_id_2 
_pdbx_validate_rmsd_angle.auth_atom_id_3 
_pdbx_validate_rmsd_angle.auth_asym_id_3 
_pdbx_validate_rmsd_angle.auth_comp_id_3 
_pdbx_validate_rmsd_angle.auth_seq_id_3 
_pdbx_validate_rmsd_angle.PDB_ins_code_3 
_pdbx_validate_rmsd_angle.label_alt_id_3 
_pdbx_validate_rmsd_angle.angle_value 
_pdbx_validate_rmsd_angle.angle_target_value 
_pdbx_validate_rmsd_angle.angle_deviation 
_pdbx_validate_rmsd_angle.angle_standard_deviation 
_pdbx_validate_rmsd_angle.linker_flag 
1 1 "O4'" A DG 8  ? ? "C1'" A DG 8  ? ? N9    A DG 8  ? ? 110.75 108.30 2.45  0.30 N 
2 1 "C4'" A DG 12 ? ? "C3'" A DG 12 ? ? "O3'" A DG 12 ? ? 131.67 112.30 19.37 2.00 N 
3 1 "O5'" B DC 13 ? ? "C5'" B DC 13 ? ? "C4'" B DC 13 ? ? 103.88 109.40 -5.52 0.80 N 
4 1 N9    C DG 40 ? ? "C1'" C DG 40 ? ? "C2'" C DG 40 ? ? 122.85 114.30 8.55  1.40 N 
5 1 "O4'" C DG 40 ? ? "C1'" C DG 40 ? ? N9    C DG 40 ? ? 110.66 108.30 2.36  0.30 N 
6 1 "O4'" C DC 41 ? ? "C1'" C DC 41 ? ? N1    C DC 41 ? ? 110.43 108.30 2.13  0.30 N 
7 1 "O5'" D DG 44 ? ? "C5'" D DG 44 ? ? "C4'" D DG 44 ? ? 134.53 111.00 23.53 2.50 N 
8 1 "O4'" D DG 51 ? ? "C1'" D DG 51 ? ? N9    D DG 51 ? ? 110.45 108.30 2.15  0.30 N 
# 
_pdbx_validate_chiral.id              1 
_pdbx_validate_chiral.PDB_model_num   1 
_pdbx_validate_chiral.auth_atom_id    "C3'" 
_pdbx_validate_chiral.label_alt_id    ? 
_pdbx_validate_chiral.auth_asym_id    A 
_pdbx_validate_chiral.auth_comp_id    DG 
_pdbx_validate_chiral.auth_seq_id     12 
_pdbx_validate_chiral.PDB_ins_code    ? 
_pdbx_validate_chiral.details         PLANAR 
_pdbx_validate_chiral.omega           . 
# 
loop_
_pdbx_validate_planes.id 
_pdbx_validate_planes.PDB_model_num 
_pdbx_validate_planes.auth_comp_id 
_pdbx_validate_planes.auth_asym_id 
_pdbx_validate_planes.auth_seq_id 
_pdbx_validate_planes.PDB_ins_code 
_pdbx_validate_planes.label_alt_id 
_pdbx_validate_planes.rmsd 
_pdbx_validate_planes.type 
1 1 DG A 12 ? ? 0.056 'SIDE CHAIN' 
2 1 DG B 14 ? ? 0.049 'SIDE CHAIN' 
3 1 DC C 39 ? ? 0.063 'SIDE CHAIN' 
4 1 DG D 44 ? ? 0.082 'SIDE CHAIN' 
# 
loop_
_pdbx_struct_mod_residue.id 
_pdbx_struct_mod_residue.label_asym_id 
_pdbx_struct_mod_residue.label_comp_id 
_pdbx_struct_mod_residue.label_seq_id 
_pdbx_struct_mod_residue.auth_asym_id 
_pdbx_struct_mod_residue.auth_comp_id 
_pdbx_struct_mod_residue.auth_seq_id 
_pdbx_struct_mod_residue.PDB_ins_code 
_pdbx_struct_mod_residue.parent_comp_id 
_pdbx_struct_mod_residue.details 
1 A BRU 2 A BRU 2  ? DU ? 
2 A BRU 5 A BRU 5  ? DU ? 
3 C BRU 2 C BRU 32 ? DU ? 
4 C BRU 5 C BRU 35 ? DU ? 
# 
_pdbx_unobs_or_zero_occ_residues.id               1 
_pdbx_unobs_or_zero_occ_residues.PDB_model_num    1 
_pdbx_unobs_or_zero_occ_residues.polymer_flag     Y 
_pdbx_unobs_or_zero_occ_residues.occupancy_flag   1 
_pdbx_unobs_or_zero_occ_residues.auth_asym_id     D 
_pdbx_unobs_or_zero_occ_residues.auth_comp_id     DC 
_pdbx_unobs_or_zero_occ_residues.auth_seq_id      43 
_pdbx_unobs_or_zero_occ_residues.PDB_ins_code     ? 
_pdbx_unobs_or_zero_occ_residues.label_asym_id    D 
_pdbx_unobs_or_zero_occ_residues.label_comp_id    DC 
_pdbx_unobs_or_zero_occ_residues.label_seq_id     1 
# 
loop_
_chem_comp_atom.comp_id 
_chem_comp_atom.atom_id 
_chem_comp_atom.type_symbol 
_chem_comp_atom.pdbx_aromatic_flag 
_chem_comp_atom.pdbx_stereo_config 
_chem_comp_atom.pdbx_ordinal 
BRU N1     N  N N 1   
BRU C2     C  N N 2   
BRU N3     N  N N 3   
BRU C4     C  N N 4   
BRU C5     C  N N 5   
BRU C6     C  N N 6   
BRU O2     O  N N 7   
BRU O4     O  N N 8   
BRU BR     BR N N 9   
BRU "C1'"  C  N R 10  
BRU "C2'"  C  N N 11  
BRU "C3'"  C  N S 12  
BRU "C4'"  C  N R 13  
BRU "O3'"  O  N N 14  
BRU "O4'"  O  N N 15  
BRU "C5'"  C  N N 16  
BRU "O5'"  O  N N 17  
BRU P      P  N N 18  
BRU OP1    O  N N 19  
BRU OP2    O  N N 20  
BRU OP3    O  N N 21  
BRU HN3    H  N N 22  
BRU H6     H  N N 23  
BRU "H1'"  H  N N 24  
BRU "H2'"  H  N N 25  
BRU "H2''" H  N N 26  
BRU "H3'"  H  N N 27  
BRU "H4'"  H  N N 28  
BRU "HO3'" H  N N 29  
BRU "H5'"  H  N N 30  
BRU "H5''" H  N N 31  
BRU HOP2   H  N N 32  
BRU HOP3   H  N N 33  
DA  OP3    O  N N 34  
DA  P      P  N N 35  
DA  OP1    O  N N 36  
DA  OP2    O  N N 37  
DA  "O5'"  O  N N 38  
DA  "C5'"  C  N N 39  
DA  "C4'"  C  N R 40  
DA  "O4'"  O  N N 41  
DA  "C3'"  C  N S 42  
DA  "O3'"  O  N N 43  
DA  "C2'"  C  N N 44  
DA  "C1'"  C  N R 45  
DA  N9     N  Y N 46  
DA  C8     C  Y N 47  
DA  N7     N  Y N 48  
DA  C5     C  Y N 49  
DA  C6     C  Y N 50  
DA  N6     N  N N 51  
DA  N1     N  Y N 52  
DA  C2     C  Y N 53  
DA  N3     N  Y N 54  
DA  C4     C  Y N 55  
DA  HOP3   H  N N 56  
DA  HOP2   H  N N 57  
DA  "H5'"  H  N N 58  
DA  "H5''" H  N N 59  
DA  "H4'"  H  N N 60  
DA  "H3'"  H  N N 61  
DA  "HO3'" H  N N 62  
DA  "H2'"  H  N N 63  
DA  "H2''" H  N N 64  
DA  "H1'"  H  N N 65  
DA  H8     H  N N 66  
DA  H61    H  N N 67  
DA  H62    H  N N 68  
DA  H2     H  N N 69  
DC  OP3    O  N N 70  
DC  P      P  N N 71  
DC  OP1    O  N N 72  
DC  OP2    O  N N 73  
DC  "O5'"  O  N N 74  
DC  "C5'"  C  N N 75  
DC  "C4'"  C  N R 76  
DC  "O4'"  O  N N 77  
DC  "C3'"  C  N S 78  
DC  "O3'"  O  N N 79  
DC  "C2'"  C  N N 80  
DC  "C1'"  C  N R 81  
DC  N1     N  N N 82  
DC  C2     C  N N 83  
DC  O2     O  N N 84  
DC  N3     N  N N 85  
DC  C4     C  N N 86  
DC  N4     N  N N 87  
DC  C5     C  N N 88  
DC  C6     C  N N 89  
DC  HOP3   H  N N 90  
DC  HOP2   H  N N 91  
DC  "H5'"  H  N N 92  
DC  "H5''" H  N N 93  
DC  "H4'"  H  N N 94  
DC  "H3'"  H  N N 95  
DC  "HO3'" H  N N 96  
DC  "H2'"  H  N N 97  
DC  "H2''" H  N N 98  
DC  "H1'"  H  N N 99  
DC  H41    H  N N 100 
DC  H42    H  N N 101 
DC  H5     H  N N 102 
DC  H6     H  N N 103 
DG  OP3    O  N N 104 
DG  P      P  N N 105 
DG  OP1    O  N N 106 
DG  OP2    O  N N 107 
DG  "O5'"  O  N N 108 
DG  "C5'"  C  N N 109 
DG  "C4'"  C  N R 110 
DG  "O4'"  O  N N 111 
DG  "C3'"  C  N S 112 
DG  "O3'"  O  N N 113 
DG  "C2'"  C  N N 114 
DG  "C1'"  C  N R 115 
DG  N9     N  Y N 116 
DG  C8     C  Y N 117 
DG  N7     N  Y N 118 
DG  C5     C  Y N 119 
DG  C6     C  N N 120 
DG  O6     O  N N 121 
DG  N1     N  N N 122 
DG  C2     C  N N 123 
DG  N2     N  N N 124 
DG  N3     N  N N 125 
DG  C4     C  Y N 126 
DG  HOP3   H  N N 127 
DG  HOP2   H  N N 128 
DG  "H5'"  H  N N 129 
DG  "H5''" H  N N 130 
DG  "H4'"  H  N N 131 
DG  "H3'"  H  N N 132 
DG  "HO3'" H  N N 133 
DG  "H2'"  H  N N 134 
DG  "H2''" H  N N 135 
DG  "H1'"  H  N N 136 
DG  H8     H  N N 137 
DG  H1     H  N N 138 
DG  H21    H  N N 139 
DG  H22    H  N N 140 
HOH O      O  N N 141 
HOH H1     H  N N 142 
HOH H2     H  N N 143 
# 
loop_
_chem_comp_bond.comp_id 
_chem_comp_bond.atom_id_1 
_chem_comp_bond.atom_id_2 
_chem_comp_bond.value_order 
_chem_comp_bond.pdbx_aromatic_flag 
_chem_comp_bond.pdbx_stereo_config 
_chem_comp_bond.pdbx_ordinal 
BRU N1    C2     sing N N 1   
BRU N1    C6     sing N N 2   
BRU N1    "C1'"  sing N N 3   
BRU C2    N3     sing N N 4   
BRU C2    O2     doub N N 5   
BRU N3    C4     sing N N 6   
BRU N3    HN3    sing N N 7   
BRU C4    C5     sing N N 8   
BRU C4    O4     doub N N 9   
BRU C5    C6     doub N N 10  
BRU C5    BR     sing N N 11  
BRU C6    H6     sing N N 12  
BRU "C1'" "C2'"  sing N N 13  
BRU "C1'" "O4'"  sing N N 14  
BRU "C1'" "H1'"  sing N N 15  
BRU "C2'" "C3'"  sing N N 16  
BRU "C2'" "H2'"  sing N N 17  
BRU "C2'" "H2''" sing N N 18  
BRU "C3'" "C4'"  sing N N 19  
BRU "C3'" "O3'"  sing N N 20  
BRU "C3'" "H3'"  sing N N 21  
BRU "C4'" "O4'"  sing N N 22  
BRU "C4'" "C5'"  sing N N 23  
BRU "C4'" "H4'"  sing N N 24  
BRU "O3'" "HO3'" sing N N 25  
BRU "C5'" "O5'"  sing N N 26  
BRU "C5'" "H5'"  sing N N 27  
BRU "C5'" "H5''" sing N N 28  
BRU "O5'" P      sing N N 29  
BRU P     OP1    doub N N 30  
BRU P     OP2    sing N N 31  
BRU P     OP3    sing N N 32  
BRU OP2   HOP2   sing N N 33  
BRU OP3   HOP3   sing N N 34  
DA  OP3   P      sing N N 35  
DA  OP3   HOP3   sing N N 36  
DA  P     OP1    doub N N 37  
DA  P     OP2    sing N N 38  
DA  P     "O5'"  sing N N 39  
DA  OP2   HOP2   sing N N 40  
DA  "O5'" "C5'"  sing N N 41  
DA  "C5'" "C4'"  sing N N 42  
DA  "C5'" "H5'"  sing N N 43  
DA  "C5'" "H5''" sing N N 44  
DA  "C4'" "O4'"  sing N N 45  
DA  "C4'" "C3'"  sing N N 46  
DA  "C4'" "H4'"  sing N N 47  
DA  "O4'" "C1'"  sing N N 48  
DA  "C3'" "O3'"  sing N N 49  
DA  "C3'" "C2'"  sing N N 50  
DA  "C3'" "H3'"  sing N N 51  
DA  "O3'" "HO3'" sing N N 52  
DA  "C2'" "C1'"  sing N N 53  
DA  "C2'" "H2'"  sing N N 54  
DA  "C2'" "H2''" sing N N 55  
DA  "C1'" N9     sing N N 56  
DA  "C1'" "H1'"  sing N N 57  
DA  N9    C8     sing Y N 58  
DA  N9    C4     sing Y N 59  
DA  C8    N7     doub Y N 60  
DA  C8    H8     sing N N 61  
DA  N7    C5     sing Y N 62  
DA  C5    C6     sing Y N 63  
DA  C5    C4     doub Y N 64  
DA  C6    N6     sing N N 65  
DA  C6    N1     doub Y N 66  
DA  N6    H61    sing N N 67  
DA  N6    H62    sing N N 68  
DA  N1    C2     sing Y N 69  
DA  C2    N3     doub Y N 70  
DA  C2    H2     sing N N 71  
DA  N3    C4     sing Y N 72  
DC  OP3   P      sing N N 73  
DC  OP3   HOP3   sing N N 74  
DC  P     OP1    doub N N 75  
DC  P     OP2    sing N N 76  
DC  P     "O5'"  sing N N 77  
DC  OP2   HOP2   sing N N 78  
DC  "O5'" "C5'"  sing N N 79  
DC  "C5'" "C4'"  sing N N 80  
DC  "C5'" "H5'"  sing N N 81  
DC  "C5'" "H5''" sing N N 82  
DC  "C4'" "O4'"  sing N N 83  
DC  "C4'" "C3'"  sing N N 84  
DC  "C4'" "H4'"  sing N N 85  
DC  "O4'" "C1'"  sing N N 86  
DC  "C3'" "O3'"  sing N N 87  
DC  "C3'" "C2'"  sing N N 88  
DC  "C3'" "H3'"  sing N N 89  
DC  "O3'" "HO3'" sing N N 90  
DC  "C2'" "C1'"  sing N N 91  
DC  "C2'" "H2'"  sing N N 92  
DC  "C2'" "H2''" sing N N 93  
DC  "C1'" N1     sing N N 94  
DC  "C1'" "H1'"  sing N N 95  
DC  N1    C2     sing N N 96  
DC  N1    C6     sing N N 97  
DC  C2    O2     doub N N 98  
DC  C2    N3     sing N N 99  
DC  N3    C4     doub N N 100 
DC  C4    N4     sing N N 101 
DC  C4    C5     sing N N 102 
DC  N4    H41    sing N N 103 
DC  N4    H42    sing N N 104 
DC  C5    C6     doub N N 105 
DC  C5    H5     sing N N 106 
DC  C6    H6     sing N N 107 
DG  OP3   P      sing N N 108 
DG  OP3   HOP3   sing N N 109 
DG  P     OP1    doub N N 110 
DG  P     OP2    sing N N 111 
DG  P     "O5'"  sing N N 112 
DG  OP2   HOP2   sing N N 113 
DG  "O5'" "C5'"  sing N N 114 
DG  "C5'" "C4'"  sing N N 115 
DG  "C5'" "H5'"  sing N N 116 
DG  "C5'" "H5''" sing N N 117 
DG  "C4'" "O4'"  sing N N 118 
DG  "C4'" "C3'"  sing N N 119 
DG  "C4'" "H4'"  sing N N 120 
DG  "O4'" "C1'"  sing N N 121 
DG  "C3'" "O3'"  sing N N 122 
DG  "C3'" "C2'"  sing N N 123 
DG  "C3'" "H3'"  sing N N 124 
DG  "O3'" "HO3'" sing N N 125 
DG  "C2'" "C1'"  sing N N 126 
DG  "C2'" "H2'"  sing N N 127 
DG  "C2'" "H2''" sing N N 128 
DG  "C1'" N9     sing N N 129 
DG  "C1'" "H1'"  sing N N 130 
DG  N9    C8     sing Y N 131 
DG  N9    C4     sing Y N 132 
DG  C8    N7     doub Y N 133 
DG  C8    H8     sing N N 134 
DG  N7    C5     sing Y N 135 
DG  C5    C6     sing N N 136 
DG  C5    C4     doub Y N 137 
DG  C6    O6     doub N N 138 
DG  C6    N1     sing N N 139 
DG  N1    C2     sing N N 140 
DG  N1    H1     sing N N 141 
DG  C2    N2     sing N N 142 
DG  C2    N3     doub N N 143 
DG  N2    H21    sing N N 144 
DG  N2    H22    sing N N 145 
DG  N3    C4     sing N N 146 
HOH O     H1     sing N N 147 
HOH O     H2     sing N N 148 
# 
loop_
_ndb_struct_conf_na.entry_id 
_ndb_struct_conf_na.feature 
1D3R 'double helix'        
1D3R 'b-form double helix' 
1D3R 'triple helix'        
# 
loop_
_ndb_struct_na_base_pair.model_number 
_ndb_struct_na_base_pair.i_label_asym_id 
_ndb_struct_na_base_pair.i_label_comp_id 
_ndb_struct_na_base_pair.i_label_seq_id 
_ndb_struct_na_base_pair.i_symmetry 
_ndb_struct_na_base_pair.j_label_asym_id 
_ndb_struct_na_base_pair.j_label_comp_id 
_ndb_struct_na_base_pair.j_label_seq_id 
_ndb_struct_na_base_pair.j_symmetry 
_ndb_struct_na_base_pair.shear 
_ndb_struct_na_base_pair.stretch 
_ndb_struct_na_base_pair.stagger 
_ndb_struct_na_base_pair.buckle 
_ndb_struct_na_base_pair.propeller 
_ndb_struct_na_base_pair.opening 
_ndb_struct_na_base_pair.pair_number 
_ndb_struct_na_base_pair.pair_name 
_ndb_struct_na_base_pair.i_auth_asym_id 
_ndb_struct_na_base_pair.i_auth_seq_id 
_ndb_struct_na_base_pair.i_PDB_ins_code 
_ndb_struct_na_base_pair.j_auth_asym_id 
_ndb_struct_na_base_pair.j_auth_seq_id 
_ndb_struct_na_base_pair.j_PDB_ins_code 
_ndb_struct_na_base_pair.hbond_type_28 
_ndb_struct_na_base_pair.hbond_type_12 
1 B DG  2  1_555 A DC  11 1_555 -0.204 -0.007 0.281  -10.713 0.332   -3.949 1  B_DG14:DC11_A  B 14 ? A 11 ? 19 1 
1 B DC  3  1_555 A DG  10 1_555 0.061  -0.010 0.336  -6.715  -0.146  -4.306 2  B_DC15:DG10_A  B 15 ? A 10 ? 19 1 
1 B DG  4  1_555 A DC  9  1_555 0.122  -0.015 0.033  -0.264  -8.434  -3.751 3  B_DG16:DC9_A   B 16 ? A 9  ? 19 1 
1 B DC  5  1_555 A DG  8  1_555 0.064  -0.101 -0.314 7.390   -8.074  -3.213 4  B_DC17:DG8_A   B 17 ? A 8  ? 19 1 
1 B DG  6  1_555 A DC  7  1_555 -0.303 -0.082 -0.120 4.091   -11.078 -0.932 5  B_DG18:DC7_A   B 18 ? A 7  ? 19 1 
1 B DG  7  1_555 A DC  6  1_555 -0.188 -0.182 -0.048 8.390   -12.916 1.347  6  B_DG19:DC6_A   B 19 ? A 6  ? 19 1 
1 B DA  8  1_555 A BRU 5  1_555 -0.046 -0.072 0.041  -3.319  -17.650 2.550  7  B_DA20:BRU5_A  B 20 ? A 5  ? 20 1 
1 B DG  9  1_555 A DC  4  1_555 -0.364 -0.144 -0.116 -1.986  -5.566  1.614  8  B_DG21:DC4_A   B 21 ? A 4  ? 19 1 
1 C DC  4  1_555 D DG  9  1_555 0.268  -0.068 -0.111 5.499   -13.057 -0.641 9  C_DC34:DG51_D  C 34 ? D 51 ? 19 1 
1 C BRU 5  1_555 D DA  8  1_555 -0.059 -0.092 0.230  7.375   -15.454 1.918  10 C_BRU35:DA50_D C 35 ? D 50 ? 20 1 
1 C DC  6  1_555 D DG  7  1_555 0.331  -0.198 -0.297 1.259   -14.015 2.026  11 C_DC36:DG49_D  C 36 ? D 49 ? 19 1 
1 C DC  7  1_555 D DG  6  1_555 0.195  -0.032 0.037  -7.385  -15.200 -0.724 12 C_DC37:DG48_D  C 37 ? D 48 ? 19 1 
1 C DG  8  1_555 D DC  5  1_555 -0.414 -0.072 0.068  -4.698  -4.232  0.984  13 C_DG38:DC47_D  C 38 ? D 47 ? 19 1 
1 C DC  9  1_555 D DG  4  1_555 0.214  -0.114 0.177  -4.507  -12.562 -2.171 14 C_DC39:DG46_D  C 39 ? D 46 ? 19 1 
1 C DG  10 1_555 D DC  3  1_555 -0.121 0.006  0.168  1.505   -2.020  1.313  15 C_DG40:DC45_D  C 40 ? D 45 ? 19 1 
1 C DC  11 1_555 D DG  2  1_555 0.340  -0.144 0.251  4.995   0.375   -3.243 16 C_DC41:DG44_D  C 41 ? D 44 ? 19 1 
# 
loop_
_ndb_struct_na_base_pair_step.model_number 
_ndb_struct_na_base_pair_step.i_label_asym_id_1 
_ndb_struct_na_base_pair_step.i_label_comp_id_1 
_ndb_struct_na_base_pair_step.i_label_seq_id_1 
_ndb_struct_na_base_pair_step.i_symmetry_1 
_ndb_struct_na_base_pair_step.j_label_asym_id_1 
_ndb_struct_na_base_pair_step.j_label_comp_id_1 
_ndb_struct_na_base_pair_step.j_label_seq_id_1 
_ndb_struct_na_base_pair_step.j_symmetry_1 
_ndb_struct_na_base_pair_step.i_label_asym_id_2 
_ndb_struct_na_base_pair_step.i_label_comp_id_2 
_ndb_struct_na_base_pair_step.i_label_seq_id_2 
_ndb_struct_na_base_pair_step.i_symmetry_2 
_ndb_struct_na_base_pair_step.j_label_asym_id_2 
_ndb_struct_na_base_pair_step.j_label_comp_id_2 
_ndb_struct_na_base_pair_step.j_label_seq_id_2 
_ndb_struct_na_base_pair_step.j_symmetry_2 
_ndb_struct_na_base_pair_step.shift 
_ndb_struct_na_base_pair_step.slide 
_ndb_struct_na_base_pair_step.rise 
_ndb_struct_na_base_pair_step.tilt 
_ndb_struct_na_base_pair_step.roll 
_ndb_struct_na_base_pair_step.twist 
_ndb_struct_na_base_pair_step.x_displacement 
_ndb_struct_na_base_pair_step.y_displacement 
_ndb_struct_na_base_pair_step.helical_rise 
_ndb_struct_na_base_pair_step.inclination 
_ndb_struct_na_base_pair_step.tip 
_ndb_struct_na_base_pair_step.helical_twist 
_ndb_struct_na_base_pair_step.step_number 
_ndb_struct_na_base_pair_step.step_name 
_ndb_struct_na_base_pair_step.i_auth_asym_id_1 
_ndb_struct_na_base_pair_step.i_auth_seq_id_1 
_ndb_struct_na_base_pair_step.i_PDB_ins_code_1 
_ndb_struct_na_base_pair_step.j_auth_asym_id_1 
_ndb_struct_na_base_pair_step.j_auth_seq_id_1 
_ndb_struct_na_base_pair_step.j_PDB_ins_code_1 
_ndb_struct_na_base_pair_step.i_auth_asym_id_2 
_ndb_struct_na_base_pair_step.i_auth_seq_id_2 
_ndb_struct_na_base_pair_step.i_PDB_ins_code_2 
_ndb_struct_na_base_pair_step.j_auth_asym_id_2 
_ndb_struct_na_base_pair_step.j_auth_seq_id_2 
_ndb_struct_na_base_pair_step.j_PDB_ins_code_2 
1 B DG  2  1_555 A DC  11 1_555 B DC  3  1_555 A DG  10 1_555 0.617  0.295  3.326 0.179  -1.702 35.661  0.731  -0.980 3.311 -2.777 
-0.292 35.701  1  BB_DG14DC15:DG10DC11_AA  B 14 ? A 11 ? B 15 ? A 10 ? 
1 B DC  3  1_555 A DG  10 1_555 B DG  4  1_555 A DC  9  1_555 -0.599 0.795  3.233 1.158  5.216  30.498  0.475  1.348  3.296 9.822  
-2.180 30.951  2  BB_DC15DG16:DC9DG10_AA   B 15 ? A 10 ? B 16 ? A 9  ? 
1 B DG  4  1_555 A DC  9  1_555 B DC  5  1_555 A DG  8  1_555 0.736  -0.025 3.132 4.368  4.862  34.094  -0.767 -0.583 3.166 8.199  
-7.366 34.697  3  BB_DG16DC17:DG8DC9_AA    B 16 ? A 9  ? B 17 ? A 8  ? 
1 B DC  5  1_555 A DG  8  1_555 B DG  6  1_555 A DC  7  1_555 -0.204 1.131  3.506 0.325  8.168  35.420  0.547  0.377  3.666 13.208 
-0.525 36.322  4  BB_DC17DG18:DC7DG8_AA    B 17 ? A 8  ? B 18 ? A 7  ? 
1 B DG  6  1_555 A DC  7  1_555 B DG  7  1_555 A DC  6  1_555 0.313  0.097  3.211 -1.163 5.693  28.397  -1.042 -0.879 3.155 11.454 
2.339  28.973  5  BB_DG18DG19:DC6DC7_AA    B 18 ? A 7  ? B 19 ? A 6  ? 
1 B DG  7  1_555 A DC  6  1_555 B DA  8  1_555 A BRU 5  1_555 0.732  -0.838 3.389 0.094  2.107  32.359  -1.882 -1.294 3.332 3.776  
-0.168 32.426  6  BB_DG19DA20:BRU5DC6_AA   B 19 ? A 6  ? B 20 ? A 5  ? 
1 B DA  8  1_555 A BRU 5  1_555 B DG  9  1_555 A DC  4  1_555 -0.459 -0.342 3.192 0.370  6.531  32.294  -1.678 0.870  3.061 11.593 
-0.658 32.932  7  BB_DA20DG21:DC4BRU5_AA   B 20 ? A 5  ? B 21 ? A 4  ? 
1 B DG  9  1_555 A DC  4  1_555 C DC  4  1_555 D DG  9  1_555 -0.463 3.367  3.133 0.510  -0.828 -35.226 -5.442 -0.691 3.215 1.368  
0.843  -35.239 8  BC_DG21DC34:DG51DC4_DA   B 21 ? A 4  ? C 34 ? D 51 ? 
1 C DC  4  1_555 D DG  9  1_555 C BRU 5  1_555 D DA  8  1_555 0.479  -0.294 3.278 -2.194 5.097  33.130  -1.337 -1.185 3.162 8.861  
3.815  33.579  9  CC_DC34BRU35:DA50DG51_DD C 34 ? D 51 ? C 35 ? D 50 ? 
1 C BRU 5  1_555 D DA  8  1_555 C DC  6  1_555 D DG  7  1_555 -0.630 -0.724 3.355 1.969  -0.100 32.187  -1.285 1.492  3.314 -0.181 
-3.547 32.246  10 CC_BRU35DC36:DG49DA50_DD C 35 ? D 50 ? C 36 ? D 49 ? 
1 C DC  6  1_555 D DG  7  1_555 C DC  7  1_555 D DG  6  1_555 -0.451 -0.343 3.533 -3.340 8.757  31.001  -2.279 0.176  3.344 15.933 
6.076  32.354  11 CC_DC36DC37:DG48DG49_DD  C 36 ? D 49 ? C 37 ? D 48 ? 
1 C DC  7  1_555 D DG  6  1_555 C DG  8  1_555 D DC  5  1_555 0.571  0.667  3.226 -0.143 8.602  30.894  -0.363 -1.061 3.285 15.767 
0.263  32.042  12 CC_DC37DG38:DC47DG48_DD  C 37 ? D 48 ? C 38 ? D 47 ? 
1 C DG  8  1_555 D DC  5  1_555 C DC  9  1_555 D DG  4  1_555 -1.397 1.367  3.372 -4.165 1.198  38.764  1.895  1.559  3.537 1.799  
6.252  38.996  13 CC_DG38DC39:DG46DC47_DD  C 38 ? D 47 ? C 39 ? D 46 ? 
1 C DC  9  1_555 D DG  4  1_555 C DG  10 1_555 D DC  3  1_555 0.789  0.974  3.261 -0.593 3.822  28.316  1.092  -1.735 3.344 7.768  
1.206  28.574  14 CC_DC39DG40:DC45DG46_DD  C 39 ? D 46 ? C 40 ? D 45 ? 
1 C DG  10 1_555 D DC  3  1_555 C DC  11 1_555 D DG  2  1_555 -0.541 0.404  3.266 -0.162 -0.431 39.432  0.649  0.782  3.264 -0.638 
0.240  39.435  15 CC_DG40DC41:DG44DC45_DD  C 40 ? D 45 ? C 41 ? D 44 ? 
# 
_atom_sites.entry_id                    1D3R 
_atom_sites.fract_transf_matrix[1][1]   -0.00951895 
_atom_sites.fract_transf_matrix[1][2]   -0.01548646 
_atom_sites.fract_transf_matrix[1][3]   0.00387761 
_atom_sites.fract_transf_matrix[2][1]   0.01281189 
_atom_sites.fract_transf_matrix[2][2]   -0.00471690 
_atom_sites.fract_transf_matrix[2][3]   0.01261281 
_atom_sites.fract_transf_matrix[3][1]   -0.01188973 
_atom_sites.fract_transf_matrix[3][2]   0.01139965 
_atom_sites.fract_transf_matrix[3][3]   0.01634060 
_atom_sites.fract_transf_vector[1]      0.263676 
_atom_sites.fract_transf_vector[2]      0.848683 
_atom_sites.fract_transf_vector[3]      0.375919 
# 
loop_
_atom_type.symbol 
BR 
C  
N  
O  
P  
# 
loop_
_atom_site.group_PDB 
_atom_site.id 
_atom_site.type_symbol 
_atom_site.label_atom_id 
_atom_site.label_alt_id 
_atom_site.label_comp_id 
_atom_site.label_asym_id 
_atom_site.label_entity_id 
_atom_site.label_seq_id 
_atom_site.pdbx_PDB_ins_code 
_atom_site.Cartn_x 
_atom_site.Cartn_y 
_atom_site.Cartn_z 
_atom_site.occupancy 
_atom_site.B_iso_or_equiv 
_atom_site.pdbx_formal_charge 
_atom_site.auth_seq_id 
_atom_site.auth_comp_id 
_atom_site.auth_asym_id 
_atom_site.auth_atom_id 
_atom_site.pdbx_PDB_model_num 
ATOM   1   O  "O5'" . DC  A 1 1  ? -9.590  2.734   3.458   1.00 25.05 ? 1   DC  A "O5'" 1 
ATOM   2   C  "C5'" . DC  A 1 1  ? -10.898 2.726   2.900   1.00 25.16 ? 1   DC  A "C5'" 1 
ATOM   3   C  "C4'" . DC  A 1 1  ? -11.462 1.403   2.435   1.00 25.93 ? 1   DC  A "C4'" 1 
ATOM   4   O  "O4'" . DC  A 1 1  ? -11.491 1.484   0.964   1.00 25.91 ? 1   DC  A "O4'" 1 
ATOM   5   C  "C3'" . DC  A 1 1  ? -10.529 0.227   2.740   1.00 26.26 ? 1   DC  A "C3'" 1 
ATOM   6   O  "O3'" . DC  A 1 1  ? -10.995 -0.996  3.304   1.00 26.59 ? 1   DC  A "O3'" 1 
ATOM   7   C  "C2'" . DC  A 1 1  ? -9.684  0.074   1.501   1.00 26.02 ? 1   DC  A "C2'" 1 
ATOM   8   C  "C1'" . DC  A 1 1  ? -10.501 0.621   0.366   1.00 24.18 ? 1   DC  A "C1'" 1 
ATOM   9   N  N1    . DC  A 1 1  ? -9.520  1.445   -0.378  1.00 21.39 ? 1   DC  A N1    1 
ATOM   10  C  C2    . DC  A 1 1  ? -9.146  1.047   -1.663  1.00 19.84 ? 1   DC  A C2    1 
ATOM   11  O  O2    . DC  A 1 1  ? -9.726  0.082   -2.181  1.00 21.61 ? 1   DC  A O2    1 
ATOM   12  N  N3    . DC  A 1 1  ? -8.150  1.720   -2.298  1.00 19.37 ? 1   DC  A N3    1 
ATOM   13  C  C4    . DC  A 1 1  ? -7.540  2.756   -1.703  1.00 17.46 ? 1   DC  A C4    1 
ATOM   14  N  N4    . DC  A 1 1  ? -6.565  3.366   -2.370  1.00 17.32 ? 1   DC  A N4    1 
ATOM   15  C  C5    . DC  A 1 1  ? -7.918  3.202   -0.402  1.00 17.29 ? 1   DC  A C5    1 
ATOM   16  C  C6    . DC  A 1 1  ? -8.917  2.533   0.211   1.00 19.54 ? 1   DC  A C6    1 
HETATM 17  N  N1    . BRU A 1 2  ? -6.813  -2.203  0.192   1.00 26.42 ? 2   BRU A N1    1 
HETATM 18  C  C2    . BRU A 1 2  ? -6.154  -1.945  -1.003  1.00 24.25 ? 2   BRU A C2    1 
HETATM 19  N  N3    . BRU A 1 2  ? -5.596  -0.691  -1.086  1.00 22.58 ? 2   BRU A N3    1 
HETATM 20  C  C4    . BRU A 1 2  ? -5.628  0.319   -0.125  1.00 23.14 ? 2   BRU A C4    1 
HETATM 21  C  C5    . BRU A 1 2  ? -6.392  -0.002  1.128   1.00 23.64 ? 2   BRU A C5    1 
HETATM 22  C  C6    . BRU A 1 2  ? -6.931  -1.237  1.194   1.00 23.99 ? 2   BRU A C6    1 
HETATM 23  O  O2    . BRU A 1 2  ? -6.073  -2.766  -1.921  1.00 25.13 ? 2   BRU A O2    1 
HETATM 24  O  O4    . BRU A 1 2  ? -5.037  1.373   -0.359  1.00 23.58 ? 2   BRU A O4    1 
HETATM 25  BR BR    . BRU A 1 2  ? -6.540  1.035   2.262   1.00 24.01 ? 2   BRU A BR    1 
HETATM 26  C  "C1'" . BRU A 1 2  ? -7.361  -3.564  0.373   1.00 26.73 ? 2   BRU A "C1'" 1 
HETATM 27  C  "C2'" . BRU A 1 2  ? -6.984  -4.289  1.644   1.00 27.68 ? 2   BRU A "C2'" 1 
HETATM 28  C  "C3'" . BRU A 1 2  ? -8.141  -5.265  1.768   1.00 28.65 ? 2   BRU A "C3'" 1 
HETATM 29  C  "C4'" . BRU A 1 2  ? -9.350  -4.466  1.256   1.00 27.55 ? 2   BRU A "C4'" 1 
HETATM 30  O  "O3'" . BRU A 1 2  ? -7.966  -6.454  0.980   1.00 29.76 ? 2   BRU A "O3'" 1 
HETATM 31  O  "O4'" . BRU A 1 2  ? -8.790  -3.508  0.324   1.00 27.68 ? 2   BRU A "O4'" 1 
HETATM 32  C  "C5'" . BRU A 1 2  ? -10.105 -3.736  2.343   1.00 27.23 ? 2   BRU A "C5'" 1 
HETATM 33  O  "O5'" . BRU A 1 2  ? -9.281  -2.853  3.071   1.00 27.16 ? 2   BRU A "O5'" 1 
HETATM 34  P  P     . BRU A 1 2  ? -9.947  -1.891  4.152   1.00 26.01 ? 2   BRU A P     1 
HETATM 35  O  OP1   . BRU A 1 2  ? -10.737 -2.723  5.070   1.00 28.83 ? 2   BRU A OP1   1 
HETATM 36  O  OP2   . BRU A 1 2  ? -8.870  -1.058  4.687   1.00 26.35 ? 2   BRU A OP2   1 
ATOM   37  P  P     . DC  A 1 3  ? -6.767  -7.480  1.298   1.00 30.82 ? 3   DC  A P     1 
ATOM   38  O  OP1   . DC  A 1 3  ? -7.323  -8.811  0.945   1.00 32.03 ? 3   DC  A OP1   1 
ATOM   39  O  OP2   . DC  A 1 3  ? -6.169  -7.249  2.646   1.00 30.74 ? 3   DC  A OP2   1 
ATOM   40  O  "O5'" . DC  A 1 3  ? -5.655  -7.105  0.223   1.00 31.74 ? 3   DC  A "O5'" 1 
ATOM   41  C  "C5'" . DC  A 1 3  ? -6.037  -6.881  -1.135  1.00 30.66 ? 3   DC  A "C5'" 1 
ATOM   42  C  "C4'" . DC  A 1 3  ? -4.869  -7.139  -2.055  1.00 30.52 ? 3   DC  A "C4'" 1 
ATOM   43  O  "O4'" . DC  A 1 3  ? -4.199  -5.884  -2.348  1.00 29.52 ? 3   DC  A "O4'" 1 
ATOM   44  C  "C3'" . DC  A 1 3  ? -3.791  -8.032  -1.419  1.00 30.11 ? 3   DC  A "C3'" 1 
ATOM   45  O  "O3'" . DC  A 1 3  ? -3.107  -8.698  -2.484  1.00 31.81 ? 3   DC  A "O3'" 1 
ATOM   46  C  "C2'" . DC  A 1 3  ? -2.872  -7.024  -0.745  1.00 28.71 ? 3   DC  A "C2'" 1 
ATOM   47  C  "C1'" . DC  A 1 3  ? -2.905  -5.887  -1.759  1.00 28.09 ? 3   DC  A "C1'" 1 
ATOM   48  N  N1    . DC  A 1 3  ? -2.618  -4.526  -1.304  1.00 25.48 ? 3   DC  A N1    1 
ATOM   49  C  C2    . DC  A 1 3  ? -1.764  -3.743  -2.089  1.00 24.69 ? 3   DC  A C2    1 
ATOM   50  O  O2    . DC  A 1 3  ? -1.289  -4.249  -3.118  1.00 23.49 ? 3   DC  A O2    1 
ATOM   51  N  N3    . DC  A 1 3  ? -1.482  -2.457  -1.701  1.00 22.85 ? 3   DC  A N3    1 
ATOM   52  C  C4    . DC  A 1 3  ? -2.029  -1.984  -0.578  1.00 21.53 ? 3   DC  A C4    1 
ATOM   53  N  N4    . DC  A 1 3  ? -1.756  -0.743  -0.231  1.00 22.34 ? 3   DC  A N4    1 
ATOM   54  C  C5    . DC  A 1 3  ? -2.895  -2.779  0.242   1.00 21.16 ? 3   DC  A C5    1 
ATOM   55  C  C6    . DC  A 1 3  ? -3.165  -4.026  -0.153  1.00 23.03 ? 3   DC  A C6    1 
ATOM   56  P  P     . DC  A 1 4  ? -2.277  -10.052 -2.222  1.00 31.67 ? 4   DC  A P     1 
ATOM   57  O  OP1   . DC  A 1 4  ? -2.944  -11.015 -3.139  1.00 33.09 ? 4   DC  A OP1   1 
ATOM   58  O  OP2   . DC  A 1 4  ? -2.101  -10.372 -0.761  1.00 32.42 ? 4   DC  A OP2   1 
ATOM   59  O  "O5'" . DC  A 1 4  ? -0.854  -9.715  -2.817  1.00 31.35 ? 4   DC  A "O5'" 1 
ATOM   60  C  "C5'" . DC  A 1 4  ? -0.517  -8.386  -3.039  1.00 30.83 ? 4   DC  A "C5'" 1 
ATOM   61  C  "C4'" . DC  A 1 4  ? 0.921   -8.283  -3.451  1.00 30.89 ? 4   DC  A "C4'" 1 
ATOM   62  O  "O4'" . DC  A 1 4  ? 1.275   -6.915  -3.174  1.00 31.19 ? 4   DC  A "O4'" 1 
ATOM   63  C  "C3'" . DC  A 1 4  ? 1.899   -9.124  -2.630  1.00 31.32 ? 4   DC  A "C3'" 1 
ATOM   64  O  "O3'" . DC  A 1 4  ? 3.035   -9.399  -3.473  1.00 32.67 ? 4   DC  A "O3'" 1 
ATOM   65  C  "C2'" . DC  A 1 4  ? 2.210   -8.225  -1.440  1.00 30.21 ? 4   DC  A "C2'" 1 
ATOM   66  C  "C1'" . DC  A 1 4  ? 2.137   -6.836  -2.051  1.00 29.62 ? 4   DC  A "C1'" 1 
ATOM   67  N  N1    . DC  A 1 4  ? 1.580   -5.804  -1.183  1.00 28.02 ? 4   DC  A N1    1 
ATOM   68  C  C2    . DC  A 1 4  ? 2.013   -4.538  -1.376  1.00 26.91 ? 4   DC  A C2    1 
ATOM   69  O  O2    . DC  A 1 4  ? 2.797   -4.342  -2.301  1.00 25.94 ? 4   DC  A O2    1 
ATOM   70  N  N3    . DC  A 1 4  ? 1.582   -3.547  -0.565  1.00 27.57 ? 4   DC  A N3    1 
ATOM   71  C  C4    . DC  A 1 4  ? 0.723   -3.827  0.413   1.00 27.47 ? 4   DC  A C4    1 
ATOM   72  N  N4    . DC  A 1 4  ? 0.343   -2.825  1.225   1.00 27.04 ? 4   DC  A N4    1 
ATOM   73  C  C5    . DC  A 1 4  ? 0.222   -5.147  0.607   1.00 27.92 ? 4   DC  A C5    1 
ATOM   74  C  C6    . DC  A 1 4  ? 0.671   -6.093  -0.208  1.00 26.08 ? 4   DC  A C6    1 
HETATM 75  N  N1    . BRU A 1 5  ? 5.493   -5.295  -0.183  1.00 32.92 ? 5   BRU A N1    1 
HETATM 76  C  C2    . BRU A 1 5  ? 5.398   -3.946  0.179   1.00 31.42 ? 5   BRU A C2    1 
HETATM 77  N  N3    . BRU A 1 5  ? 4.526   -3.688  1.207   1.00 28.65 ? 5   BRU A N3    1 
HETATM 78  C  C4    . BRU A 1 5  ? 3.764   -4.608  1.898   1.00 30.14 ? 5   BRU A C4    1 
HETATM 79  C  C5    . BRU A 1 5  ? 3.917   -6.041  1.465   1.00 30.15 ? 5   BRU A C5    1 
HETATM 80  C  C6    . BRU A 1 5  ? 4.757   -6.285  0.455   1.00 31.49 ? 5   BRU A C6    1 
HETATM 81  O  O2    . BRU A 1 5  ? 6.049   -3.053  -0.371  1.00 29.30 ? 5   BRU A O2    1 
HETATM 82  O  O4    . BRU A 1 5  ? 3.032   -4.200  2.792   1.00 29.61 ? 5   BRU A O4    1 
HETATM 83  BR BR    . BRU A 1 5  ? 3.145   -7.142  2.154   1.00 33.16 ? 5   BRU A BR    1 
HETATM 84  C  "C1'" . BRU A 1 5  ? 6.422   -5.619  -1.255  1.00 34.85 ? 5   BRU A "C1'" 1 
HETATM 85  C  "C2'" . BRU A 1 5  ? 7.149   -6.952  -1.190  1.00 36.92 ? 5   BRU A "C2'" 1 
HETATM 86  C  "C3'" . BRU A 1 5  ? 7.499   -7.141  -2.655  1.00 38.16 ? 5   BRU A "C3'" 1 
HETATM 87  C  "C4'" . BRU A 1 5  ? 6.248   -6.612  -3.353  1.00 37.15 ? 5   BRU A "C4'" 1 
HETATM 88  O  "O3'" . BRU A 1 5  ? 8.562   -6.243  -2.995  1.00 41.48 ? 5   BRU A "O3'" 1 
HETATM 89  O  "O4'" . BRU A 1 5  ? 5.723   -5.587  -2.477  1.00 36.10 ? 5   BRU A "O4'" 1 
HETATM 90  C  "C5'" . BRU A 1 5  ? 5.224   -7.687  -3.604  1.00 36.49 ? 5   BRU A "C5'" 1 
HETATM 91  O  "O5'" . BRU A 1 5  ? 5.269   -8.708  -2.612  1.00 34.64 ? 5   BRU A "O5'" 1 
HETATM 92  P  P     . BRU A 1 5  ? 4.392   -10.003 -2.861  1.00 32.92 ? 5   BRU A P     1 
HETATM 93  O  OP1   . BRU A 1 5  ? 5.038   -10.728 -3.956  1.00 33.53 ? 5   BRU A OP1   1 
HETATM 94  O  OP2   . BRU A 1 5  ? 4.075   -10.685 -1.596  1.00 33.27 ? 5   BRU A OP2   1 
ATOM   95  P  P     . DC  A 1 6  ? 10.027  -6.796  -3.323  1.00 42.65 ? 6   DC  A P     1 
ATOM   96  O  OP1   . DC  A 1 6  ? 10.305  -6.334  -4.726  1.00 43.32 ? 6   DC  A OP1   1 
ATOM   97  O  OP2   . DC  A 1 6  ? 10.086  -8.235  -2.964  1.00 42.90 ? 6   DC  A OP2   1 
ATOM   98  O  "O5'" . DC  A 1 6  ? 10.911  -5.963  -2.303  1.00 42.59 ? 6   DC  A "O5'" 1 
ATOM   99  C  "C5'" . DC  A 1 6  ? 10.243  -5.199  -1.316  1.00 41.26 ? 6   DC  A "C5'" 1 
ATOM   100 C  "C4'" . DC  A 1 6  ? 10.651  -3.747  -1.380  1.00 38.99 ? 6   DC  A "C4'" 1 
ATOM   101 O  "O4'" . DC  A 1 6  ? 9.616   -2.986  -0.719  1.00 37.38 ? 6   DC  A "O4'" 1 
ATOM   102 C  "C3'" . DC  A 1 6  ? 11.921  -3.454  -0.601  1.00 38.67 ? 6   DC  A "C3'" 1 
ATOM   103 O  "O3'" . DC  A 1 6  ? 12.590  -2.328  -1.155  1.00 40.01 ? 6   DC  A "O3'" 1 
ATOM   104 C  "C2'" . DC  A 1 6  ? 11.409  -3.190  0.808   1.00 36.62 ? 6   DC  A "C2'" 1 
ATOM   105 C  "C1'" . DC  A 1 6  ? 10.055  -2.543  0.560   1.00 34.55 ? 6   DC  A "C1'" 1 
ATOM   106 N  N1    . DC  A 1 6  ? 9.026   -2.951  1.518   1.00 30.48 ? 6   DC  A N1    1 
ATOM   107 C  C2    . DC  A 1 6  ? 8.462   -1.974  2.363   1.00 29.24 ? 6   DC  A C2    1 
ATOM   108 O  O2    . DC  A 1 6  ? 8.861   -0.769  2.265   1.00 27.96 ? 6   DC  A O2    1 
ATOM   109 N  N3    . DC  A 1 6  ? 7.502   -2.358  3.262   1.00 26.21 ? 6   DC  A N3    1 
ATOM   110 C  C4    . DC  A 1 6  ? 7.128   -3.632  3.332   1.00 24.32 ? 6   DC  A C4    1 
ATOM   111 N  N4    . DC  A 1 6  ? 6.231   -3.954  4.236   1.00 23.68 ? 6   DC  A N4    1 
ATOM   112 C  C5    . DC  A 1 6  ? 7.679   -4.630  2.473   1.00 26.46 ? 6   DC  A C5    1 
ATOM   113 C  C6    . DC  A 1 6  ? 8.614   -4.250  1.593   1.00 27.96 ? 6   DC  A C6    1 
ATOM   114 P  P     . DC  A 1 7  ? 14.097  -2.011  -0.707  1.00 40.72 ? 7   DC  A P     1 
ATOM   115 O  OP1   . DC  A 1 7  ? 14.675  -1.032  -1.684  1.00 40.95 ? 7   DC  A OP1   1 
ATOM   116 O  OP2   . DC  A 1 7  ? 14.735  -3.343  -0.500  1.00 40.99 ? 7   DC  A OP2   1 
ATOM   117 O  "O5'" . DC  A 1 7  ? 13.940  -1.254  0.690   1.00 40.29 ? 7   DC  A "O5'" 1 
ATOM   118 C  "C5'" . DC  A 1 7  ? 13.543  0.112   0.701   1.00 39.90 ? 7   DC  A "C5'" 1 
ATOM   119 C  "C4'" . DC  A 1 7  ? 13.597  0.679   2.096   1.00 39.31 ? 7   DC  A "C4'" 1 
ATOM   120 O  "O4'" . DC  A 1 7  ? 12.496  0.155   2.884   1.00 38.99 ? 7   DC  A "O4'" 1 
ATOM   121 C  "C3'" . DC  A 1 7  ? 14.861  0.177   2.795   1.00 39.47 ? 7   DC  A "C3'" 1 
ATOM   122 O  "O3'" . DC  A 1 7  ? 15.257  1.126   3.773   1.00 40.32 ? 7   DC  A "O3'" 1 
ATOM   123 C  "C2'" . DC  A 1 7  ? 14.401  -1.105  3.467   1.00 38.42 ? 7   DC  A "C2'" 1 
ATOM   124 C  "C1'" . DC  A 1 7  ? 13.027  -0.655  3.910   1.00 37.77 ? 7   DC  A "C1'" 1 
ATOM   125 N  N1    . DC  A 1 7  ? 12.026  -1.629  4.348   1.00 35.20 ? 7   DC  A N1    1 
ATOM   126 C  C2    . DC  A 1 7  ? 11.042  -1.186  5.242   1.00 32.89 ? 7   DC  A C2    1 
ATOM   127 O  O2    . DC  A 1 7  ? 11.039  0.008   5.575   1.00 32.69 ? 7   DC  A O2    1 
ATOM   128 N  N3    . DC  A 1 7  ? 10.133  -2.063  5.721   1.00 30.93 ? 7   DC  A N3    1 
ATOM   129 C  C4    . DC  A 1 7  ? 10.175  -3.340  5.330   1.00 31.12 ? 7   DC  A C4    1 
ATOM   130 N  N4    . DC  A 1 7  ? 9.255   -4.177  5.826   1.00 29.63 ? 7   DC  A N4    1 
ATOM   131 C  C5    . DC  A 1 7  ? 11.166  -3.822  4.400   1.00 32.94 ? 7   DC  A C5    1 
ATOM   132 C  C6    . DC  A 1 7  ? 12.057  -2.936  3.935   1.00 34.80 ? 7   DC  A C6    1 
ATOM   133 P  P     . DG  A 1 8  ? 16.809  1.506   3.937   1.00 40.92 ? 8   DG  A P     1 
ATOM   134 O  OP1   . DG  A 1 8  ? 17.252  2.434   2.868   1.00 41.21 ? 8   DG  A OP1   1 
ATOM   135 O  OP2   . DG  A 1 8  ? 17.580  0.252   4.206   1.00 40.39 ? 8   DG  A OP2   1 
ATOM   136 O  "O5'" . DG  A 1 8  ? 16.788  2.377   5.263   1.00 41.30 ? 8   DG  A "O5'" 1 
ATOM   137 C  "C5'" . DG  A 1 8  ? 15.716  3.261   5.549   1.00 40.33 ? 8   DG  A "C5'" 1 
ATOM   138 C  "C4'" . DG  A 1 8  ? 15.318  3.108   6.996   1.00 40.55 ? 8   DG  A "C4'" 1 
ATOM   139 O  "O4'" . DG  A 1 8  ? 14.440  1.955   7.155   1.00 39.97 ? 8   DG  A "O4'" 1 
ATOM   140 C  "C3'" . DG  A 1 8  ? 16.580  2.778   7.813   1.00 40.53 ? 8   DG  A "C3'" 1 
ATOM   141 O  "O3'" . DG  A 1 8  ? 16.346  3.109   9.179   1.00 41.68 ? 8   DG  A "O3'" 1 
ATOM   142 C  "C2'" . DG  A 1 8  ? 16.627  1.257   7.756   1.00 40.02 ? 8   DG  A "C2'" 1 
ATOM   143 C  "C1'" . DG  A 1 8  ? 15.148  0.974   7.912   1.00 39.12 ? 8   DG  A "C1'" 1 
ATOM   144 N  N9    . DG  A 1 8  ? 14.621  -0.358  7.651   1.00 37.61 ? 8   DG  A N9    1 
ATOM   145 C  C8    . DG  A 1 8  ? 15.113  -1.335  6.810   1.00 37.06 ? 8   DG  A C8    1 
ATOM   146 N  N7    . DG  A 1 8  ? 14.408  -2.438  6.842   1.00 35.98 ? 8   DG  A N7    1 
ATOM   147 C  C5    . DG  A 1 8  ? 13.388  -2.173  7.761   1.00 35.52 ? 8   DG  A C5    1 
ATOM   148 C  C6    . DG  A 1 8  ? 12.312  -2.994  8.229   1.00 34.61 ? 8   DG  A C6    1 
ATOM   149 O  O6    . DG  A 1 8  ? 12.035  -4.148  7.900   1.00 34.16 ? 8   DG  A O6    1 
ATOM   150 N  N1    . DG  A 1 8  ? 11.527  -2.331  9.176   1.00 33.17 ? 8   DG  A N1    1 
ATOM   151 C  C2    . DG  A 1 8  ? 11.750  -1.047  9.629   1.00 33.94 ? 8   DG  A C2    1 
ATOM   152 N  N2    . DG  A 1 8  ? 10.915  -0.586  10.573  1.00 33.25 ? 8   DG  A N2    1 
ATOM   153 N  N3    . DG  A 1 8  ? 12.729  -0.274  9.197   1.00 35.01 ? 8   DG  A N3    1 
ATOM   154 C  C4    . DG  A 1 8  ? 13.505  -0.896  8.268   1.00 36.39 ? 8   DG  A C4    1 
ATOM   155 P  P     . DC  A 1 9  ? 17.324  4.113   9.985   1.00 41.42 ? 9   DC  A P     1 
ATOM   156 O  OP1   . DC  A 1 9  ? 17.231  5.461   9.359   1.00 41.02 ? 9   DC  A OP1   1 
ATOM   157 O  OP2   . DC  A 1 9  ? 18.658  3.481   10.240  1.00 40.89 ? 9   DC  A OP2   1 
ATOM   158 O  "O5'" . DC  A 1 9  ? 16.552  4.137   11.366  1.00 38.98 ? 9   DC  A "O5'" 1 
ATOM   159 C  "C5'" . DC  A 1 9  ? 15.149  4.050   11.330  1.00 36.01 ? 9   DC  A "C5'" 1 
ATOM   160 C  "C4'" . DC  A 1 9  ? 14.590  3.561   12.639  1.00 34.38 ? 9   DC  A "C4'" 1 
ATOM   161 O  "O4'" . DC  A 1 9  ? 14.117  2.207   12.469  1.00 34.20 ? 9   DC  A "O4'" 1 
ATOM   162 C  "C3'" . DC  A 1 9  ? 15.598  3.495   13.780  1.00 34.21 ? 9   DC  A "C3'" 1 
ATOM   163 O  "O3'" . DC  A 1 9  ? 14.870  3.775   14.986  1.00 34.11 ? 9   DC  A "O3'" 1 
ATOM   164 C  "C2'" . DC  A 1 9  ? 16.149  2.073   13.672  1.00 33.69 ? 9   DC  A "C2'" 1 
ATOM   165 C  "C1'" . DC  A 1 9  ? 14.902  1.305   13.233  1.00 33.82 ? 9   DC  A "C1'" 1 
ATOM   166 N  N1    . DC  A 1 9  ? 14.992  0.018   12.489  1.00 32.90 ? 9   DC  A N1    1 
ATOM   167 C  C2    . DC  A 1 9  ? 13.998  -1.001  12.735  1.00 32.62 ? 9   DC  A C2    1 
ATOM   168 O  O2    . DC  A 1 9  ? 13.100  -0.814  13.612  1.00 32.47 ? 9   DC  A O2    1 
ATOM   169 N  N3    . DC  A 1 9  ? 14.051  -2.151  12.016  1.00 30.72 ? 9   DC  A N3    1 
ATOM   170 C  C4    . DC  A 1 9  ? 15.008  -2.329  11.102  1.00 30.77 ? 9   DC  A C4    1 
ATOM   171 N  N4    . DC  A 1 9  ? 15.004  -3.493  10.402  1.00 30.91 ? 9   DC  A N4    1 
ATOM   172 C  C5    . DC  A 1 9  ? 16.011  -1.341  10.854  1.00 31.26 ? 9   DC  A C5    1 
ATOM   173 C  C6    . DC  A 1 9  ? 15.971  -0.201  11.567  1.00 32.35 ? 9   DC  A C6    1 
ATOM   174 P  P     . DG  A 1 10 ? 15.629  4.303   16.308  1.00 32.55 ? 10  DG  A P     1 
ATOM   175 O  OP1   . DG  A 1 10 ? 14.775  5.352   16.887  1.00 33.53 ? 10  DG  A OP1   1 
ATOM   176 O  OP2   . DG  A 1 10 ? 17.039  4.607   15.961  1.00 33.10 ? 10  DG  A OP2   1 
ATOM   177 O  "O5'" . DG  A 1 10 ? 15.564  3.034   17.283  1.00 31.64 ? 10  DG  A "O5'" 1 
ATOM   178 C  "C5'" . DG  A 1 10 ? 14.312  2.409   17.559  1.00 28.20 ? 10  DG  A "C5'" 1 
ATOM   179 C  "C4'" . DG  A 1 10 ? 14.488  1.041   18.186  1.00 25.87 ? 10  DG  A "C4'" 1 
ATOM   180 O  "O4'" . DG  A 1 10 ? 14.695  -0.007  17.198  1.00 26.52 ? 10  DG  A "O4'" 1 
ATOM   181 C  "C3'" . DG  A 1 10 ? 15.734  0.967   19.072  1.00 24.84 ? 10  DG  A "C3'" 1 
ATOM   182 O  "O3'" . DG  A 1 10 ? 15.501  -0.046  20.067  1.00 24.23 ? 10  DG  A "O3'" 1 
ATOM   183 C  "C2'" . DG  A 1 10 ? 16.813  0.481   18.120  1.00 23.71 ? 10  DG  A "C2'" 1 
ATOM   184 C  "C1'" . DG  A 1 10 ? 15.996  -0.546  17.399  1.00 24.69 ? 10  DG  A "C1'" 1 
ATOM   185 N  N9    . DG  A 1 10 ? 16.472  -1.168  16.174  1.00 23.21 ? 10  DG  A N9    1 
ATOM   186 C  C8    . DG  A 1 10 ? 17.476  -0.745  15.336  1.00 22.30 ? 10  DG  A C8    1 
ATOM   187 N  N7    . DG  A 1 10 ? 17.696  -1.577  14.350  1.00 22.41 ? 10  DG  A N7    1 
ATOM   188 C  C5    . DG  A 1 10 ? 16.763  -2.604  14.545  1.00 22.13 ? 10  DG  A C5    1 
ATOM   189 C  C6    . DG  A 1 10 ? 16.506  -3.800  13.789  1.00 21.95 ? 10  DG  A C6    1 
ATOM   190 O  O6    . DG  A 1 10 ? 17.056  -4.206  12.760  1.00 23.90 ? 10  DG  A O6    1 
ATOM   191 N  N1    . DG  A 1 10 ? 15.494  -4.554  14.350  1.00 21.44 ? 10  DG  A N1    1 
ATOM   192 C  C2    . DG  A 1 10 ? 14.804  -4.227  15.485  1.00 21.53 ? 10  DG  A C2    1 
ATOM   193 N  N2    . DG  A 1 10 ? 13.890  -5.122  15.888  1.00 20.64 ? 10  DG  A N2    1 
ATOM   194 N  N3    . DG  A 1 10 ? 15.010  -3.114  16.185  1.00 22.79 ? 10  DG  A N3    1 
ATOM   195 C  C4    . DG  A 1 10 ? 16.001  -2.359  15.660  1.00 22.02 ? 10  DG  A C4    1 
ATOM   196 P  P     . DC  A 1 11 ? 15.395  0.367   21.611  1.00 21.28 ? 11  DC  A P     1 
ATOM   197 O  OP1   . DC  A 1 11 ? 14.329  1.380   21.843  1.00 23.00 ? 11  DC  A OP1   1 
ATOM   198 O  OP2   . DC  A 1 11 ? 16.757  0.616   22.096  1.00 22.73 ? 11  DC  A OP2   1 
ATOM   199 O  "O5'" . DC  A 1 11 ? 14.881  -0.985  22.242  1.00 22.49 ? 11  DC  A "O5'" 1 
ATOM   200 C  "C5'" . DC  A 1 11 ? 13.604  -1.499  21.919  1.00 20.50 ? 11  DC  A "C5'" 1 
ATOM   201 C  "C4'" . DC  A 1 11 ? 13.595  -3.012  21.966  1.00 19.69 ? 11  DC  A "C4'" 1 
ATOM   202 O  "O4'" . DC  A 1 11 ? 14.166  -3.544  20.737  1.00 20.25 ? 11  DC  A "O4'" 1 
ATOM   203 C  "C3'" . DC  A 1 11 ? 14.460  -3.615  23.087  1.00 19.29 ? 11  DC  A "C3'" 1 
ATOM   204 O  "O3'" . DC  A 1 11 ? 13.948  -4.893  23.427  1.00 21.50 ? 11  DC  A "O3'" 1 
ATOM   205 C  "C2'" . DC  A 1 11 ? 15.814  -3.821  22.419  1.00 18.87 ? 11  DC  A "C2'" 1 
ATOM   206 C  "C1'" . DC  A 1 11 ? 15.375  -4.258  21.040  1.00 19.18 ? 11  DC  A "C1'" 1 
ATOM   207 N  N1    . DC  A 1 11 ? 16.315  -4.146  19.911  1.00 18.17 ? 11  DC  A N1    1 
ATOM   208 C  C2    . DC  A 1 11 ? 16.288  -5.161  18.959  1.00 19.12 ? 11  DC  A C2    1 
ATOM   209 O  O2    . DC  A 1 11 ? 15.474  -6.091  19.095  1.00 19.95 ? 11  DC  A O2    1 
ATOM   210 N  N3    . DC  A 1 11 ? 17.141  -5.105  17.909  1.00 18.52 ? 11  DC  A N3    1 
ATOM   211 C  C4    . DC  A 1 11 ? 18.005  -4.082  17.797  1.00 16.41 ? 11  DC  A C4    1 
ATOM   212 N  N4    . DC  A 1 11 ? 18.847  -4.093  16.739  1.00 15.96 ? 11  DC  A N4    1 
ATOM   213 C  C5    . DC  A 1 11 ? 18.046  -3.023  18.755  1.00 16.66 ? 11  DC  A C5    1 
ATOM   214 C  C6    . DC  A 1 11 ? 17.191  -3.094  19.784  1.00 16.79 ? 11  DC  A C6    1 
ATOM   215 P  P     . DG  A 1 12 ? 14.076  -5.456  24.924  1.00 21.78 ? 12  DG  A P     1 
ATOM   216 O  OP1   . DG  A 1 12 ? 12.973  -6.435  25.041  1.00 22.85 ? 12  DG  A OP1   1 
ATOM   217 O  OP2   . DG  A 1 12 ? 14.140  -4.320  25.854  1.00 21.63 ? 12  DG  A OP2   1 
ATOM   218 O  "O5'" . DG  A 1 12 ? 15.497  -6.206  24.994  1.00 23.19 ? 12  DG  A "O5'" 1 
ATOM   219 C  "C5'" . DG  A 1 12 ? 15.844  -7.236  24.065  1.00 22.15 ? 12  DG  A "C5'" 1 
ATOM   220 C  "C4'" . DG  A 1 12 ? 17.319  -7.604  24.133  1.00 23.53 ? 12  DG  A "C4'" 1 
ATOM   221 O  "O4'" . DG  A 1 12 ? 18.169  -6.455  23.863  1.00 23.44 ? 12  DG  A "O4'" 1 
ATOM   222 C  "C3'" . DG  A 1 12 ? 17.864  -8.155  25.456  1.00 24.05 ? 12  DG  A "C3'" 1 
ATOM   223 O  "O3'" . DG  A 1 12 ? 18.126  -9.500  25.897  1.00 26.08 ? 12  DG  A "O3'" 1 
ATOM   224 C  "C2'" . DG  A 1 12 ? 18.429  -6.965  26.173  1.00 23.98 ? 12  DG  A "C2'" 1 
ATOM   225 C  "C1'" . DG  A 1 12 ? 18.871  -6.028  25.054  1.00 23.01 ? 12  DG  A "C1'" 1 
ATOM   226 N  N9    . DG  A 1 12 ? 18.338  -4.719  25.409  1.00 23.04 ? 12  DG  A N9    1 
ATOM   227 C  C8    . DG  A 1 12 ? 17.610  -4.453  26.553  1.00 22.34 ? 12  DG  A C8    1 
ATOM   228 N  N7    . DG  A 1 12 ? 17.100  -3.259  26.572  1.00 22.51 ? 12  DG  A N7    1 
ATOM   229 C  C5    . DG  A 1 12 ? 17.534  -2.679  25.388  1.00 21.71 ? 12  DG  A C5    1 
ATOM   230 C  C6    . DG  A 1 12 ? 17.277  -1.373  24.859  1.00 22.96 ? 12  DG  A C6    1 
ATOM   231 O  O6    . DG  A 1 12 ? 16.577  -0.457  25.358  1.00 21.88 ? 12  DG  A O6    1 
ATOM   232 N  N1    . DG  A 1 12 ? 17.928  -1.182  23.635  1.00 20.26 ? 12  DG  A N1    1 
ATOM   233 C  C2    . DG  A 1 12 ? 18.735  -2.129  22.999  1.00 20.03 ? 12  DG  A C2    1 
ATOM   234 N  N2    . DG  A 1 12 ? 19.292  -1.745  21.829  1.00 17.22 ? 12  DG  A N2    1 
ATOM   235 N  N3    . DG  A 1 12 ? 18.969  -3.351  23.486  1.00 20.78 ? 12  DG  A N3    1 
ATOM   236 C  C4    . DG  A 1 12 ? 18.340  -3.554  24.673  1.00 22.12 ? 12  DG  A C4    1 
ATOM   237 O  "O5'" . DC  B 2 1  ? 17.268  -14.950 8.203   1.00 30.31 ? 13  DC  B "O5'" 1 
ATOM   238 C  "C5'" . DC  B 2 1  ? 18.267  -14.019 7.860   1.00 26.77 ? 13  DC  B "C5'" 1 
ATOM   239 C  "C4'" . DC  B 2 1  ? 19.478  -14.490 8.625   1.00 25.16 ? 13  DC  B "C4'" 1 
ATOM   240 O  "O4'" . DC  B 2 1  ? 20.054  -15.672 7.992   1.00 24.85 ? 13  DC  B "O4'" 1 
ATOM   241 C  "C3'" . DC  B 2 1  ? 20.572  -13.439 8.579   1.00 24.33 ? 13  DC  B "C3'" 1 
ATOM   242 O  "O3'" . DC  B 2 1  ? 21.344  -13.559 9.782   1.00 23.38 ? 13  DC  B "O3'" 1 
ATOM   243 C  "C2'" . DC  B 2 1  ? 21.341  -13.799 7.316   1.00 23.11 ? 13  DC  B "C2'" 1 
ATOM   244 C  "C1'" . DC  B 2 1  ? 21.282  -15.323 7.336   1.00 23.94 ? 13  DC  B "C1'" 1 
ATOM   245 N  N1    . DC  B 2 1  ? 21.301  -15.955 6.000   1.00 22.13 ? 13  DC  B N1    1 
ATOM   246 C  C2    . DC  B 2 1  ? 22.260  -16.916 5.744   1.00 21.19 ? 13  DC  B C2    1 
ATOM   247 O  O2    . DC  B 2 1  ? 23.050  -17.203 6.655   1.00 22.37 ? 13  DC  B O2    1 
ATOM   248 N  N3    . DC  B 2 1  ? 22.310  -17.501 4.511   1.00 19.67 ? 13  DC  B N3    1 
ATOM   249 C  C4    . DC  B 2 1  ? 21.432  -17.127 3.561   1.00 20.22 ? 13  DC  B C4    1 
ATOM   250 N  N4    . DC  B 2 1  ? 21.507  -17.697 2.356   1.00 20.10 ? 13  DC  B N4    1 
ATOM   251 C  C5    . DC  B 2 1  ? 20.436  -16.150 3.805   1.00 20.89 ? 13  DC  B C5    1 
ATOM   252 C  C6    . DC  B 2 1  ? 20.401  -15.600 5.031   1.00 22.13 ? 13  DC  B C6    1 
ATOM   253 P  P     . DG  B 2 2  ? 21.114  -12.519 10.963  1.00 19.96 ? 14  DG  B P     1 
ATOM   254 O  OP1   . DG  B 2 2  ? 20.965  -11.187 10.315  1.00 21.87 ? 14  DG  B OP1   1 
ATOM   255 O  OP2   . DG  B 2 2  ? 22.130  -12.755 11.970  1.00 20.45 ? 14  DG  B OP2   1 
ATOM   256 O  "O5'" . DG  B 2 2  ? 19.712  -12.912 11.588  1.00 22.39 ? 14  DG  B "O5'" 1 
ATOM   257 C  "C5'" . DG  B 2 2  ? 19.635  -13.798 12.683  1.00 22.26 ? 14  DG  B "C5'" 1 
ATOM   258 C  "C4'" . DG  B 2 2  ? 18.243  -13.795 13.278  1.00 23.16 ? 14  DG  B "C4'" 1 
ATOM   259 O  "O4'" . DG  B 2 2  ? 17.991  -12.590 14.045  1.00 22.38 ? 14  DG  B "O4'" 1 
ATOM   260 C  "C3'" . DG  B 2 2  ? 17.119  -13.838 12.249  1.00 23.61 ? 14  DG  B "C3'" 1 
ATOM   261 O  "O3'" . DG  B 2 2  ? 16.043  -14.563 12.805  1.00 25.62 ? 14  DG  B "O3'" 1 
ATOM   262 C  "C2'" . DG  B 2 2  ? 16.805  -12.376 11.996  1.00 22.76 ? 14  DG  B "C2'" 1 
ATOM   263 C  "C1'" . DG  B 2 2  ? 17.025  -11.772 13.380  1.00 21.88 ? 14  DG  B "C1'" 1 
ATOM   264 N  N9    . DG  B 2 2  ? 17.552  -10.418 13.401  1.00 20.85 ? 14  DG  B N9    1 
ATOM   265 C  C8    . DG  B 2 2  ? 18.574  -9.920  12.637  1.00 19.79 ? 14  DG  B C8    1 
ATOM   266 N  N7    . DG  B 2 2  ? 18.929  -8.718  12.981  1.00 19.85 ? 14  DG  B N7    1 
ATOM   267 C  C5    . DG  B 2 2  ? 18.061  -8.385  14.014  1.00 20.52 ? 14  DG  B C5    1 
ATOM   268 C  C6    . DG  B 2 2  ? 17.977  -7.212  14.810  1.00 19.97 ? 14  DG  B C6    1 
ATOM   269 O  O6    . DG  B 2 2  ? 18.669  -6.201  14.755  1.00 22.37 ? 14  DG  B O6    1 
ATOM   270 N  N1    . DG  B 2 2  ? 16.954  -7.300  15.757  1.00 20.47 ? 14  DG  B N1    1 
ATOM   271 C  C2    . DG  B 2 2  ? 16.119  -8.384  15.922  1.00 20.52 ? 14  DG  B C2    1 
ATOM   272 N  N2    . DG  B 2 2  ? 15.196  -8.276  16.896  1.00 21.46 ? 14  DG  B N2    1 
ATOM   273 N  N3    . DG  B 2 2  ? 16.190  -9.486  15.189  1.00 19.93 ? 14  DG  B N3    1 
ATOM   274 C  C4    . DG  B 2 2  ? 17.181  -9.419  14.263  1.00 20.37 ? 14  DG  B C4    1 
ATOM   275 P  P     . DC  B 2 3  ? 14.689  -14.729 11.993  1.00 26.99 ? 15  DC  B P     1 
ATOM   276 O  OP1   . DC  B 2 3  ? 14.109  -15.907 12.611  1.00 29.21 ? 15  DC  B OP1   1 
ATOM   277 O  OP2   . DC  B 2 3  ? 14.908  -14.689 10.525  1.00 28.62 ? 15  DC  B OP2   1 
ATOM   278 O  "O5'" . DC  B 2 3  ? 13.797  -13.521 12.497  1.00 29.12 ? 15  DC  B "O5'" 1 
ATOM   279 C  "C5'" . DC  B 2 3  ? 13.652  -13.345 13.903  1.00 30.35 ? 15  DC  B "C5'" 1 
ATOM   280 C  "C4'" . DC  B 2 3  ? 12.651  -12.273 14.255  1.00 29.96 ? 15  DC  B "C4'" 1 
ATOM   281 O  "O4'" . DC  B 2 3  ? 13.289  -10.964 14.250  1.00 29.52 ? 15  DC  B "O4'" 1 
ATOM   282 C  "C3'" . DC  B 2 3  ? 11.532  -12.163 13.215  1.00 31.22 ? 15  DC  B "C3'" 1 
ATOM   283 O  "O3'" . DC  B 2 3  ? 10.349  -11.731 13.848  1.00 33.97 ? 15  DC  B "O3'" 1 
ATOM   284 C  "C2'" . DC  B 2 3  ? 12.015  -11.062 12.289  1.00 30.32 ? 15  DC  B "C2'" 1 
ATOM   285 C  "C1'" . DC  B 2 3  ? 12.689  -10.136 13.278  1.00 27.99 ? 15  DC  B "C1'" 1 
ATOM   286 N  N1    . DC  B 2 3  ? 13.695  -9.213  12.749  1.00 25.85 ? 15  DC  B N1    1 
ATOM   287 C  C2    . DC  B 2 3  ? 13.866  -7.970  13.362  1.00 25.42 ? 15  DC  B C2    1 
ATOM   288 O  O2    . DC  B 2 3  ? 13.172  -7.690  14.373  1.00 25.39 ? 15  DC  B O2    1 
ATOM   289 N  N3    . DC  B 2 3  ? 14.784  -7.097  12.844  1.00 23.44 ? 15  DC  B N3    1 
ATOM   290 C  C4    . DC  B 2 3  ? 15.504  -7.444  11.772  1.00 22.37 ? 15  DC  B C4    1 
ATOM   291 N  N4    . DC  B 2 3  ? 16.406  -6.570  11.288  1.00 22.44 ? 15  DC  B N4    1 
ATOM   292 C  C5    . DC  B 2 3  ? 15.345  -8.702  11.140  1.00 23.90 ? 15  DC  B C5    1 
ATOM   293 C  C6    . DC  B 2 3  ? 14.443  -9.549  11.657  1.00 26.05 ? 15  DC  B C6    1 
ATOM   294 P  P     . DG  B 2 4  ? 8.916   -12.248 13.350  1.00 32.88 ? 16  DG  B P     1 
ATOM   295 O  OP1   . DG  B 2 4  ? 8.621   -13.472 14.109  1.00 33.61 ? 16  DG  B OP1   1 
ATOM   296 O  OP2   . DG  B 2 4  ? 8.842   -12.253 11.886  1.00 34.23 ? 16  DG  B OP2   1 
ATOM   297 O  "O5'" . DG  B 2 4  ? 8.020   -11.081 13.920  1.00 33.25 ? 16  DG  B "O5'" 1 
ATOM   298 C  "C5'" . DG  B 2 4  ? 8.244   -10.675 15.260  1.00 33.88 ? 16  DG  B "C5'" 1 
ATOM   299 C  "C4'" . DG  B 2 4  ? 7.901   -9.219  15.480  1.00 34.42 ? 16  DG  B "C4'" 1 
ATOM   300 O  "O4'" . DG  B 2 4  ? 8.944   -8.327  14.979  1.00 33.35 ? 16  DG  B "O4'" 1 
ATOM   301 C  "C3'" . DG  B 2 4  ? 6.627   -8.803  14.736  1.00 35.36 ? 16  DG  B "C3'" 1 
ATOM   302 O  "O3'" . DG  B 2 4  ? 5.897   -7.874  15.560  1.00 37.24 ? 16  DG  B "O3'" 1 
ATOM   303 C  "C2'" . DG  B 2 4  ? 7.161   -8.249  13.412  1.00 34.36 ? 16  DG  B "C2'" 1 
ATOM   304 C  "C1'" . DG  B 2 4  ? 8.442   -7.562  13.889  1.00 33.06 ? 16  DG  B "C1'" 1 
ATOM   305 N  N9    . DG  B 2 4  ? 9.515   -7.348  12.933  1.00 31.46 ? 16  DG  B N9    1 
ATOM   306 C  C8    . DG  B 2 4  ? 9.886   -8.167  11.891  1.00 31.29 ? 16  DG  B C8    1 
ATOM   307 N  N7    . DG  B 2 4  ? 10.869  -7.682  11.180  1.00 30.86 ? 16  DG  B N7    1 
ATOM   308 C  C5    . DG  B 2 4  ? 11.171  -6.469  11.797  1.00 31.53 ? 16  DG  B C5    1 
ATOM   309 C  C6    . DG  B 2 4  ? 12.158  -5.479  11.477  1.00 30.64 ? 16  DG  B C6    1 
ATOM   310 O  O6    . DG  B 2 4  ? 12.989  -5.471  10.550  1.00 32.10 ? 16  DG  B O6    1 
ATOM   311 N  N1    . DG  B 2 4  ? 12.121  -4.420  12.371  1.00 30.04 ? 16  DG  B N1    1 
ATOM   312 C  C2    . DG  B 2 4  ? 11.270  -4.304  13.434  1.00 28.82 ? 16  DG  B C2    1 
ATOM   313 N  N2    . DG  B 2 4  ? 11.434  -3.190  14.183  1.00 27.88 ? 16  DG  B N2    1 
ATOM   314 N  N3    . DG  B 2 4  ? 10.340  -5.205  13.743  1.00 30.25 ? 16  DG  B N3    1 
ATOM   315 C  C4    . DG  B 2 4  ? 10.346  -6.255  12.887  1.00 31.12 ? 16  DG  B C4    1 
ATOM   316 P  P     . DC  B 2 5  ? 4.460   -7.366  15.107  1.00 37.11 ? 17  DC  B P     1 
ATOM   317 O  OP1   . DC  B 2 5  ? 3.609   -7.110  16.279  1.00 37.03 ? 17  DC  B OP1   1 
ATOM   318 O  OP2   . DC  B 2 5  ? 4.051   -8.367  14.092  1.00 37.32 ? 17  DC  B OP2   1 
ATOM   319 O  "O5'" . DC  B 2 5  ? 4.830   -5.941  14.518  1.00 38.11 ? 17  DC  B "O5'" 1 
ATOM   320 C  "C5'" . DC  B 2 5  ? 5.820   -5.186  15.185  1.00 39.49 ? 17  DC  B "C5'" 1 
ATOM   321 C  "C4'" . DC  B 2 5  ? 5.796   -3.755  14.730  1.00 40.63 ? 17  DC  B "C4'" 1 
ATOM   322 O  "O4'" . DC  B 2 5  ? 6.897   -3.526  13.834  1.00 40.79 ? 17  DC  B "O4'" 1 
ATOM   323 C  "C3'" . DC  B 2 5  ? 4.544   -3.450  13.923  1.00 41.98 ? 17  DC  B "C3'" 1 
ATOM   324 O  "O3'" . DC  B 2 5  ? 4.287   -2.062  14.050  1.00 44.27 ? 17  DC  B "O3'" 1 
ATOM   325 C  "C2'" . DC  B 2 5  ? 4.959   -3.784  12.504  1.00 41.60 ? 17  DC  B "C2'" 1 
ATOM   326 C  "C1'" . DC  B 2 5  ? 6.405   -3.312  12.521  1.00 40.16 ? 17  DC  B "C1'" 1 
ATOM   327 N  N1    . DC  B 2 5  ? 7.306   -3.969  11.579  1.00 37.96 ? 17  DC  B N1    1 
ATOM   328 C  C2    . DC  B 2 5  ? 8.497   -3.333  11.253  1.00 36.09 ? 17  DC  B C2    1 
ATOM   329 O  O2    . DC  B 2 5  ? 8.792   -2.271  11.846  1.00 33.79 ? 17  DC  B O2    1 
ATOM   330 N  N3    . DC  B 2 5  ? 9.295   -3.878  10.304  1.00 35.53 ? 17  DC  B N3    1 
ATOM   331 C  C4    . DC  B 2 5  ? 8.932   -5.011  9.702   1.00 36.07 ? 17  DC  B C4    1 
ATOM   332 N  N4    . DC  B 2 5  ? 9.712   -5.489  8.755   1.00 37.21 ? 17  DC  B N4    1 
ATOM   333 C  C5    . DC  B 2 5  ? 7.741   -5.702  10.048  1.00 36.66 ? 17  DC  B C5    1 
ATOM   334 C  C6    . DC  B 2 5  ? 6.969   -5.157  10.994  1.00 37.91 ? 17  DC  B C6    1 
ATOM   335 P  P     . DG  B 2 6  ? 2.850   -1.464  13.637  1.00 44.43 ? 18  DG  B P     1 
ATOM   336 O  OP1   . DG  B 2 6  ? 2.017   -1.545  14.860  1.00 45.22 ? 18  DG  B OP1   1 
ATOM   337 O  OP2   . DG  B 2 6  ? 2.363   -2.120  12.378  1.00 43.77 ? 18  DG  B OP2   1 
ATOM   338 O  "O5'" . DG  B 2 6  ? 3.258   0.058   13.398  1.00 42.94 ? 18  DG  B "O5'" 1 
ATOM   339 C  "C5'" . DG  B 2 6  ? 4.330   0.639   14.151  1.00 39.38 ? 18  DG  B "C5'" 1 
ATOM   340 C  "C4'" . DG  B 2 6  ? 4.992   1.753   13.369  1.00 37.22 ? 18  DG  B "C4'" 1 
ATOM   341 O  "O4'" . DG  B 2 6  ? 5.840   1.226   12.322  1.00 35.79 ? 18  DG  B "O4'" 1 
ATOM   342 C  "C3'" . DG  B 2 6  ? 4.017   2.666   12.633  1.00 36.54 ? 18  DG  B "C3'" 1 
ATOM   343 O  "O3'" . DG  B 2 6  ? 4.612   3.961   12.547  1.00 37.18 ? 18  DG  B "O3'" 1 
ATOM   344 C  "C2'" . DG  B 2 6  ? 3.880   2.000   11.269  1.00 35.07 ? 18  DG  B "C2'" 1 
ATOM   345 C  "C1'" . DG  B 2 6  ? 5.284   1.490   11.032  1.00 33.81 ? 18  DG  B "C1'" 1 
ATOM   346 N  N9    . DG  B 2 6  ? 5.436   0.278   10.233  1.00 31.58 ? 18  DG  B N9    1 
ATOM   347 C  C8    . DG  B 2 6  ? 4.605   -0.815  10.186  1.00 30.98 ? 18  DG  B C8    1 
ATOM   348 N  N7    . DG  B 2 6  ? 5.068   -1.783  9.438   1.00 29.07 ? 18  DG  B N7    1 
ATOM   349 C  C5    . DG  B 2 6  ? 6.266   -1.281  8.939   1.00 29.89 ? 18  DG  B C5    1 
ATOM   350 C  C6    . DG  B 2 6  ? 7.225   -1.867  8.055   1.00 29.17 ? 18  DG  B C6    1 
ATOM   351 O  O6    . DG  B 2 6  ? 7.211   -2.985  7.521   1.00 28.54 ? 18  DG  B O6    1 
ATOM   352 N  N1    . DG  B 2 6  ? 8.278   -1.013  7.810   1.00 29.28 ? 18  DG  B N1    1 
ATOM   353 C  C2    . DG  B 2 6  ? 8.407   0.243   8.336   1.00 32.38 ? 18  DG  B C2    1 
ATOM   354 N  N2    . DG  B 2 6  ? 9.502   0.929   7.961   1.00 35.31 ? 18  DG  B N2    1 
ATOM   355 N  N3    . DG  B 2 6  ? 7.538   0.800   9.159   1.00 32.35 ? 18  DG  B N3    1 
ATOM   356 C  C4    . DG  B 2 6  ? 6.498   -0.011  9.413   1.00 30.82 ? 18  DG  B C4    1 
ATOM   357 P  P     . DG  B 2 7  ? 3.743   5.204   12.074  1.00 37.58 ? 19  DG  B P     1 
ATOM   358 O  OP1   . DG  B 2 7  ? 3.846   6.211   13.153  1.00 39.75 ? 19  DG  B OP1   1 
ATOM   359 O  OP2   . DG  B 2 7  ? 2.411   4.685   11.683  1.00 38.42 ? 19  DG  B OP2   1 
ATOM   360 O  "O5'" . DG  B 2 7  ? 4.527   5.751   10.795  1.00 36.97 ? 19  DG  B "O5'" 1 
ATOM   361 C  "C5'" . DG  B 2 7  ? 5.567   4.986   10.227  1.00 35.20 ? 19  DG  B "C5'" 1 
ATOM   362 C  "C4'" . DG  B 2 7  ? 5.894   5.426   8.818   1.00 33.98 ? 19  DG  B "C4'" 1 
ATOM   363 O  "O4'" . DG  B 2 7  ? 6.100   4.191   8.106   1.00 33.61 ? 19  DG  B "O4'" 1 
ATOM   364 C  "C3'" . DG  B 2 7  ? 4.796   6.157   8.026   1.00 33.79 ? 19  DG  B "C3'" 1 
ATOM   365 O  "O3'" . DG  B 2 7  ? 5.395   6.891   6.907   1.00 33.49 ? 19  DG  B "O3'" 1 
ATOM   366 C  "C2'" . DG  B 2 7  ? 3.981   5.001   7.456   1.00 33.37 ? 19  DG  B "C2'" 1 
ATOM   367 C  "C1'" . DG  B 2 7  ? 5.076   4.014   7.145   1.00 32.98 ? 19  DG  B "C1'" 1 
ATOM   368 N  N9    . DG  B 2 7  ? 4.767   2.593   7.012   1.00 32.30 ? 19  DG  B N9    1 
ATOM   369 C  C8    . DG  B 2 7  ? 3.680   1.907   7.485   1.00 31.61 ? 19  DG  B C8    1 
ATOM   370 N  N7    . DG  B 2 7  ? 3.669   0.649   7.107   1.00 31.77 ? 19  DG  B N7    1 
ATOM   371 C  C5    . DG  B 2 7  ? 4.832   0.490   6.354   1.00 31.47 ? 19  DG  B C5    1 
ATOM   372 C  C6    . DG  B 2 7  ? 5.360   -0.658  5.647   1.00 30.79 ? 19  DG  B C6    1 
ATOM   373 O  O6    . DG  B 2 7  ? 4.893   -1.804  5.552   1.00 29.23 ? 19  DG  B O6    1 
ATOM   374 N  N1    . DG  B 2 7  ? 6.557   -0.350  5.000   1.00 31.18 ? 19  DG  B N1    1 
ATOM   375 C  C2    . DG  B 2 7  ? 7.178   0.877   5.022   1.00 32.12 ? 19  DG  B C2    1 
ATOM   376 N  N2    . DG  B 2 7  ? 8.328   0.983   4.325   1.00 32.77 ? 19  DG  B N2    1 
ATOM   377 N  N3    . DG  B 2 7  ? 6.710   1.931   5.673   1.00 31.99 ? 19  DG  B N3    1 
ATOM   378 C  C4    . DG  B 2 7  ? 5.537   1.671   6.303   1.00 32.11 ? 19  DG  B C4    1 
ATOM   379 P  P     . DA  B 2 8  ? 4.628   8.150   6.227   1.00 32.32 ? 20  DA  B P     1 
ATOM   380 O  OP1   . DA  B 2 8  ? 5.479   9.345   6.292   1.00 33.24 ? 20  DA  B OP1   1 
ATOM   381 O  OP2   . DA  B 2 8  ? 3.258   8.211   6.779   1.00 33.68 ? 20  DA  B OP2   1 
ATOM   382 O  "O5'" . DA  B 2 8  ? 4.529   7.875   4.657   1.00 32.33 ? 20  DA  B "O5'" 1 
ATOM   383 C  "C5'" . DA  B 2 8  ? 4.419   6.579   4.132   1.00 31.90 ? 20  DA  B "C5'" 1 
ATOM   384 C  "C4'" . DA  B 2 8  ? 5.781   6.023   3.776   1.00 30.23 ? 20  DA  B "C4'" 1 
ATOM   385 O  "O4'" . DA  B 2 8  ? 5.745   4.663   4.181   1.00 29.73 ? 20  DA  B "O4'" 1 
ATOM   386 C  "C3'" . DA  B 2 8  ? 6.141   5.997   2.281   1.00 31.36 ? 20  DA  B "C3'" 1 
ATOM   387 O  "O3'" . DA  B 2 8  ? 7.537   5.648   2.170   1.00 33.83 ? 20  DA  B "O3'" 1 
ATOM   388 C  "C2'" . DA  B 2 8  ? 5.453   4.737   1.828   1.00 29.66 ? 20  DA  B "C2'" 1 
ATOM   389 C  "C1'" . DA  B 2 8  ? 5.688   3.843   3.031   1.00 29.07 ? 20  DA  B "C1'" 1 
ATOM   390 N  N9    . DA  B 2 8  ? 4.673   2.832   3.264   1.00 26.25 ? 20  DA  B N9    1 
ATOM   391 C  C8    . DA  B 2 8  ? 3.516   2.878   3.995   1.00 24.35 ? 20  DA  B C8    1 
ATOM   392 N  N7    . DA  B 2 8  ? 2.865   1.738   4.016   1.00 24.50 ? 20  DA  B N7    1 
ATOM   393 C  C5    . DA  B 2 8  ? 3.652   0.889   3.235   1.00 24.70 ? 20  DA  B C5    1 
ATOM   394 C  C6    . DA  B 2 8  ? 3.528   -0.473  2.855   1.00 24.06 ? 20  DA  B C6    1 
ATOM   395 N  N6    . DA  B 2 8  ? 2.518   -1.262  3.228   1.00 21.67 ? 20  DA  B N6    1 
ATOM   396 N  N1    . DA  B 2 8  ? 4.499   -0.998  2.065   1.00 22.26 ? 20  DA  B N1    1 
ATOM   397 C  C2    . DA  B 2 8  ? 5.508   -0.210  1.677   1.00 23.04 ? 20  DA  B C2    1 
ATOM   398 N  N3    . DA  B 2 8  ? 5.733   1.073   1.953   1.00 25.08 ? 20  DA  B N3    1 
ATOM   399 C  C4    . DA  B 2 8  ? 4.760   1.563   2.754   1.00 25.73 ? 20  DA  B C4    1 
ATOM   400 P  P     . DG  B 2 9  ? 8.527   6.401   1.128   1.00 33.40 ? 21  DG  B P     1 
ATOM   401 O  OP1   . DG  B 2 9  ? 9.929   6.068   1.514   1.00 34.54 ? 21  DG  B OP1   1 
ATOM   402 O  OP2   . DG  B 2 9  ? 8.092   7.804   1.109   1.00 34.61 ? 21  DG  B OP2   1 
ATOM   403 O  "O5'" . DG  B 2 9  ? 8.272   5.733   -0.296  1.00 32.86 ? 21  DG  B "O5'" 1 
ATOM   404 C  "C5'" . DG  B 2 9  ? 7.576   4.517   -0.395  1.00 32.17 ? 21  DG  B "C5'" 1 
ATOM   405 C  "C4'" . DG  B 2 9  ? 7.559   4.014   -1.815  1.00 30.85 ? 21  DG  B "C4'" 1 
ATOM   406 O  "O4'" . DG  B 2 9  ? 6.715   2.850   -1.792  1.00 30.58 ? 21  DG  B "O4'" 1 
ATOM   407 C  "C3'" . DG  B 2 9  ? 6.914   4.928   -2.859  1.00 31.18 ? 21  DG  B "C3'" 1 
ATOM   408 O  "O3'" . DG  B 2 9  ? 7.263   4.414   -4.151  1.00 31.64 ? 21  DG  B "O3'" 1 
ATOM   409 C  "C2'" . DG  B 2 9  ? 5.436   4.583   -2.749  1.00 29.40 ? 21  DG  B "C2'" 1 
ATOM   410 C  "C1'" . DG  B 2 9  ? 5.476   3.104   -2.438  1.00 27.86 ? 21  DG  B "C1'" 1 
ATOM   411 N  N9    . DG  B 2 9  ? 4.427   2.610   -1.549  1.00 24.98 ? 21  DG  B N9    1 
ATOM   412 C  C8    . DG  B 2 9  ? 3.682   3.312   -0.631  1.00 21.47 ? 21  DG  B C8    1 
ATOM   413 N  N7    . DG  B 2 9  ? 2.834   2.561   0.008   1.00 21.50 ? 21  DG  B N7    1 
ATOM   414 C  C5    . DG  B 2 9  ? 3.024   1.291   -0.518  1.00 20.81 ? 21  DG  B C5    1 
ATOM   415 C  C6    . DG  B 2 9  ? 2.358   0.034   -0.245  1.00 20.88 ? 21  DG  B C6    1 
ATOM   416 O  O6    . DG  B 2 9  ? 1.437   -0.208  0.540   1.00 20.61 ? 21  DG  B O6    1 
ATOM   417 N  N1    . DG  B 2 9  ? 2.879   -0.997  -1.035  1.00 19.81 ? 21  DG  B N1    1 
ATOM   418 C  C2    . DG  B 2 9  ? 3.875   -0.836  -1.965  1.00 19.91 ? 21  DG  B C2    1 
ATOM   419 N  N2    . DG  B 2 9  ? 4.226   -1.903  -2.635  1.00 22.16 ? 21  DG  B N2    1 
ATOM   420 N  N3    . DG  B 2 9  ? 4.481   0.299   -2.228  1.00 21.42 ? 21  DG  B N3    1 
ATOM   421 C  C4    . DG  B 2 9  ? 4.009   1.312   -1.479  1.00 21.90 ? 21  DG  B C4    1 
ATOM   422 O  "O5'" . DC  C 1 1  ? -4.412  -2.940  9.174   1.00 30.79 ? 31  DC  C "O5'" 1 
ATOM   423 C  "C5'" . DC  C 1 1  ? -3.147  -2.900  9.849   1.00 31.58 ? 31  DC  C "C5'" 1 
ATOM   424 C  "C4'" . DC  C 1 1  ? -2.960  -1.723  10.788  1.00 31.38 ? 31  DC  C "C4'" 1 
ATOM   425 O  "O4'" . DC  C 1 1  ? -1.537  -1.675  11.088  1.00 30.84 ? 31  DC  C "O4'" 1 
ATOM   426 C  "C3'" . DC  C 1 1  ? -3.239  -0.378  10.139  1.00 31.37 ? 31  DC  C "C3'" 1 
ATOM   427 O  "O3'" . DC  C 1 1  ? -4.044  0.583   10.754  1.00 32.06 ? 31  DC  C "O3'" 1 
ATOM   428 C  "C2'" . DC  C 1 1  ? -1.934  0.107   9.584   1.00 31.62 ? 31  DC  C "C2'" 1 
ATOM   429 C  "C1'" . DC  C 1 1  ? -0.887  -0.595  10.403  1.00 30.93 ? 31  DC  C "C1'" 1 
ATOM   430 N  N1    . DC  C 1 1  ? -0.003  -1.190  9.377   1.00 30.72 ? 31  DC  C N1    1 
ATOM   431 C  C2    . DC  C 1 1  ? 1.097   -0.465  8.941   1.00 29.37 ? 31  DC  C C2    1 
ATOM   432 O  O2    . DC  C 1 1  ? 1.331   0.648   9.474   1.00 30.29 ? 31  DC  C O2    1 
ATOM   433 N  N3    . DC  C 1 1  ? 1.873   -0.974  7.937   1.00 28.49 ? 31  DC  C N3    1 
ATOM   434 C  C4    . DC  C 1 1  ? 1.569   -2.144  7.377   1.00 29.23 ? 31  DC  C C4    1 
ATOM   435 N  N4    . DC  C 1 1  ? 2.334   -2.576  6.371   1.00 29.07 ? 31  DC  C N4    1 
ATOM   436 C  C5    . DC  C 1 1  ? 0.453   -2.924  7.819   1.00 30.16 ? 31  DC  C C5    1 
ATOM   437 C  C6    . DC  C 1 1  ? -0.295  -2.414  8.819   1.00 30.39 ? 31  DC  C C6    1 
HETATM 438 N  N1    . BRU C 1 2  ? -1.151  2.521   6.763   1.00 30.29 ? 32  BRU C N1    1 
HETATM 439 C  C2    . BRU C 1 2  ? 0.107   2.497   6.169   1.00 30.51 ? 32  BRU C C2    1 
HETATM 440 N  N3    . BRU C 1 2  ? 0.435   1.303   5.568   1.00 29.75 ? 32  BRU C N3    1 
HETATM 441 C  C4    . BRU C 1 2  ? -0.319  0.151   5.518   1.00 29.00 ? 32  BRU C C4    1 
HETATM 442 C  C5    . BRU C 1 2  ? -1.655  0.222   6.204   1.00 28.25 ? 32  BRU C C5    1 
HETATM 443 C  C6    . BRU C 1 2  ? -1.972  1.406   6.766   1.00 29.33 ? 32  BRU C C6    1 
HETATM 444 O  O2    . BRU C 1 2  ? 0.884   3.462   6.179   1.00 31.05 ? 32  BRU C O2    1 
HETATM 445 O  O4    . BRU C 1 2  ? 0.156   -0.808  4.926   1.00 30.76 ? 32  BRU C O4    1 
HETATM 446 BR BR    . BRU C 1 2  ? -2.601  -0.982  6.264   1.00 27.80 ? 32  BRU C BR    1 
HETATM 447 C  "C1'" . BRU C 1 2  ? -1.576  3.807   7.383   1.00 31.48 ? 32  BRU C "C1'" 1 
HETATM 448 C  "C2'" . BRU C 1 2  ? -2.984  4.315   7.110   1.00 31.58 ? 32  BRU C "C2'" 1 
HETATM 449 C  "C3'" . BRU C 1 2  ? -3.203  5.227   8.309   1.00 32.07 ? 32  BRU C "C3'" 1 
HETATM 450 C  "C4'" . BRU C 1 2  ? -2.495  4.471   9.445   1.00 31.70 ? 32  BRU C "C4'" 1 
HETATM 451 O  "O3'" . BRU C 1 2  ? -2.567  6.514   8.190   1.00 32.72 ? 32  BRU C "O3'" 1 
HETATM 452 O  "O4'" . BRU C 1 2  ? -1.431  3.723   8.798   1.00 31.26 ? 32  BRU C "O4'" 1 
HETATM 453 C  "C5'" . BRU C 1 2  ? -3.412  3.520   10.175  1.00 31.53 ? 32  BRU C "C5'" 1 
HETATM 454 O  "O5'" . BRU C 1 2  ? -4.022  2.637   9.275   1.00 31.22 ? 32  BRU C "O5'" 1 
HETATM 455 P  P     . BRU C 1 2  ? -4.973  1.479   9.803   1.00 31.58 ? 32  BRU C P     1 
HETATM 456 O  OP1   . BRU C 1 2  ? -6.059  2.071   10.606  1.00 32.70 ? 32  BRU C OP1   1 
HETATM 457 O  OP2   . BRU C 1 2  ? -5.297  0.639   8.626   1.00 31.15 ? 32  BRU C OP2   1 
ATOM   458 P  P     . DC  C 1 3  ? -2.968  7.526   7.024   1.00 31.95 ? 33  DC  C P     1 
ATOM   459 O  OP1   . DC  C 1 3  ? -2.846  8.860   7.609   1.00 34.21 ? 33  DC  C OP1   1 
ATOM   460 O  OP2   . DC  C 1 3  ? -4.265  7.073   6.457   1.00 33.95 ? 33  DC  C OP2   1 
ATOM   461 O  "O5'" . DC  C 1 3  ? -1.755  7.404   6.003   1.00 33.69 ? 33  DC  C "O5'" 1 
ATOM   462 C  "C5'" . DC  C 1 3  ? -0.434  7.389   6.503   1.00 33.10 ? 33  DC  C "C5'" 1 
ATOM   463 C  "C4'" . DC  C 1 3  ? 0.531   7.979   5.508   1.00 32.31 ? 33  DC  C "C4'" 1 
ATOM   464 O  "O4'" . DC  C 1 3  ? 1.084   6.867   4.783   1.00 32.58 ? 33  DC  C "O4'" 1 
ATOM   465 C  "C3'" . DC  C 1 3  ? -0.075  8.903   4.453   1.00 32.17 ? 33  DC  C "C3'" 1 
ATOM   466 O  "O3'" . DC  C 1 3  ? 0.896   9.895   4.057   1.00 33.14 ? 33  DC  C "O3'" 1 
ATOM   467 C  "C2'" . DC  C 1 3  ? -0.471  7.930   3.347   1.00 30.55 ? 33  DC  C "C2'" 1 
ATOM   468 C  "C1'" . DC  C 1 3  ? 0.635   6.880   3.446   1.00 30.47 ? 33  DC  C "C1'" 1 
ATOM   469 N  N1    . DC  C 1 3  ? 0.377   5.482   3.062   1.00 26.51 ? 33  DC  C N1    1 
ATOM   470 C  C2    . DC  C 1 3  ? 1.318   4.843   2.242   1.00 25.87 ? 33  DC  C C2    1 
ATOM   471 O  O2    . DC  C 1 3  ? 2.320   5.470   1.875   1.00 25.24 ? 33  DC  C O2    1 
ATOM   472 N  N3    . DC  C 1 3  ? 1.123   3.571   1.885   1.00 24.63 ? 33  DC  C N3    1 
ATOM   473 C  C4    . DC  C 1 3  ? 0.058   2.916   2.320   1.00 25.06 ? 33  DC  C C4    1 
ATOM   474 N  N4    . DC  C 1 3  ? -0.073  1.639   1.951   1.00 25.08 ? 33  DC  C N4    1 
ATOM   475 C  C5    . DC  C 1 3  ? -0.923  3.538   3.161   1.00 25.28 ? 33  DC  C C5    1 
ATOM   476 C  C6    . DC  C 1 3  ? -0.726  4.813   3.497   1.00 25.40 ? 33  DC  C C6    1 
ATOM   477 P  P     . DC  C 1 4  ? 0.486   11.077  3.024   1.00 33.55 ? 34  DC  C P     1 
ATOM   478 O  OP1   . DC  C 1 4  ? 1.366   12.259  3.258   1.00 33.70 ? 34  DC  C OP1   1 
ATOM   479 O  OP2   . DC  C 1 4  ? -0.997  11.245  3.018   1.00 34.31 ? 34  DC  C OP2   1 
ATOM   480 O  "O5'" . DC  C 1 4  ? 0.858   10.453  1.613   1.00 34.72 ? 34  DC  C "O5'" 1 
ATOM   481 C  "C5'" . DC  C 1 4  ? 2.123   9.854   1.437   1.00 33.98 ? 34  DC  C "C5'" 1 
ATOM   482 C  "C4'" . DC  C 1 4  ? 2.480   9.803   -0.022  1.00 33.86 ? 34  DC  C "C4'" 1 
ATOM   483 O  "O4'" . DC  C 1 4  ? 2.301   8.449   -0.469  1.00 33.54 ? 34  DC  C "O4'" 1 
ATOM   484 C  "C3'" . DC  C 1 4  ? 1.614   10.660  -0.957  1.00 34.86 ? 34  DC  C "C3'" 1 
ATOM   485 O  "O3'" . DC  C 1 4  ? 2.492   11.121  -2.022  1.00 37.64 ? 34  DC  C "O3'" 1 
ATOM   486 C  "C2'" . DC  C 1 4  ? 0.489   9.703   -1.338  1.00 33.15 ? 34  DC  C "C2'" 1 
ATOM   487 C  "C1'" . DC  C 1 4  ? 1.217   8.369   -1.386  1.00 32.19 ? 34  DC  C "C1'" 1 
ATOM   488 N  N1    . DC  C 1 4  ? 0.465   7.134   -1.088  1.00 29.97 ? 34  DC  C N1    1 
ATOM   489 C  C2    . DC  C 1 4  ? 0.877   5.921   -1.715  1.00 28.42 ? 34  DC  C C2    1 
ATOM   490 O  O2    . DC  C 1 4  ? 1.855   5.947   -2.511  1.00 27.10 ? 34  DC  C O2    1 
ATOM   491 N  N3    . DC  C 1 4  ? 0.198   4.770   -1.434  1.00 25.74 ? 34  DC  C N3    1 
ATOM   492 C  C4    . DC  C 1 4  ? -0.836  4.802   -0.579  1.00 24.05 ? 34  DC  C C4    1 
ATOM   493 N  N4    . DC  C 1 4  ? -1.489  3.655   -0.319  1.00 22.36 ? 34  DC  C N4    1 
ATOM   494 C  C5    . DC  C 1 4  ? -1.261  6.010   0.051   1.00 24.80 ? 34  DC  C C5    1 
ATOM   495 C  C6    . DC  C 1 4  ? -0.595  7.139   -0.228  1.00 26.81 ? 34  DC  C C6    1 
HETATM 496 N  N1    . BRU C 1 5  ? -0.587  7.010   -5.247  1.00 34.30 ? 35  BRU C N1    1 
HETATM 497 C  C2    . BRU C 1 5  ? -0.762  5.623   -5.303  1.00 32.74 ? 35  BRU C C2    1 
HETATM 498 N  N3    . BRU C 1 5  ? -1.730  5.126   -4.435  1.00 30.75 ? 35  BRU C N3    1 
HETATM 499 C  C4    . BRU C 1 5  ? -2.520  5.843   -3.536  1.00 30.48 ? 35  BRU C C4    1 
HETATM 500 C  C5    . BRU C 1 5  ? -2.268  7.308   -3.517  1.00 32.02 ? 35  BRU C C5    1 
HETATM 501 C  C6    . BRU C 1 5  ? -1.329  7.791   -4.369  1.00 33.29 ? 35  BRU C C6    1 
HETATM 502 O  O2    . BRU C 1 5  ? -0.112  4.883   -6.061  1.00 29.57 ? 35  BRU C O2    1 
HETATM 503 O  O4    . BRU C 1 5  ? -3.360  5.232   -2.837  1.00 28.54 ? 35  BRU C O4    1 
HETATM 504 BR BR    . BRU C 1 5  ? -3.052  8.205   -2.569  1.00 32.04 ? 35  BRU C BR    1 
HETATM 505 C  "C1'" . BRU C 1 5  ? 0.429   7.613   -6.167  1.00 36.58 ? 35  BRU C "C1'" 1 
HETATM 506 C  "C2'" . BRU C 1 5  ? 0.254   9.070   -6.595  1.00 37.44 ? 35  BRU C "C2'" 1 
HETATM 507 C  "C3'" . BRU C 1 5  ? 1.696   9.532   -6.820  1.00 38.50 ? 35  BRU C "C3'" 1 
HETATM 508 C  "C4'" . BRU C 1 5  ? 2.455   8.753   -5.741  1.00 38.20 ? 35  BRU C "C4'" 1 
HETATM 509 O  "O3'" . BRU C 1 5  ? 2.315   9.222   -8.097  1.00 38.92 ? 35  BRU C "O3'" 1 
HETATM 510 O  "O4'" . BRU C 1 5  ? 1.710   7.524   -5.545  1.00 37.44 ? 35  BRU C "O4'" 1 
HETATM 511 C  "C5'" . BRU C 1 5  ? 2.593   9.477   -4.429  1.00 38.48 ? 35  BRU C "C5'" 1 
HETATM 512 O  "O5'" . BRU C 1 5  ? 1.604   10.481  -4.302  1.00 39.00 ? 35  BRU C "O5'" 1 
HETATM 513 P  P     . BRU C 1 5  ? 1.925   11.753  -3.405  1.00 39.18 ? 35  BRU C P     1 
HETATM 514 O  OP1   . BRU C 1 5  ? 3.122   12.332  -4.070  1.00 39.23 ? 35  BRU C OP1   1 
HETATM 515 O  OP2   . BRU C 1 5  ? 0.709   12.588  -3.166  1.00 38.61 ? 35  BRU C OP2   1 
ATOM   516 P  P     . DC  C 1 6  ? 1.794   9.875   -9.491  1.00 39.58 ? 36  DC  C P     1 
ATOM   517 O  OP1   . DC  C 1 6  ? 2.992   10.387  -10.232 1.00 39.89 ? 36  DC  C OP1   1 
ATOM   518 O  OP2   . DC  C 1 6  ? 0.603   10.769  -9.336  1.00 38.70 ? 36  DC  C OP2   1 
ATOM   519 O  "O5'" . DC  C 1 6  ? 1.355   8.543   -10.250 1.00 38.34 ? 36  DC  C "O5'" 1 
ATOM   520 C  "C5'" . DC  C 1 6  ? 0.850   7.446   -9.494  1.00 35.46 ? 36  DC  C "C5'" 1 
ATOM   521 C  "C4'" . DC  C 1 6  ? 0.853   6.181   -10.311 1.00 32.47 ? 36  DC  C "C4'" 1 
ATOM   522 O  "O4'" . DC  C 1 6  ? 0.152   5.208   -9.509  1.00 30.87 ? 36  DC  C "O4'" 1 
ATOM   523 C  "C3'" . DC  C 1 6  ? 0.067   6.260   -11.616 1.00 31.79 ? 36  DC  C "C3'" 1 
ATOM   524 O  "O3'" . DC  C 1 6  ? 0.612   5.347   -12.587 1.00 31.59 ? 36  DC  C "O3'" 1 
ATOM   525 C  "C2'" . DC  C 1 6  ? -1.348  5.907   -11.186 1.00 31.06 ? 36  DC  C "C2'" 1 
ATOM   526 C  "C1'" . DC  C 1 6  ? -1.136  4.934   -10.036 1.00 29.40 ? 36  DC  C "C1'" 1 
ATOM   527 N  N1    . DC  C 1 6  ? -2.095  5.089   -8.931  1.00 26.49 ? 36  DC  C N1    1 
ATOM   528 C  C2    . DC  C 1 6  ? -2.693  3.954   -8.410  1.00 25.20 ? 36  DC  C C2    1 
ATOM   529 O  O2    . DC  C 1 6  ? -2.384  2.837   -8.888  1.00 23.23 ? 36  DC  C O2    1 
ATOM   530 N  N3    . DC  C 1 6  ? -3.596  4.091   -7.401  1.00 24.78 ? 36  DC  C N3    1 
ATOM   531 C  C4    . DC  C 1 6  ? -3.894  5.308   -6.924  1.00 24.43 ? 36  DC  C C4    1 
ATOM   532 N  N4    . DC  C 1 6  ? -4.792  5.393   -5.948  1.00 23.17 ? 36  DC  C N4    1 
ATOM   533 C  C5    . DC  C 1 6  ? -3.280  6.486   -7.435  1.00 24.17 ? 36  DC  C C5    1 
ATOM   534 C  C6    . DC  C 1 6  ? -2.395  6.332   -8.425  1.00 26.18 ? 36  DC  C C6    1 
ATOM   535 P  P     . DC  C 1 7  ? -0.073  5.207   -14.032 1.00 30.45 ? 37  DC  C P     1 
ATOM   536 O  OP1   . DC  C 1 7  ? 0.968   4.677   -14.952 1.00 32.71 ? 37  DC  C OP1   1 
ATOM   537 O  OP2   . DC  C 1 7  ? -0.775  6.478   -14.372 1.00 30.59 ? 37  DC  C OP2   1 
ATOM   538 O  "O5'" . DC  C 1 7  ? -1.114  4.030   -13.809 1.00 30.03 ? 37  DC  C "O5'" 1 
ATOM   539 C  "C5'" . DC  C 1 7  ? -0.652  2.797   -13.346 1.00 28.77 ? 37  DC  C "C5'" 1 
ATOM   540 C  "C4'" . DC  C 1 7  ? -1.735  1.749   -13.394 1.00 28.83 ? 37  DC  C "C4'" 1 
ATOM   541 O  "O4'" . DC  C 1 7  ? -2.690  1.992   -12.320 1.00 28.05 ? 37  DC  C "O4'" 1 
ATOM   542 C  "C3'" . DC  C 1 7  ? -2.576  1.756   -14.684 1.00 28.71 ? 37  DC  C "C3'" 1 
ATOM   543 O  "O3'" . DC  C 1 7  ? -2.940  0.379   -15.018 1.00 29.97 ? 37  DC  C "O3'" 1 
ATOM   544 C  "C2'" . DC  C 1 7  ? -3.758  2.664   -14.320 1.00 27.90 ? 37  DC  C "C2'" 1 
ATOM   545 C  "C1'" . DC  C 1 7  ? -3.978  2.295   -12.859 1.00 27.05 ? 37  DC  C "C1'" 1 
ATOM   546 N  N1    . DC  C 1 7  ? -4.703  3.180   -11.908 1.00 24.92 ? 37  DC  C N1    1 
ATOM   547 C  C2    . DC  C 1 7  ? -5.693  2.606   -11.055 1.00 23.30 ? 37  DC  C C2    1 
ATOM   548 O  O2    . DC  C 1 7  ? -6.029  1.408   -11.209 1.00 23.78 ? 37  DC  C O2    1 
ATOM   549 N  N3    . DC  C 1 7  ? -6.266  3.383   -10.091 1.00 21.25 ? 37  DC  C N3    1 
ATOM   550 C  C4    . DC  C 1 7  ? -5.934  4.670   -9.988  1.00 19.44 ? 37  DC  C C4    1 
ATOM   551 N  N4    . DC  C 1 7  ? -6.492  5.376   -9.008  1.00 17.96 ? 37  DC  C N4    1 
ATOM   552 C  C5    . DC  C 1 7  ? -5.003  5.287   -10.881 1.00 21.94 ? 37  DC  C C5    1 
ATOM   553 C  C6    . DC  C 1 7  ? -4.410  4.512   -11.810 1.00 23.61 ? 37  DC  C C6    1 
ATOM   554 P  P     . DG  C 1 8  ? -3.429  -0.025  -16.506 1.00 28.80 ? 38  DG  C P     1 
ATOM   555 O  OP1   . DG  C 1 8  ? -2.933  -1.388  -16.771 1.00 29.94 ? 38  DG  C OP1   1 
ATOM   556 O  OP2   . DG  C 1 8  ? -3.099  1.072   -17.456 1.00 29.45 ? 38  DG  C OP2   1 
ATOM   557 O  "O5'" . DG  C 1 8  ? -5.021  -0.085  -16.406 1.00 28.40 ? 38  DG  C "O5'" 1 
ATOM   558 C  "C5'" . DG  C 1 8  ? -5.671  -0.861  -15.410 1.00 26.96 ? 38  DG  C "C5'" 1 
ATOM   559 C  "C4'" . DG  C 1 8  ? -7.181  -0.718  -15.497 1.00 26.96 ? 38  DG  C "C4'" 1 
ATOM   560 O  "O4'" . DG  C 1 8  ? -7.715  0.228   -14.524 1.00 26.65 ? 38  DG  C "O4'" 1 
ATOM   561 C  "C3'" . DG  C 1 8  ? -7.670  -0.177  -16.851 1.00 26.15 ? 38  DG  C "C3'" 1 
ATOM   562 O  "O3'" . DG  C 1 8  ? -9.015  -0.593  -17.026 1.00 27.77 ? 38  DG  C "O3'" 1 
ATOM   563 C  "C2'" . DG  C 1 8  ? -7.739  1.322   -16.630 1.00 25.10 ? 38  DG  C "C2'" 1 
ATOM   564 C  "C1'" . DG  C 1 8  ? -8.308  1.344   -15.218 1.00 24.90 ? 38  DG  C "C1'" 1 
ATOM   565 N  N9    . DG  C 1 8  ? -8.166  2.565   -14.419 1.00 23.54 ? 38  DG  C N9    1 
ATOM   566 C  C8    . DG  C 1 8  ? -7.336  3.635   -14.674 1.00 22.06 ? 38  DG  C C8    1 
ATOM   567 N  N7    . DG  C 1 8  ? -7.434  4.585   -13.778 1.00 21.47 ? 38  DG  C N7    1 
ATOM   568 C  C5    . DG  C 1 8  ? -8.387  4.124   -12.873 1.00 19.87 ? 38  DG  C C5    1 
ATOM   569 C  C6    . DG  C 1 8  ? -8.938  4.752   -11.689 1.00 19.25 ? 38  DG  C C6    1 
ATOM   570 O  O6    . DG  C 1 8  ? -8.702  5.895   -11.210 1.00 19.35 ? 38  DG  C O6    1 
ATOM   571 N  N1    . DG  C 1 8  ? -9.859  3.930   -11.076 1.00 18.33 ? 38  DG  C N1    1 
ATOM   572 C  C2    . DG  C 1 8  ? -10.247 2.677   -11.540 1.00 20.62 ? 38  DG  C C2    1 
ATOM   573 N  N2    . DG  C 1 8  ? -11.169 2.012   -10.803 1.00 20.61 ? 38  DG  C N2    1 
ATOM   574 N  N3    . DG  C 1 8  ? -9.771  2.108   -12.641 1.00 20.90 ? 38  DG  C N3    1 
ATOM   575 C  C4    . DG  C 1 8  ? -8.851  2.879   -13.248 1.00 21.09 ? 38  DG  C C4    1 
ATOM   576 P  P     . DC  C 1 9  ? -9.365  -1.821  -17.995 1.00 26.91 ? 39  DC  C P     1 
ATOM   577 O  OP1   . DC  C 1 9  ? -8.334  -2.861  -17.842 1.00 28.30 ? 39  DC  C OP1   1 
ATOM   578 O  OP2   . DC  C 1 9  ? -9.680  -1.291  -19.344 1.00 27.93 ? 39  DC  C OP2   1 
ATOM   579 O  "O5'" . DC  C 1 9  ? -10.711 -2.370  -17.372 1.00 26.99 ? 39  DC  C "O5'" 1 
ATOM   580 C  "C5'" . DC  C 1 9  ? -10.719 -2.886  -16.063 1.00 27.97 ? 39  DC  C "C5'" 1 
ATOM   581 C  "C4'" . DC  C 1 9  ? -12.072 -2.703  -15.422 1.00 27.49 ? 39  DC  C "C4'" 1 
ATOM   582 O  "O4'" . DC  C 1 9  ? -12.177 -1.380  -14.863 1.00 28.02 ? 39  DC  C "O4'" 1 
ATOM   583 C  "C3'" . DC  C 1 9  ? -13.246 -2.813  -16.398 1.00 28.39 ? 39  DC  C "C3'" 1 
ATOM   584 O  "O3'" . DC  C 1 9  ? -14.380 -3.272  -15.663 1.00 31.19 ? 39  DC  C "O3'" 1 
ATOM   585 C  "C2'" . DC  C 1 9  ? -13.456 -1.384  -16.863 1.00 27.79 ? 39  DC  C "C2'" 1 
ATOM   586 C  "C1'" . DC  C 1 9  ? -13.162 -0.618  -15.576 1.00 27.49 ? 39  DC  C "C1'" 1 
ATOM   587 N  N1    . DC  C 1 9  ? -12.668 0.767   -15.663 1.00 25.71 ? 39  DC  C N1    1 
ATOM   588 C  C2    . DC  C 1 9  ? -13.025 1.674   -14.644 1.00 24.69 ? 39  DC  C C2    1 
ATOM   589 O  O2    . DC  C 1 9  ? -13.870 1.330   -13.777 1.00 24.84 ? 39  DC  C O2    1 
ATOM   590 N  N3    . DC  C 1 9  ? -12.453 2.892   -14.625 1.00 23.31 ? 39  DC  C N3    1 
ATOM   591 C  C4    . DC  C 1 9  ? -11.579 3.235   -15.572 1.00 23.37 ? 39  DC  C C4    1 
ATOM   592 N  N4    . DC  C 1 9  ? -11.011 4.437   -15.481 1.00 23.94 ? 39  DC  C N4    1 
ATOM   593 C  C5    . DC  C 1 9  ? -11.247 2.362   -16.653 1.00 24.22 ? 39  DC  C C5    1 
ATOM   594 C  C6    . DC  C 1 9  ? -11.823 1.153   -16.668 1.00 24.39 ? 39  DC  C C6    1 
ATOM   595 P  P     . DG  C 1 10 ? -15.693 -3.815  -16.434 1.00 32.00 ? 40  DG  C P     1 
ATOM   596 O  OP1   . DG  C 1 10 ? -16.253 -4.945  -15.668 1.00 31.71 ? 40  DG  C OP1   1 
ATOM   597 O  OP2   . DG  C 1 10 ? -15.432 -3.935  -17.903 1.00 32.41 ? 40  DG  C OP2   1 
ATOM   598 O  "O5'" . DG  C 1 10 ? -16.739 -2.624  -16.281 1.00 32.43 ? 40  DG  C "O5'" 1 
ATOM   599 C  "C5'" . DG  C 1 10 ? -17.294 -2.320  -15.029 1.00 29.79 ? 40  DG  C "C5'" 1 
ATOM   600 C  "C4'" . DG  C 1 10 ? -18.108 -1.056  -15.123 1.00 28.88 ? 40  DG  C "C4'" 1 
ATOM   601 O  "O4'" . DG  C 1 10 ? -17.230 0.073   -15.334 1.00 28.34 ? 40  DG  C "O4'" 1 
ATOM   602 C  "C3'" . DG  C 1 10 ? -19.001 -1.076  -16.375 1.00 28.59 ? 40  DG  C "C3'" 1 
ATOM   603 O  "O3'" . DG  C 1 10 ? -20.066 -0.159  -16.138 1.00 29.15 ? 40  DG  C "O3'" 1 
ATOM   604 C  "C2'" . DG  C 1 10 ? -18.130 -0.436  -17.445 1.00 27.24 ? 40  DG  C "C2'" 1 
ATOM   605 C  "C1'" . DG  C 1 10 ? -17.535 0.651   -16.599 1.00 26.36 ? 40  DG  C "C1'" 1 
ATOM   606 N  N9    . DG  C 1 10 ? -16.436 1.501   -17.057 1.00 24.10 ? 40  DG  C N9    1 
ATOM   607 C  C8    . DG  C 1 10 ? -15.608 1.283   -18.122 1.00 23.07 ? 40  DG  C C8    1 
ATOM   608 N  N7    . DG  C 1 10 ? -14.748 2.253   -18.313 1.00 22.91 ? 40  DG  C N7    1 
ATOM   609 C  C5    . DG  C 1 10 ? -15.008 3.163   -17.303 1.00 22.35 ? 40  DG  C C5    1 
ATOM   610 C  C6    . DG  C 1 10 ? -14.374 4.416   -16.992 1.00 23.15 ? 40  DG  C C6    1 
ATOM   611 O  O6    . DG  C 1 10 ? -13.426 4.971   -17.568 1.00 22.92 ? 40  DG  C O6    1 
ATOM   612 N  N1    . DG  C 1 10 ? -14.961 5.023   -15.868 1.00 23.83 ? 40  DG  C N1    1 
ATOM   613 C  C2    . DG  C 1 10 ? -16.020 4.504   -15.149 1.00 23.25 ? 40  DG  C C2    1 
ATOM   614 N  N2    . DG  C 1 10 ? -16.452 5.252   -14.145 1.00 24.65 ? 40  DG  C N2    1 
ATOM   615 N  N3    . DG  C 1 10 ? -16.605 3.343   -15.416 1.00 22.80 ? 40  DG  C N3    1 
ATOM   616 C  C4    . DG  C 1 10 ? -16.046 2.723   -16.506 1.00 23.50 ? 40  DG  C C4    1 
ATOM   617 P  P     . DC  C 1 11 ? -21.586 -0.640  -16.184 1.00 27.24 ? 41  DC  C P     1 
ATOM   618 O  OP1   . DC  C 1 11 ? -21.730 -1.735  -15.241 1.00 28.39 ? 41  DC  C OP1   1 
ATOM   619 O  OP2   . DC  C 1 11 ? -21.920 -0.865  -17.603 1.00 28.71 ? 41  DC  C OP2   1 
ATOM   620 O  "O5'" . DC  C 1 11 ? -22.328 0.669   -15.629 1.00 28.21 ? 41  DC  C "O5'" 1 
ATOM   621 C  "C5'" . DC  C 1 11 ? -22.157 1.063   -14.257 1.00 27.68 ? 41  DC  C "C5'" 1 
ATOM   622 C  "C4'" . DC  C 1 11 ? -22.356 2.552   -14.042 1.00 26.16 ? 41  DC  C "C4'" 1 
ATOM   623 O  "O4'" . DC  C 1 11 ? -21.173 3.267   -14.502 1.00 26.38 ? 41  DC  C "O4'" 1 
ATOM   624 C  "C3'" . DC  C 1 11 ? -23.532 3.154   -14.834 1.00 25.62 ? 41  DC  C "C3'" 1 
ATOM   625 O  "O3'" . DC  C 1 11 ? -24.053 4.305   -14.143 1.00 25.01 ? 41  DC  C "O3'" 1 
ATOM   626 C  "C2'" . DC  C 1 11 ? -22.867 3.571   -16.137 1.00 25.14 ? 41  DC  C "C2'" 1 
ATOM   627 C  "C1'" . DC  C 1 11 ? -21.517 4.070   -15.640 1.00 25.77 ? 41  DC  C "C1'" 1 
ATOM   628 N  N1    . DC  C 1 11 ? -20.378 4.128   -16.598 1.00 24.97 ? 41  DC  C N1    1 
ATOM   629 C  C2    . DC  C 1 11 ? -19.497 5.250   -16.550 1.00 25.71 ? 41  DC  C C2    1 
ATOM   630 O  O2    . DC  C 1 11 ? -19.654 6.109   -15.666 1.00 28.33 ? 41  DC  C O2    1 
ATOM   631 N  N3    . DC  C 1 11 ? -18.501 5.357   -17.467 1.00 24.31 ? 41  DC  C N3    1 
ATOM   632 C  C4    . DC  C 1 11 ? -18.345 4.410   -18.400 1.00 24.48 ? 41  DC  C C4    1 
ATOM   633 N  N4    . DC  C 1 11 ? -17.365 4.576   -19.295 1.00 23.38 ? 41  DC  C N4    1 
ATOM   634 C  C5    . DC  C 1 11 ? -19.189 3.253   -18.458 1.00 23.90 ? 41  DC  C C5    1 
ATOM   635 C  C6    . DC  C 1 11 ? -20.183 3.151   -17.540 1.00 24.67 ? 41  DC  C C6    1 
ATOM   636 P  P     . DG  C 1 12 ? -25.549 4.843   -14.427 1.00 23.98 ? 42  DG  C P     1 
ATOM   637 O  OP1   . DG  C 1 12 ? -25.795 5.952   -13.482 1.00 23.32 ? 42  DG  C OP1   1 
ATOM   638 O  OP2   . DG  C 1 12 ? -26.485 3.699   -14.442 1.00 24.53 ? 42  DG  C OP2   1 
ATOM   639 O  "O5'" . DG  C 1 12 ? -25.489 5.516   -15.876 1.00 25.70 ? 42  DG  C "O5'" 1 
ATOM   640 C  "C5'" . DG  C 1 12 ? -24.722 6.711   -16.078 1.00 26.76 ? 42  DG  C "C5'" 1 
ATOM   641 C  "C4'" . DG  C 1 12 ? -24.864 7.260   -17.482 1.00 27.85 ? 42  DG  C "C4'" 1 
ATOM   642 O  "O4'" . DG  C 1 12 ? -24.529 6.218   -18.420 1.00 27.67 ? 42  DG  C "O4'" 1 
ATOM   643 C  "C3'" . DG  C 1 12 ? -26.248 7.747   -17.909 1.00 29.38 ? 42  DG  C "C3'" 1 
ATOM   644 O  "O3'" . DG  C 1 12 ? -26.397 8.622   -19.045 1.00 34.01 ? 42  DG  C "O3'" 1 
ATOM   645 C  "C2'" . DG  C 1 12 ? -26.864 6.511   -18.507 1.00 29.07 ? 42  DG  C "C2'" 1 
ATOM   646 C  "C1'" . DG  C 1 12 ? -25.687 5.754   -19.101 1.00 28.52 ? 42  DG  C "C1'" 1 
ATOM   647 N  N9    . DG  C 1 12 ? -25.872 4.360   -18.730 1.00 29.73 ? 42  DG  C N9    1 
ATOM   648 C  C8    . DG  C 1 12 ? -27.010 3.870   -18.132 1.00 29.64 ? 42  DG  C C8    1 
ATOM   649 N  N7    . DG  C 1 12 ? -26.912 2.625   -17.785 1.00 30.27 ? 42  DG  C N7    1 
ATOM   650 C  C5    . DG  C 1 12 ? -25.652 2.250   -18.199 1.00 29.76 ? 42  DG  C C5    1 
ATOM   651 C  C6    . DG  C 1 12 ? -25.020 1.044   -18.059 1.00 30.81 ? 42  DG  C C6    1 
ATOM   652 O  O6    . DG  C 1 12 ? -25.454 0.039   -17.513 1.00 32.09 ? 42  DG  C O6    1 
ATOM   653 N  N1    . DG  C 1 12 ? -23.736 1.055   -18.614 1.00 30.26 ? 42  DG  C N1    1 
ATOM   654 C  C2    . DG  C 1 12 ? -23.151 2.130   -19.219 1.00 28.68 ? 42  DG  C C2    1 
ATOM   655 N  N2    . DG  C 1 12 ? -21.927 1.921   -19.694 1.00 28.53 ? 42  DG  C N2    1 
ATOM   656 N  N3    . DG  C 1 12 ? -23.738 3.307   -19.342 1.00 28.83 ? 42  DG  C N3    1 
ATOM   657 C  C4    . DG  C 1 12 ? -24.992 3.297   -18.812 1.00 29.96 ? 42  DG  C C4    1 
ATOM   658 O  "O5'" . DG  D 2 2  ? -12.231 13.770  -19.741 1.00 27.43 ? 44  DG  D "O5'" 1 
ATOM   659 C  "C5'" . DG  D 2 2  ? -13.506 14.360  -19.240 1.00 27.26 ? 44  DG  D "C5'" 1 
ATOM   660 C  "C4'" . DG  D 2 2  ? -14.248 14.333  -17.904 1.00 26.90 ? 44  DG  D "C4'" 1 
ATOM   661 O  "O4'" . DG  D 2 2  ? -15.074 13.160  -17.731 1.00 25.06 ? 44  DG  D "O4'" 1 
ATOM   662 C  "C3'" . DG  D 2 2  ? -13.428 14.379  -16.614 1.00 27.90 ? 44  DG  D "C3'" 1 
ATOM   663 O  "O3'" . DG  D 2 2  ? -14.203 15.001  -15.573 1.00 28.70 ? 44  DG  D "O3'" 1 
ATOM   664 C  "C2'" . DG  D 2 2  ? -13.188 12.904  -16.324 1.00 26.83 ? 44  DG  D "C2'" 1 
ATOM   665 C  "C1'" . DG  D 2 2  ? -14.518 12.292  -16.747 1.00 25.03 ? 44  DG  D "C1'" 1 
ATOM   666 N  N9    . DG  D 2 2  ? -14.472 10.958  -17.341 1.00 25.12 ? 44  DG  D N9    1 
ATOM   667 C  C8    . DG  D 2 2  ? -13.668 10.570  -18.391 1.00 24.80 ? 44  DG  D C8    1 
ATOM   668 N  N7    . DG  D 2 2  ? -13.983 9.401   -18.870 1.00 25.10 ? 44  DG  D N7    1 
ATOM   669 C  C5    . DG  D 2 2  ? -15.026 8.951   -18.057 1.00 23.52 ? 44  DG  D C5    1 
ATOM   670 C  C6    . DG  D 2 2  ? -15.792 7.741   -18.118 1.00 23.15 ? 44  DG  D C6    1 
ATOM   671 O  O6    . DG  D 2 2  ? -15.720 6.818   -18.961 1.00 24.02 ? 44  DG  D O6    1 
ATOM   672 N  N1    . DG  D 2 2  ? -16.722 7.674   -17.082 1.00 19.88 ? 44  DG  D N1    1 
ATOM   673 C  C2    . DG  D 2 2  ? -16.916 8.635   -16.122 1.00 20.21 ? 44  DG  D C2    1 
ATOM   674 N  N2    . DG  D 2 2  ? -17.862 8.350   -15.192 1.00 19.72 ? 44  DG  D N2    1 
ATOM   675 N  N3    . DG  D 2 2  ? -16.240 9.783   -16.073 1.00 20.31 ? 44  DG  D N3    1 
ATOM   676 C  C4    . DG  D 2 2  ? -15.312 9.871   -17.069 1.00 22.96 ? 44  DG  D C4    1 
ATOM   677 P  P     . DC  D 2 3  ? -13.491 15.437  -14.187 1.00 30.22 ? 45  DC  D P     1 
ATOM   678 O  OP1   . DC  D 2 3  ? -14.097 16.709  -13.699 1.00 30.94 ? 45  DC  D OP1   1 
ATOM   679 O  OP2   . DC  D 2 3  ? -12.015 15.293  -14.274 1.00 30.76 ? 45  DC  D OP2   1 
ATOM   680 O  "O5'" . DC  D 2 3  ? -13.952 14.382  -13.097 1.00 30.36 ? 45  DC  D "O5'" 1 
ATOM   681 C  "C5'" . DC  D 2 3  ? -14.250 13.079  -13.435 1.00 29.91 ? 45  DC  D "C5'" 1 
ATOM   682 C  "C4'" . DC  D 2 3  ? -15.004 12.440  -12.305 1.00 29.28 ? 45  DC  D "C4'" 1 
ATOM   683 O  "O4'" . DC  D 2 3  ? -15.398 11.175  -12.835 1.00 28.94 ? 45  DC  D "O4'" 1 
ATOM   684 C  "C3'" . DC  D 2 3  ? -14.201 12.124  -11.040 1.00 29.73 ? 45  DC  D "C3'" 1 
ATOM   685 O  "O3'" . DC  D 2 3  ? -15.033 12.126  -9.857  1.00 31.09 ? 45  DC  D "O3'" 1 
ATOM   686 C  "C2'" . DC  D 2 3  ? -13.617 10.763  -11.351 1.00 28.32 ? 45  DC  D "C2'" 1 
ATOM   687 C  "C1'" . DC  D 2 3  ? -14.636 10.125  -12.280 1.00 27.02 ? 45  DC  D "C1'" 1 
ATOM   688 N  N1    . DC  D 2 3  ? -13.991 9.469   -13.411 1.00 24.60 ? 45  DC  D N1    1 
ATOM   689 C  C2    . DC  D 2 3  ? -14.460 8.230   -13.838 1.00 22.82 ? 45  DC  D C2    1 
ATOM   690 O  O2    . DC  D 2 3  ? -15.422 7.735   -13.265 1.00 18.75 ? 45  DC  D O2    1 
ATOM   691 N  N3    . DC  D 2 3  ? -13.837 7.610   -14.887 1.00 22.32 ? 45  DC  D N3    1 
ATOM   692 C  C4    . DC  D 2 3  ? -12.811 8.210   -15.500 1.00 22.74 ? 45  DC  D C4    1 
ATOM   693 N  N4    . DC  D 2 3  ? -12.256 7.597   -16.547 1.00 24.38 ? 45  DC  D N4    1 
ATOM   694 C  C5    . DC  D 2 3  ? -12.318 9.483   -15.073 1.00 23.91 ? 45  DC  D C5    1 
ATOM   695 C  C6    . DC  D 2 3  ? -12.931 10.068  -14.039 1.00 23.79 ? 45  DC  D C6    1 
ATOM   696 P  P     . DG  D 2 4  ? -14.364 12.075  -8.378  1.00 30.43 ? 46  DG  D P     1 
ATOM   697 O  OP1   . DG  D 2 4  ? -14.997 13.167  -7.600  1.00 32.43 ? 46  DG  D OP1   1 
ATOM   698 O  OP2   . DG  D 2 4  ? -12.876 12.011  -8.456  1.00 31.69 ? 46  DG  D OP2   1 
ATOM   699 O  "O5'" . DG  D 2 4  ? -14.952 10.709  -7.828  1.00 27.89 ? 46  DG  D "O5'" 1 
ATOM   700 C  "C5'" . DG  D 2 4  ? -16.229 10.320  -8.262  1.00 26.28 ? 46  DG  D "C5'" 1 
ATOM   701 C  "C4'" . DG  D 2 4  ? -16.518 8.891   -7.884  1.00 25.50 ? 46  DG  D "C4'" 1 
ATOM   702 O  "O4'" . DG  D 2 4  ? -15.993 7.980   -8.876  1.00 24.55 ? 46  DG  D "O4'" 1 
ATOM   703 C  "C3'" . DG  D 2 4  ? -15.842 8.478   -6.584  1.00 25.66 ? 46  DG  D "C3'" 1 
ATOM   704 O  "O3'" . DG  D 2 4  ? -16.687 7.570   -5.912  1.00 25.46 ? 46  DG  D "O3'" 1 
ATOM   705 C  "C2'" . DG  D 2 4  ? -14.519 7.883   -7.041  1.00 23.48 ? 46  DG  D "C2'" 1 
ATOM   706 C  "C1'" . DG  D 2 4  ? -14.914 7.223   -8.348  1.00 23.17 ? 46  DG  D "C1'" 1 
ATOM   707 N  N9    . DG  D 2 4  ? -13.883 7.142   -9.384  1.00 22.12 ? 46  DG  D N9    1 
ATOM   708 C  C8    . DG  D 2 4  ? -12.863 8.036   -9.606  1.00 21.58 ? 46  DG  D C8    1 
ATOM   709 N  N7    . DG  D 2 4  ? -12.140 7.735   -10.647 1.00 20.68 ? 46  DG  D N7    1 
ATOM   710 C  C5    . DG  D 2 4  ? -12.696 6.554   -11.127 1.00 20.08 ? 46  DG  D C5    1 
ATOM   711 C  C6    . DG  D 2 4  ? -12.333 5.753   -12.247 1.00 19.69 ? 46  DG  D C6    1 
ATOM   712 O  O6    . DG  D 2 4  ? -11.443 5.933   -13.062 1.00 21.56 ? 46  DG  D O6    1 
ATOM   713 N  N1    . DG  D 2 4  ? -13.151 4.660   -12.375 1.00 20.60 ? 46  DG  D N1    1 
ATOM   714 C  C2    . DG  D 2 4  ? -14.202 4.367   -11.554 1.00 20.28 ? 46  DG  D C2    1 
ATOM   715 N  N2    . DG  D 2 4  ? -14.880 3.263   -11.872 1.00 20.63 ? 46  DG  D N2    1 
ATOM   716 N  N3    . DG  D 2 4  ? -14.559 5.101   -10.512 1.00 20.37 ? 46  DG  D N3    1 
ATOM   717 C  C4    . DG  D 2 4  ? -13.764 6.170   -10.358 1.00 19.96 ? 46  DG  D C4    1 
ATOM   718 P  P     . DC  D 2 5  ? -16.372 7.170   -4.421  1.00 26.21 ? 47  DC  D P     1 
ATOM   719 O  OP1   . DC  D 2 5  ? -17.732 6.933   -3.966  1.00 27.93 ? 47  DC  D OP1   1 
ATOM   720 O  OP2   . DC  D 2 5  ? -15.507 8.176   -3.736  1.00 27.29 ? 47  DC  D OP2   1 
ATOM   721 O  "O5'" . DC  D 2 5  ? -15.651 5.756   -4.546  1.00 27.04 ? 47  DC  D "O5'" 1 
ATOM   722 C  "C5'" . DC  D 2 5  ? -16.334 4.705   -5.218  1.00 25.25 ? 47  DC  D "C5'" 1 
ATOM   723 C  "C4'" . DC  D 2 5  ? -15.448 3.515   -5.492  1.00 23.47 ? 47  DC  D "C4'" 1 
ATOM   724 O  "O4'" . DC  D 2 5  ? -14.471 3.809   -6.511  1.00 22.18 ? 47  DC  D "O4'" 1 
ATOM   725 C  "C3'" . DC  D 2 5  ? -14.629 3.175   -4.250  1.00 24.31 ? 47  DC  D "C3'" 1 
ATOM   726 O  "O3'" . DC  D 2 5  ? -14.313 1.791   -4.270  1.00 26.04 ? 47  DC  D "O3'" 1 
ATOM   727 C  "C2'" . DC  D 2 5  ? -13.359 3.961   -4.464  1.00 23.53 ? 47  DC  D "C2'" 1 
ATOM   728 C  "C1'" . DC  D 2 5  ? -13.191 3.732   -5.938  1.00 22.12 ? 47  DC  D "C1'" 1 
ATOM   729 N  N1    . DC  D 2 5  ? -12.278 4.618   -6.638  1.00 21.38 ? 47  DC  D N1    1 
ATOM   730 C  C2    . DC  D 2 5  ? -11.760 4.235   -7.923  1.00 20.89 ? 47  DC  D C2    1 
ATOM   731 O  O2    . DC  D 2 5  ? -12.182 3.178   -8.484  1.00 19.24 ? 47  DC  D O2    1 
ATOM   732 N  N3    . DC  D 2 5  ? -10.824 5.022   -8.500  1.00 19.22 ? 47  DC  D N3    1 
ATOM   733 C  C4    . DC  D 2 5  ? -10.418 6.141   -7.883  1.00 19.65 ? 47  DC  D C4    1 
ATOM   734 N  N4    . DC  D 2 5  ? -9.467  6.875   -8.458  1.00 21.25 ? 47  DC  D N4    1 
ATOM   735 C  C5    . DC  D 2 5  ? -10.961 6.561   -6.630  1.00 20.42 ? 47  DC  D C5    1 
ATOM   736 C  C6    . DC  D 2 5  ? -11.876 5.777   -6.050  1.00 21.03 ? 47  DC  D C6    1 
ATOM   737 P  P     . DG  D 2 6  ? -14.947 0.815   -3.172  1.00 26.84 ? 48  DG  D P     1 
ATOM   738 O  OP1   . DG  D 2 6  ? -16.415 0.828   -3.341  1.00 28.51 ? 48  DG  D OP1   1 
ATOM   739 O  OP2   . DG  D 2 6  ? -14.336 1.174   -1.886  1.00 27.00 ? 48  DG  D OP2   1 
ATOM   740 O  "O5'" . DG  D 2 6  ? -14.458 -0.603  -3.660  1.00 26.11 ? 48  DG  D "O5'" 1 
ATOM   741 C  "C5'" . DG  D 2 6  ? -14.749 -0.987  -4.970  1.00 25.48 ? 48  DG  D "C5'" 1 
ATOM   742 C  "C4'" . DG  D 2 6  ? -13.599 -1.728  -5.614  1.00 25.08 ? 48  DG  D "C4'" 1 
ATOM   743 O  "O4'" . DG  D 2 6  ? -12.651 -0.833  -6.260  1.00 23.88 ? 48  DG  D "O4'" 1 
ATOM   744 C  "C3'" . DG  D 2 6  ? -12.739 -2.576  -4.672  1.00 25.36 ? 48  DG  D "C3'" 1 
ATOM   745 O  "O3'" . DG  D 2 6  ? -12.305 -3.646  -5.494  1.00 27.87 ? 48  DG  D "O3'" 1 
ATOM   746 C  "C2'" . DG  D 2 6  ? -11.595 -1.641  -4.311  1.00 23.70 ? 48  DG  D "C2'" 1 
ATOM   747 C  "C1'" . DG  D 2 6  ? -11.380 -0.954  -5.638  1.00 22.81 ? 48  DG  D "C1'" 1 
ATOM   748 N  N9    . DG  D 2 6  ? -10.711 0.336   -5.689  1.00 22.28 ? 48  DG  D N9    1 
ATOM   749 C  C8    . DG  D 2 6  ? -10.725 1.328   -4.738  1.00 21.27 ? 48  DG  D C8    1 
ATOM   750 N  N7    . DG  D 2 6  ? -9.990  2.362   -5.063  1.00 18.87 ? 48  DG  D N7    1 
ATOM   751 C  C5    . DG  D 2 6  ? -9.471  2.043   -6.312  1.00 19.37 ? 48  DG  D C5    1 
ATOM   752 C  C6    . DG  D 2 6  ? -8.596  2.790   -7.165  1.00 18.25 ? 48  DG  D C6    1 
ATOM   753 O  O6    . DG  D 2 6  ? -8.088  3.896   -6.956  1.00 18.55 ? 48  DG  D O6    1 
ATOM   754 N  N1    . DG  D 2 6  ? -8.322  2.102   -8.353  1.00 19.72 ? 48  DG  D N1    1 
ATOM   755 C  C2    . DG  D 2 6  ? -8.815  0.851   -8.677  1.00 20.01 ? 48  DG  D C2    1 
ATOM   756 N  N2    . DG  D 2 6  ? -8.414  0.350   -9.857  1.00 20.22 ? 48  DG  D N2    1 
ATOM   757 N  N3    . DG  D 2 6  ? -9.635  0.143   -7.887  1.00 20.96 ? 48  DG  D N3    1 
ATOM   758 C  C4    . DG  D 2 6  ? -9.914  0.799   -6.724  1.00 21.24 ? 48  DG  D C4    1 
ATOM   759 P  P     . DG  D 2 7  ? -11.538 -4.908  -4.885  1.00 29.32 ? 49  DG  D P     1 
ATOM   760 O  OP1   . DG  D 2 7  ? -12.149 -6.070  -5.612  1.00 31.13 ? 49  DG  D OP1   1 
ATOM   761 O  OP2   . DG  D 2 7  ? -11.456 -4.901  -3.406  1.00 30.59 ? 49  DG  D OP2   1 
ATOM   762 O  "O5'" . DG  D 2 7  ? -10.065 -4.710  -5.445  1.00 29.11 ? 49  DG  D "O5'" 1 
ATOM   763 C  "C5'" . DG  D 2 7  ? -9.866  -4.486  -6.836  1.00 25.99 ? 49  DG  D "C5'" 1 
ATOM   764 C  "C4'" . DG  D 2 7  ? -8.395  -4.435  -7.194  1.00 23.92 ? 49  DG  D "C4'" 1 
ATOM   765 O  "O4'" . DG  D 2 7  ? -7.951  -3.057  -7.126  1.00 23.23 ? 49  DG  D "O4'" 1 
ATOM   766 C  "C3'" . DG  D 2 7  ? -7.462  -5.204  -6.229  1.00 22.69 ? 49  DG  D "C3'" 1 
ATOM   767 O  "O3'" . DG  D 2 7  ? -6.302  -5.650  -6.948  1.00 22.21 ? 49  DG  D "O3'" 1 
ATOM   768 C  "C2'" . DG  D 2 7  ? -7.064  -4.148  -5.209  1.00 21.82 ? 49  DG  D "C2'" 1 
ATOM   769 C  "C1'" . DG  D 2 7  ? -6.944  -2.948  -6.129  1.00 22.32 ? 49  DG  D "C1'" 1 
ATOM   770 N  N9    . DG  D 2 7  ? -6.915  -1.584  -5.619  1.00 21.60 ? 49  DG  D N9    1 
ATOM   771 C  C8    . DG  D 2 7  ? -7.497  -1.095  -4.482  1.00 20.79 ? 49  DG  D C8    1 
ATOM   772 N  N7    . DG  D 2 7  ? -7.227  0.167   -4.276  1.00 20.96 ? 49  DG  D N7    1 
ATOM   773 C  C5    . DG  D 2 7  ? -6.428  0.541   -5.347  1.00 19.41 ? 49  DG  D C5    1 
ATOM   774 C  C6    . DG  D 2 7  ? -5.819  1.781   -5.652  1.00 17.97 ? 49  DG  D C6    1 
ATOM   775 O  O6    . DG  D 2 7  ? -5.856  2.836   -5.025  1.00 18.50 ? 49  DG  D O6    1 
ATOM   776 N  N1    . DG  D 2 7  ? -5.104  1.714   -6.829  1.00 17.51 ? 49  DG  D N1    1 
ATOM   777 C  C2    . DG  D 2 7  ? -4.970  0.590   -7.619  1.00 19.51 ? 49  DG  D C2    1 
ATOM   778 N  N2    . DG  D 2 7  ? -4.236  0.732   -8.737  1.00 20.13 ? 49  DG  D N2    1 
ATOM   779 N  N3    . DG  D 2 7  ? -5.514  -0.571  -7.342  1.00 20.38 ? 49  DG  D N3    1 
ATOM   780 C  C4    . DG  D 2 7  ? -6.235  -0.524  -6.199  1.00 20.79 ? 49  DG  D C4    1 
ATOM   781 P  P     . DA  D 2 8  ? -5.384  -6.829  -6.361  1.00 22.12 ? 50  DA  D P     1 
ATOM   782 O  OP1   . DA  D 2 8  ? -4.714  -7.462  -7.533  1.00 22.90 ? 50  DA  D OP1   1 
ATOM   783 O  OP2   . DA  D 2 8  ? -6.235  -7.648  -5.487  1.00 23.90 ? 50  DA  D OP2   1 
ATOM   784 O  "O5'" . DA  D 2 8  ? -4.349  -6.102  -5.385  1.00 21.85 ? 50  DA  D "O5'" 1 
ATOM   785 C  "C5'" . DA  D 2 8  ? -3.012  -5.720  -5.777  1.00 21.05 ? 50  DA  D "C5'" 1 
ATOM   786 C  "C4'" . DA  D 2 8  ? -3.050  -4.703  -6.897  1.00 21.24 ? 50  DA  D "C4'" 1 
ATOM   787 O  "O4'" . DA  D 2 8  ? -3.685  -3.475  -6.437  1.00 20.96 ? 50  DA  D "O4'" 1 
ATOM   788 C  "C3'" . DA  D 2 8  ? -1.638  -4.287  -7.330  1.00 21.59 ? 50  DA  D "C3'" 1 
ATOM   789 O  "O3'" . DA  D 2 8  ? -1.585  -3.977  -8.744  1.00 23.55 ? 50  DA  D "O3'" 1 
ATOM   790 C  "C2'" . DA  D 2 8  ? -1.358  -3.074  -6.464  1.00 21.47 ? 50  DA  D "C2'" 1 
ATOM   791 C  "C1'" . DA  D 2 8  ? -2.740  -2.417  -6.416  1.00 20.94 ? 50  DA  D "C1'" 1 
ATOM   792 N  N9    . DA  D 2 8  ? -3.045  -1.515  -5.290  1.00 20.45 ? 50  DA  D N9    1 
ATOM   793 C  C8    . DA  D 2 8  ? -3.790  -1.767  -4.156  1.00 19.59 ? 50  DA  D C8    1 
ATOM   794 N  N7    . DA  D 2 8  ? -3.898  -0.726  -3.356  1.00 20.70 ? 50  DA  D N7    1 
ATOM   795 C  C5    . DA  D 2 8  ? -3.163  0.281   -4.001  1.00 18.50 ? 50  DA  D C5    1 
ATOM   796 C  C6    . DA  D 2 8  ? -2.897  1.645   -3.681  1.00 17.55 ? 50  DA  D C6    1 
ATOM   797 N  N6    . DA  D 2 8  ? -3.368  2.264   -2.605  1.00 16.66 ? 50  DA  D N6    1 
ATOM   798 N  N1    . DA  D 2 8  ? -2.130  2.357   -4.531  1.00 15.75 ? 50  DA  D N1    1 
ATOM   799 C  C2    . DA  D 2 8  ? -1.679  1.761   -5.625  1.00 18.22 ? 50  DA  D C2    1 
ATOM   800 N  N3    . DA  D 2 8  ? -1.867  0.502   -6.049  1.00 19.09 ? 50  DA  D N3    1 
ATOM   801 C  C4    . DA  D 2 8  ? -2.628  -0.194  -5.183  1.00 19.67 ? 50  DA  D C4    1 
ATOM   802 P  P     . DG  D 2 9  ? -0.344  -4.498  -9.650  1.00 23.66 ? 51  DG  D P     1 
ATOM   803 O  OP1   . DG  D 2 9  ? -0.724  -4.458  -11.078 1.00 24.31 ? 51  DG  D OP1   1 
ATOM   804 O  OP2   . DG  D 2 9  ? 0.171   -5.758  -9.060  1.00 24.33 ? 51  DG  D OP2   1 
ATOM   805 O  "O5'" . DG  D 2 9  ? 0.758   -3.402  -9.444  1.00 25.00 ? 51  DG  D "O5'" 1 
ATOM   806 C  "C5'" . DG  D 2 9  ? 1.647   -3.491  -8.360  1.00 26.89 ? 51  DG  D "C5'" 1 
ATOM   807 C  "C4'" . DG  D 2 9  ? 2.508   -2.253  -8.309  1.00 27.34 ? 51  DG  D "C4'" 1 
ATOM   808 O  "O4'" . DG  D 2 9  ? 1.848   -1.272  -7.456  1.00 25.87 ? 51  DG  D "O4'" 1 
ATOM   809 C  "C3'" . DG  D 2 9  ? 3.824   -2.602  -7.604  1.00 27.09 ? 51  DG  D "C3'" 1 
ATOM   810 O  "O3'" . DG  D 2 9  ? 4.886   -1.793  -8.076  1.00 29.13 ? 51  DG  D "O3'" 1 
ATOM   811 C  "C2'" . DG  D 2 9  ? 3.515   -2.324  -6.145  1.00 26.38 ? 51  DG  D "C2'" 1 
ATOM   812 C  "C1'" . DG  D 2 9  ? 2.604   -1.116  -6.263  1.00 25.33 ? 51  DG  D "C1'" 1 
ATOM   813 N  N9    . DG  D 2 9  ? 1.718   -0.875  -5.124  1.00 23.53 ? 51  DG  D N9    1 
ATOM   814 C  C8    . DG  D 2 9  ? 0.972   -1.781  -4.402  1.00 22.67 ? 51  DG  D C8    1 
ATOM   815 N  N7    . DG  D 2 9  ? 0.358   -1.238  -3.379  1.00 22.04 ? 51  DG  D N7    1 
ATOM   816 C  C5    . DG  D 2 9  ? 0.698   0.110   -3.451  1.00 21.54 ? 51  DG  D C5    1 
ATOM   817 C  C6    . DG  D 2 9  ? 0.327   1.222   -2.616  1.00 21.14 ? 51  DG  D C6    1 
ATOM   818 O  O6    . DG  D 2 9  ? -0.426  1.236   -1.619  1.00 20.37 ? 51  DG  D O6    1 
ATOM   819 N  N1    . DG  D 2 9  ? 0.931   2.406   -3.050  1.00 19.83 ? 51  DG  D N1    1 
ATOM   820 C  C2    . DG  D 2 9  ? 1.767   2.515   -4.145  1.00 20.57 ? 51  DG  D C2    1 
ATOM   821 N  N2    . DG  D 2 9  ? 2.256   3.730   -4.419  1.00 21.40 ? 51  DG  D N2    1 
ATOM   822 N  N3    . DG  D 2 9  ? 2.100   1.511   -4.921  1.00 21.36 ? 51  DG  D N3    1 
ATOM   823 C  C4    . DG  D 2 9  ? 1.534   0.345   -4.523  1.00 22.58 ? 51  DG  D C4    1 
HETATM 824 O  O     . HOH E 3 .  ? -2.854  0.074   2.487   1.00 6.61  ? 100 HOH A O     1 
HETATM 825 O  O     . HOH E 3 .  ? 13.926  -1.408  25.577  1.00 19.30 ? 102 HOH A O     1 
HETATM 826 O  O     . HOH E 3 .  ? -0.882  -3.059  3.579   1.00 23.10 ? 104 HOH A O     1 
HETATM 827 O  O     . HOH E 3 .  ? 11.907  -9.071  26.159  1.00 23.42 ? 106 HOH A O     1 
HETATM 828 O  O     . HOH E 3 .  ? 14.939  -2.605  28.241  1.00 26.60 ? 107 HOH A O     1 
HETATM 829 O  O     . HOH E 3 .  ? -0.413  -9.162  0.802   1.00 29.16 ? 110 HOH A O     1 
HETATM 830 O  O     . HOH E 3 .  ? -3.998  3.511   0.499   1.00 26.95 ? 112 HOH A O     1 
HETATM 831 O  O     . HOH E 3 .  ? -6.373  -2.111  5.172   1.00 25.62 ? 118 HOH A O     1 
HETATM 832 O  O     . HOH E 3 .  ? 19.343  0.920   20.992  1.00 22.97 ? 121 HOH A O     1 
HETATM 833 O  O     . HOH E 3 .  ? 19.434  2.626   19.212  1.00 34.18 ? 122 HOH A O     1 
HETATM 834 O  O     . HOH E 3 .  ? 10.428  -7.441  0.384   1.00 41.11 ? 125 HOH A O     1 
HETATM 835 O  O     . HOH E 3 .  ? 0.905   -5.119  -5.236  1.00 25.25 ? 126 HOH A O     1 
HETATM 836 O  O     . HOH E 3 .  ? 13.299  -3.418  18.169  1.00 23.74 ? 127 HOH A O     1 
HETATM 837 O  O     . HOH E 3 .  ? 10.768  -6.152  26.702  1.00 29.34 ? 128 HOH A O     1 
HETATM 838 O  O     . HOH E 3 .  ? -7.918  4.842   2.877   1.00 34.67 ? 130 HOH A O     1 
HETATM 839 O  O     . HOH E 3 .  ? -8.206  1.210   5.363   1.00 30.16 ? 137 HOH A O     1 
HETATM 840 O  O     . HOH E 3 .  ? -6.410  -11.127 -1.673  1.00 41.15 ? 138 HOH A O     1 
HETATM 841 O  O     . HOH E 3 .  ? 19.653  -0.658  12.923  1.00 30.88 ? 139 HOH A O     1 
HETATM 842 O  O     . HOH E 3 .  ? -10.980 -2.651  -1.303  1.00 45.58 ? 140 HOH A O     1 
HETATM 843 O  O     . HOH E 3 .  ? -1.190  -7.741  2.443   1.00 53.66 ? 157 HOH A O     1 
HETATM 844 O  O     . HOH E 3 .  ? 6.027   -6.411  4.618   1.00 34.44 ? 160 HOH A O     1 
HETATM 845 O  O     . HOH E 3 .  ? -13.933 -2.687  4.928   1.00 40.79 ? 164 HOH A O     1 
HETATM 846 O  O     . HOH E 3 .  ? 13.048  4.935   4.424   1.00 44.98 ? 165 HOH A O     1 
HETATM 847 O  O     . HOH E 3 .  ? 19.027  0.664   10.769  1.00 33.59 ? 168 HOH A O     1 
HETATM 848 O  O     . HOH E 3 .  ? 17.269  2.687   25.080  1.00 48.06 ? 169 HOH A O     1 
HETATM 849 O  O     . HOH E 3 .  ? -4.740  -2.393  3.087   1.00 27.70 ? 180 HOH A O     1 
HETATM 850 O  O     . HOH E 3 .  ? -2.968  -4.357  4.083   1.00 31.67 ? 186 HOH A O     1 
HETATM 851 O  O     . HOH E 3 .  ? 19.113  -10.986 23.358  1.00 44.82 ? 187 HOH A O     1 
HETATM 852 O  O     . HOH E 3 .  ? 8.533   1.653   1.078   1.00 41.74 ? 193 HOH A O     1 
HETATM 853 O  O     . HOH E 3 .  ? -7.375  -4.798  6.440   1.00 40.56 ? 196 HOH A O     1 
HETATM 854 O  O     . HOH E 3 .  ? 2.913   -10.352 1.224   1.00 43.61 ? 212 HOH A O     1 
HETATM 855 O  O     . HOH E 3 .  ? 11.416  -14.014 -3.673  1.00 44.85 ? 304 HOH A O     1 
HETATM 856 O  O     . HOH E 3 .  ? 13.348  -2.786  26.992  1.00 21.30 ? 306 HOH A O     1 
HETATM 857 O  O     . HOH E 3 .  ? 12.395  -4.330  28.174  1.00 29.63 ? 307 HOH A O     1 
HETATM 858 O  O     . HOH E 3 .  ? 10.578  -5.277  24.437  1.00 28.84 ? 309 HOH A O     1 
HETATM 859 O  O     . HOH E 3 .  ? -0.127  -10.374 4.477   1.00 53.07 ? 311 HOH A O     1 
HETATM 860 O  O     . HOH E 3 .  ? 2.126   -10.255 3.541   1.00 44.06 ? 312 HOH A O     1 
HETATM 861 O  O     . HOH E 3 .  ? 5.710   -9.246  4.918   1.00 47.36 ? 313 HOH A O     1 
HETATM 862 O  O     . HOH E 3 .  ? 12.295  -7.929  2.434   1.00 52.75 ? 319 HOH A O     1 
HETATM 863 O  O     . HOH E 3 .  ? 13.207  -9.963  -0.377  1.00 39.58 ? 320 HOH A O     1 
HETATM 864 O  O     . HOH E 3 .  ? 10.939  -11.287 2.939   1.00 42.24 ? 321 HOH A O     1 
HETATM 865 O  O     . HOH E 3 .  ? -15.289 -4.978  6.851   1.00 42.64 ? 332 HOH A O     1 
HETATM 866 O  O     . HOH E 3 .  ? -15.254 -3.117  8.759   1.00 43.09 ? 333 HOH A O     1 
HETATM 867 O  O     . HOH E 3 .  ? 21.585  6.426   18.485  1.00 51.52 ? 335 HOH A O     1 
HETATM 868 O  O     . HOH E 3 .  ? 22.199  -0.371  12.490  1.00 46.72 ? 336 HOH A O     1 
HETATM 869 O  O     . HOH E 3 .  ? 7.629   -0.794  -2.106  1.00 47.40 ? 340 HOH A O     1 
HETATM 870 O  O     . HOH F 3 .  ? 19.970  -11.359 15.419  1.00 22.59 ? 108 HOH B O     1 
HETATM 871 O  O     . HOH F 3 .  ? 18.236  -7.315  9.249   1.00 32.34 ? 132 HOH B O     1 
HETATM 872 O  O     . HOH F 3 .  ? 17.508  -10.522 9.060   1.00 37.04 ? 135 HOH B O     1 
HETATM 873 O  O     . HOH F 3 .  ? 2.877   9.156   11.674  1.00 30.88 ? 145 HOH B O     1 
HETATM 874 O  O     . HOH F 3 .  ? 20.216  -7.218  11.171  1.00 49.25 ? 146 HOH B O     1 
HETATM 875 O  O     . HOH F 3 .  ? 13.578  -6.943  8.600   1.00 35.01 ? 155 HOH B O     1 
HETATM 876 O  O     . HOH F 3 .  ? 5.001   -5.081  7.661   1.00 26.37 ? 162 HOH B O     1 
HETATM 877 O  O     . HOH F 3 .  ? 20.978  -14.106 15.939  1.00 38.14 ? 170 HOH B O     1 
HETATM 878 O  O     . HOH F 3 .  ? 2.657   -4.428  9.533   1.00 47.52 ? 171 HOH B O     1 
HETATM 879 O  O     . HOH F 3 .  ? 0.466   2.902   11.750  1.00 36.62 ? 176 HOH B O     1 
HETATM 880 O  O     . HOH F 3 .  ? 23.546  -15.521 11.910  1.00 38.99 ? 181 HOH B O     1 
HETATM 881 O  O     . HOH F 3 .  ? 14.808  -13.413 5.811   1.00 44.95 ? 188 HOH B O     1 
HETATM 882 O  O     . HOH F 3 .  ? 4.202   -13.487 12.629  1.00 49.72 ? 189 HOH B O     1 
HETATM 883 O  O     . HOH F 3 .  ? 20.571  -2.681  12.165  1.00 47.81 ? 190 HOH B O     1 
HETATM 884 O  O     . HOH F 3 .  ? 8.104   3.014   13.205  1.00 48.94 ? 200 HOH B O     1 
HETATM 885 O  O     . HOH F 3 .  ? 18.510  -17.490 14.064  1.00 40.70 ? 202 HOH B O     1 
HETATM 886 O  O     . HOH F 3 .  ? 22.233  -9.584  14.061  1.00 37.52 ? 203 HOH B O     1 
HETATM 887 O  O     . HOH F 3 .  ? 22.116  -8.990  9.711   1.00 41.30 ? 324 HOH B O     1 
HETATM 888 O  O     . HOH F 3 .  ? 22.236  -6.965  14.918  1.00 50.20 ? 326 HOH B O     1 
HETATM 889 O  O     . HOH F 3 .  ? 20.463  -4.931  12.194  1.00 42.10 ? 328 HOH B O     1 
HETATM 890 O  O     . HOH F 3 .  ? 21.138  -6.706  9.010   1.00 40.64 ? 329 HOH B O     1 
HETATM 891 O  O     . HOH F 3 .  ? 8.665   2.496   10.874  1.00 48.18 ? 346 HOH B O     1 
HETATM 892 O  O     . HOH G 3 .  ? -6.307  8.054   -5.084  1.00 15.85 ? 101 HOH C O     1 
HETATM 893 O  O     . HOH G 3 .  ? -3.853  2.149   4.343   1.00 29.07 ? 105 HOH C O     1 
HETATM 894 O  O     . HOH G 3 .  ? -5.208  5.446   -1.033  1.00 18.79 ? 109 HOH C O     1 
HETATM 895 O  O     . HOH G 3 .  ? -2.718  -3.135  -14.277 1.00 24.13 ? 113 HOH C O     1 
HETATM 896 O  O     . HOH G 3 .  ? -6.300  -0.984  -12.366 1.00 50.45 ? 115 HOH C O     1 
HETATM 897 O  O     . HOH G 3 .  ? -26.150 6.339   -11.538 1.00 20.56 ? 119 HOH C O     1 
HETATM 898 O  O     . HOH G 3 .  ? -6.138  8.172   -9.052  1.00 26.78 ? 120 HOH C O     1 
HETATM 899 O  O     . HOH G 3 .  ? -5.836  1.635   5.960   1.00 24.34 ? 123 HOH C O     1 
HETATM 900 O  O     . HOH G 3 .  ? -7.010  -4.294  -15.856 1.00 36.10 ? 129 HOH C O     1 
HETATM 901 O  O     . HOH G 3 .  ? -27.034 0.876   -14.960 1.00 41.50 ? 131 HOH C O     1 
HETATM 902 O  O     . HOH G 3 .  ? -9.317  4.893   -17.811 1.00 36.27 ? 142 HOH C O     1 
HETATM 903 O  O     . HOH G 3 .  ? -0.186  -4.732  11.395  1.00 36.44 ? 144 HOH C O     1 
HETATM 904 O  O     . HOH G 3 .  ? -20.776 -0.635  -20.054 1.00 29.33 ? 147 HOH C O     1 
HETATM 905 O  O     . HOH G 3 .  ? -18.587 -2.165  -20.397 1.00 31.56 ? 148 HOH C O     1 
HETATM 906 O  O     . HOH G 3 .  ? -1.922  9.033   -9.840  1.00 43.17 ? 149 HOH C O     1 
HETATM 907 O  O     . HOH G 3 .  ? -8.800  -2.225  -12.389 1.00 38.97 ? 153 HOH C O     1 
HETATM 908 O  O     . HOH G 3 .  ? -17.153 0.680   -12.213 1.00 38.53 ? 156 HOH C O     1 
HETATM 909 O  O     . HOH G 3 .  ? -26.384 2.495   -11.658 1.00 36.08 ? 159 HOH C O     1 
HETATM 910 O  O     . HOH G 3 .  ? -1.919  11.413  -2.993  1.00 33.34 ? 161 HOH C O     1 
HETATM 911 O  O     . HOH G 3 .  ? -4.207  6.380   -13.693 1.00 36.24 ? 172 HOH C O     1 
HETATM 912 O  O     . HOH G 3 .  ? -5.187  -3.952  -13.309 1.00 28.04 ? 174 HOH C O     1 
HETATM 913 O  O     . HOH G 3 .  ? -4.701  4.046   3.013   1.00 31.88 ? 175 HOH C O     1 
HETATM 914 O  O     . HOH G 3 .  ? 0.173   1.326   -10.233 1.00 49.71 ? 179 HOH C O     1 
HETATM 915 O  O     . HOH G 3 .  ? -6.198  7.586   0.040   1.00 38.96 ? 182 HOH C O     1 
HETATM 916 O  O     . HOH G 3 .  ? -29.473 5.473   -16.919 1.00 31.85 ? 184 HOH C O     1 
HETATM 917 O  O     . HOH G 3 .  ? 3.893   15.878  -3.385  1.00 49.88 ? 185 HOH C O     1 
HETATM 918 O  O     . HOH G 3 .  ? -6.264  -3.213  -19.528 1.00 35.22 ? 192 HOH C O     1 
HETATM 919 O  O     . HOH G 3 .  ? -11.861 5.300   -20.016 1.00 46.20 ? 197 HOH C O     1 
HETATM 920 O  O     . HOH G 3 .  ? 4.930   11.670  3.514   1.00 39.78 ? 198 HOH C O     1 
HETATM 921 O  O     . HOH G 3 .  ? -4.144  8.583   1.842   1.00 33.78 ? 204 HOH C O     1 
HETATM 922 O  O     . HOH G 3 .  ? -4.019  8.591   -11.906 1.00 40.14 ? 206 HOH C O     1 
HETATM 923 O  O     . HOH G 3 .  ? -3.427  6.413   3.438   1.00 33.71 ? 207 HOH C O     1 
HETATM 924 O  O     . HOH G 3 .  ? -6.437  9.278   -2.221  1.00 35.73 ? 210 HOH C O     1 
HETATM 925 O  O     . HOH G 3 .  ? -2.790  12.006  -0.889  1.00 42.77 ? 305 HOH C O     1 
HETATM 926 O  O     . HOH G 3 .  ? -28.255 6.089   -11.173 1.00 38.26 ? 310 HOH C O     1 
HETATM 927 O  O     . HOH G 3 .  ? -8.828  -1.997  9.442   1.00 33.04 ? 316 HOH C O     1 
HETATM 928 O  O     . HOH G 3 .  ? -4.146  -5.599  7.155   1.00 48.73 ? 317 HOH C O     1 
HETATM 929 O  O     . HOH G 3 .  ? -9.003  1.359   10.044  1.00 40.32 ? 318 HOH C O     1 
HETATM 930 O  O     . HOH G 3 .  ? -25.502 -0.509  -8.653  1.00 45.64 ? 322 HOH C O     1 
HETATM 931 O  O     . HOH G 3 .  ? -11.603 -9.917  -17.687 1.00 44.29 ? 323 HOH C O     1 
HETATM 932 O  O     . HOH G 3 .  ? -14.944 -1.065  -12.084 1.00 39.40 ? 330 HOH C O     1 
HETATM 933 O  O     . HOH G 3 .  ? -15.314 -5.484  -13.668 1.00 44.40 ? 331 HOH C O     1 
HETATM 934 O  O     . HOH G 3 .  ? -13.250 2.428   -20.292 1.00 32.74 ? 334 HOH C O     1 
HETATM 935 O  O     . HOH G 3 .  ? 1.713   2.967   -9.871  1.00 49.32 ? 337 HOH C O     1 
HETATM 936 O  O     . HOH G 3 .  ? 4.799   4.293   -10.739 1.00 41.58 ? 338 HOH C O     1 
HETATM 937 O  O     . HOH G 3 .  ? -20.355 0.663   -10.992 1.00 55.69 ? 343 HOH C O     1 
HETATM 938 O  O     . HOH G 3 .  ? -21.444 -1.653  -8.197  1.00 50.28 ? 344 HOH C O     1 
HETATM 939 O  O     . HOH H 3 .  ? 0.594   -4.602  -15.641 1.00 17.08 ? 103 HOH D O     1 
HETATM 940 O  O     . HOH H 3 .  ? -9.516  7.646   -13.271 1.00 28.33 ? 111 HOH D O     1 
HETATM 941 O  O     . HOH H 3 .  ? -5.923  -2.289  -9.574  1.00 27.87 ? 114 HOH D O     1 
HETATM 942 O  O     . HOH H 3 .  ? -14.119 3.471   -0.460  1.00 29.16 ? 116 HOH D O     1 
HETATM 943 O  O     . HOH H 3 .  ? 1.344   -4.373  -13.304 1.00 28.68 ? 117 HOH D O     1 
HETATM 944 O  O     . HOH H 3 .  ? -3.166  -7.061  -9.556  1.00 27.82 ? 124 HOH D O     1 
HETATM 945 O  O     . HOH H 3 .  ? -16.292 3.563   -8.676  1.00 35.60 ? 133 HOH D O     1 
HETATM 946 O  O     . HOH H 3 .  ? -16.806 11.988  -19.811 1.00 29.50 ? 134 HOH D O     1 
HETATM 947 O  O     . HOH H 3 .  ? 0.488   -7.499  -6.968  1.00 26.22 ? 136 HOH D O     1 
HETATM 948 O  O     . HOH H 3 .  ? -0.881  0.304   -8.411  1.00 30.63 ? 143 HOH D O     1 
HETATM 949 O  O     . HOH H 3 .  ? -2.183  -6.130  -12.124 1.00 27.63 ? 150 HOH D O     1 
HETATM 950 O  O     . HOH H 3 .  ? -11.241 -1.914  -9.416  1.00 22.97 ? 151 HOH D O     1 
HETATM 951 O  O     . HOH H 3 .  ? -9.990  9.266   -10.971 1.00 38.74 ? 152 HOH D O     1 
HETATM 952 O  O     . HOH H 3 .  ? 4.076   -0.908  -11.494 1.00 32.03 ? 154 HOH D O     1 
HETATM 953 O  O     . HOH H 3 .  ? -13.445 -1.231  -0.290  1.00 28.91 ? 158 HOH D O     1 
HETATM 954 O  O     . HOH H 3 .  ? -13.730 1.161   -8.006  1.00 27.21 ? 163 HOH D O     1 
HETATM 955 O  O     . HOH H 3 .  ? -18.439 4.357   -2.017  1.00 36.62 ? 166 HOH D O     1 
HETATM 956 O  O     . HOH H 3 .  ? -8.926  9.679   -7.826  1.00 33.78 ? 167 HOH D O     1 
HETATM 957 O  O     . HOH H 3 .  ? -1.858  -9.246  -7.005  1.00 39.06 ? 173 HOH D O     1 
HETATM 958 O  O     . HOH H 3 .  ? -8.666  9.959   -13.121 1.00 41.95 ? 177 HOH D O     1 
HETATM 959 O  O     . HOH H 3 .  ? -11.663 10.013  -7.279  1.00 32.05 ? 178 HOH D O     1 
HETATM 960 O  O     . HOH H 3 .  ? -20.043 18.668  -16.178 1.00 35.02 ? 183 HOH D O     1 
HETATM 961 O  O     . HOH H 3 .  ? -1.655  -1.523  -11.696 1.00 58.42 ? 195 HOH D O     1 
HETATM 962 O  O     . HOH H 3 .  ? 3.919   -3.991  -12.149 1.00 38.98 ? 199 HOH D O     1 
HETATM 963 O  O     . HOH H 3 .  ? -17.189 17.458  -14.648 1.00 54.10 ? 201 HOH D O     1 
HETATM 964 O  O     . HOH H 3 .  ? -11.655 9.441   -4.206  1.00 31.70 ? 205 HOH D O     1 
HETATM 965 O  O     . HOH H 3 .  ? -12.536 7.460   -3.642  1.00 29.16 ? 208 HOH D O     1 
HETATM 966 O  O     . HOH H 3 .  ? 0.866   -0.788  -12.616 1.00 45.83 ? 209 HOH D O     1 
HETATM 967 O  O     . HOH H 3 .  ? -16.169 0.984   -9.131  1.00 39.99 ? 215 HOH D O     1 
HETATM 968 O  O     . HOH H 3 .  ? -6.953  11.706  -9.538  1.00 36.99 ? 300 HOH D O     1 
HETATM 969 O  O     . HOH H 3 .  ? -3.705  12.879  -11.063 1.00 42.69 ? 301 HOH D O     1 
HETATM 970 O  O     . HOH H 3 .  ? -6.831  14.870  -12.450 1.00 52.04 ? 302 HOH D O     1 
HETATM 971 O  O     . HOH H 3 .  ? -10.183 22.106  -16.297 1.00 43.51 ? 303 HOH D O     1 
HETATM 972 O  O     . HOH H 3 .  ? -7.588  -10.122 -9.539  1.00 47.94 ? 308 HOH D O     1 
HETATM 973 O  O     . HOH H 3 .  ? -8.298  -3.278  -10.034 1.00 46.47 ? 314 HOH D O     1 
HETATM 974 O  O     . HOH H 3 .  ? -8.783  -5.898  -10.503 1.00 42.81 ? 315 HOH D O     1 
HETATM 975 O  O     . HOH H 3 .  ? -15.885 -4.997  -4.587  1.00 53.38 ? 325 HOH D O     1 
HETATM 976 O  O     . HOH H 3 .  ? -14.512 9.572   -22.117 1.00 50.33 ? 327 HOH D O     1 
HETATM 977 O  O     . HOH H 3 .  ? 5.106   1.596   -5.467  1.00 35.79 ? 339 HOH D O     1 
HETATM 978 O  O     . HOH H 3 .  ? 3.601   3.690   -7.242  1.00 51.00 ? 341 HOH D O     1 
HETATM 979 O  O     . HOH H 3 .  ? 5.111   6.178   -6.644  1.00 48.62 ? 342 HOH D O     1 
HETATM 980 O  O     . HOH H 3 .  ? -9.608  14.031  -15.206 1.00 36.30 ? 345 HOH D O     1 
# 
